data_1QB2
# 
_entry.id   1QB2 
# 
_audit_conform.dict_name       mmcif_pdbx.dic 
_audit_conform.dict_version    5.386 
_audit_conform.dict_location   http://mmcif.pdb.org/dictionaries/ascii/mmcif_pdbx.dic 
# 
loop_
_database_2.database_id 
_database_2.database_code 
_database_2.pdbx_database_accession 
_database_2.pdbx_DOI 
PDB   1QB2         pdb_00001qb2 10.2210/pdb1qb2/pdb 
RCSB  RCSB009058   ?            ?                   
WWPDB D_1000009058 ?            ?                   
# 
loop_
_pdbx_audit_revision_history.ordinal 
_pdbx_audit_revision_history.data_content_type 
_pdbx_audit_revision_history.major_revision 
_pdbx_audit_revision_history.minor_revision 
_pdbx_audit_revision_history.revision_date 
1 'Structure model' 1 0 1999-10-20 
2 'Structure model' 1 1 2008-04-27 
3 'Structure model' 1 2 2011-07-13 
4 'Structure model' 1 3 2017-10-04 
5 'Structure model' 1 4 2024-02-14 
# 
_pdbx_audit_revision_details.ordinal             1 
_pdbx_audit_revision_details.revision_ordinal    1 
_pdbx_audit_revision_details.data_content_type   'Structure model' 
_pdbx_audit_revision_details.provider            repository 
_pdbx_audit_revision_details.type                'Initial release' 
_pdbx_audit_revision_details.description         ? 
_pdbx_audit_revision_details.details             ? 
# 
loop_
_pdbx_audit_revision_group.ordinal 
_pdbx_audit_revision_group.revision_ordinal 
_pdbx_audit_revision_group.data_content_type 
_pdbx_audit_revision_group.group 
1 2 'Structure model' 'Version format compliance' 
2 3 'Structure model' 'Version format compliance' 
3 4 'Structure model' 'Refinement description'    
4 5 'Structure model' 'Data collection'           
5 5 'Structure model' 'Database references'       
# 
loop_
_pdbx_audit_revision_category.ordinal 
_pdbx_audit_revision_category.revision_ordinal 
_pdbx_audit_revision_category.data_content_type 
_pdbx_audit_revision_category.category 
1 4 'Structure model' software       
2 5 'Structure model' chem_comp_atom 
3 5 'Structure model' chem_comp_bond 
4 5 'Structure model' database_2     
# 
loop_
_pdbx_audit_revision_item.ordinal 
_pdbx_audit_revision_item.revision_ordinal 
_pdbx_audit_revision_item.data_content_type 
_pdbx_audit_revision_item.item 
1 4 'Structure model' '_software.name'                      
2 5 'Structure model' '_database_2.pdbx_DOI'                
3 5 'Structure model' '_database_2.pdbx_database_accession' 
# 
_pdbx_database_status.status_code                     REL 
_pdbx_database_status.entry_id                        1QB2 
_pdbx_database_status.recvd_initial_deposition_date   1999-04-29 
_pdbx_database_status.deposit_site                    RCSB 
_pdbx_database_status.process_site                    RCSB 
_pdbx_database_status.status_code_sf                  REL 
_pdbx_database_status.SG_entry                        . 
_pdbx_database_status.pdb_format_compatible           Y 
_pdbx_database_status.status_code_mr                  ? 
_pdbx_database_status.status_code_cs                  ? 
_pdbx_database_status.methods_development_category    ? 
_pdbx_database_status.status_code_nmr_data            ? 
# 
loop_
_audit_author.name 
_audit_author.pdbx_ordinal 
'Clemons Jr., W.M.' 1 
'Gowda, K.'         2 
'Black, S.D.'       3 
'Zwieb, C.'         4 
'Ramakrishnan, V.'  5 
# 
_citation.id                        primary 
_citation.title                     
;Crystal structure of the conserved subdomain of human protein SRP54M at 2.1 A resolution: evidence for the mechanism of signal peptide binding.
;
_citation.journal_abbrev            J.Mol.Biol. 
_citation.journal_volume            292 
_citation.page_first                697 
_citation.page_last                 705 
_citation.year                      1999 
_citation.journal_id_ASTM           JMOBAK 
_citation.country                   UK 
_citation.journal_id_ISSN           0022-2836 
_citation.journal_id_CSD            0070 
_citation.book_publisher            ? 
_citation.pdbx_database_id_PubMed   10497032 
_citation.pdbx_database_id_DOI      10.1006/jmbi.1999.3090 
# 
loop_
_citation_author.citation_id 
_citation_author.name 
_citation_author.ordinal 
_citation_author.identifier_ORCID 
primary 'Clemons Jr., W.M.' 1 ? 
primary 'Gowda, K.'         2 ? 
primary 'Black, S.D.'       3 ? 
primary 'Zwieb, C.'         4 ? 
primary 'Ramakrishnan, V.'  5 ? 
# 
loop_
_entity.id 
_entity.type 
_entity.src_method 
_entity.pdbx_description 
_entity.formula_weight 
_entity.pdbx_number_of_molecules 
_entity.pdbx_ec 
_entity.pdbx_mutation 
_entity.pdbx_fragment 
_entity.details 
1 polymer man 'HUMAN SIGNAL RECOGNITION PARTICLE 54 KD PROTEIN' 12473.440 2  ? ? SRP54 ? 
2 water   nat water                                             18.015    84 ? ? ?     ? 
# 
_entity_keywords.entity_id   1 
_entity_keywords.text        'FRAGMENT, CONSERVED M DOMAIN' 
# 
_entity_name_com.entity_id   1 
_entity_name_com.name        SRP54 
# 
_entity_poly.entity_id                      1 
_entity_poly.type                           'polypeptide(L)' 
_entity_poly.nstd_linkage                   no 
_entity_poly.nstd_monomer                   no 
_entity_poly.pdbx_seq_one_letter_code       
;QFTLRDMYEQFQNIMKMGPFSQILGMIPGFGTDFMSKGNEQESMARLKKLMTIMDSMNDQELDSTDGAKVFSKQPGRIQR
VARGSGVSTRDVQELLTQYTKFAQMVKKM
;
_entity_poly.pdbx_seq_one_letter_code_can   
;QFTLRDMYEQFQNIMKMGPFSQILGMIPGFGTDFMSKGNEQESMARLKKLMTIMDSMNDQELDSTDGAKVFSKQPGRIQR
VARGSGVSTRDVQELLTQYTKFAQMVKKM
;
_entity_poly.pdbx_strand_id                 A,B 
_entity_poly.pdbx_target_identifier         ? 
# 
_pdbx_entity_nonpoly.entity_id   2 
_pdbx_entity_nonpoly.name        water 
_pdbx_entity_nonpoly.comp_id     HOH 
# 
loop_
_entity_poly_seq.entity_id 
_entity_poly_seq.num 
_entity_poly_seq.mon_id 
_entity_poly_seq.hetero 
1 1   GLN n 
1 2   PHE n 
1 3   THR n 
1 4   LEU n 
1 5   ARG n 
1 6   ASP n 
1 7   MET n 
1 8   TYR n 
1 9   GLU n 
1 10  GLN n 
1 11  PHE n 
1 12  GLN n 
1 13  ASN n 
1 14  ILE n 
1 15  MET n 
1 16  LYS n 
1 17  MET n 
1 18  GLY n 
1 19  PRO n 
1 20  PHE n 
1 21  SER n 
1 22  GLN n 
1 23  ILE n 
1 24  LEU n 
1 25  GLY n 
1 26  MET n 
1 27  ILE n 
1 28  PRO n 
1 29  GLY n 
1 30  PHE n 
1 31  GLY n 
1 32  THR n 
1 33  ASP n 
1 34  PHE n 
1 35  MET n 
1 36  SER n 
1 37  LYS n 
1 38  GLY n 
1 39  ASN n 
1 40  GLU n 
1 41  GLN n 
1 42  GLU n 
1 43  SER n 
1 44  MET n 
1 45  ALA n 
1 46  ARG n 
1 47  LEU n 
1 48  LYS n 
1 49  LYS n 
1 50  LEU n 
1 51  MET n 
1 52  THR n 
1 53  ILE n 
1 54  MET n 
1 55  ASP n 
1 56  SER n 
1 57  MET n 
1 58  ASN n 
1 59  ASP n 
1 60  GLN n 
1 61  GLU n 
1 62  LEU n 
1 63  ASP n 
1 64  SER n 
1 65  THR n 
1 66  ASP n 
1 67  GLY n 
1 68  ALA n 
1 69  LYS n 
1 70  VAL n 
1 71  PHE n 
1 72  SER n 
1 73  LYS n 
1 74  GLN n 
1 75  PRO n 
1 76  GLY n 
1 77  ARG n 
1 78  ILE n 
1 79  GLN n 
1 80  ARG n 
1 81  VAL n 
1 82  ALA n 
1 83  ARG n 
1 84  GLY n 
1 85  SER n 
1 86  GLY n 
1 87  VAL n 
1 88  SER n 
1 89  THR n 
1 90  ARG n 
1 91  ASP n 
1 92  VAL n 
1 93  GLN n 
1 94  GLU n 
1 95  LEU n 
1 96  LEU n 
1 97  THR n 
1 98  GLN n 
1 99  TYR n 
1 100 THR n 
1 101 LYS n 
1 102 PHE n 
1 103 ALA n 
1 104 GLN n 
1 105 MET n 
1 106 VAL n 
1 107 LYS n 
1 108 LYS n 
1 109 MET n 
# 
_entity_src_gen.entity_id                          1 
_entity_src_gen.pdbx_src_id                        1 
_entity_src_gen.pdbx_alt_source_flag               sample 
_entity_src_gen.pdbx_seq_type                      ? 
_entity_src_gen.pdbx_beg_seq_num                   ? 
_entity_src_gen.pdbx_end_seq_num                   ? 
_entity_src_gen.gene_src_common_name               human 
_entity_src_gen.gene_src_genus                     Homo 
_entity_src_gen.pdbx_gene_src_gene                 ? 
_entity_src_gen.gene_src_species                   ? 
_entity_src_gen.gene_src_strain                    ? 
_entity_src_gen.gene_src_tissue                    PLACENTA 
_entity_src_gen.gene_src_tissue_fraction           ? 
_entity_src_gen.gene_src_details                   ? 
_entity_src_gen.pdbx_gene_src_fragment             ? 
_entity_src_gen.pdbx_gene_src_scientific_name      'Homo sapiens' 
_entity_src_gen.pdbx_gene_src_ncbi_taxonomy_id     9606 
_entity_src_gen.pdbx_gene_src_variant              ? 
_entity_src_gen.pdbx_gene_src_cell_line            ? 
_entity_src_gen.pdbx_gene_src_atcc                 ? 
_entity_src_gen.pdbx_gene_src_organ                PLACENTA 
_entity_src_gen.pdbx_gene_src_organelle            ? 
_entity_src_gen.pdbx_gene_src_cell                 ? 
_entity_src_gen.pdbx_gene_src_cellular_location    CYTOPLASM 
_entity_src_gen.host_org_common_name               ? 
_entity_src_gen.pdbx_host_org_scientific_name      'Escherichia coli' 
_entity_src_gen.pdbx_host_org_ncbi_taxonomy_id     562 
_entity_src_gen.host_org_genus                     Escherichia 
_entity_src_gen.pdbx_host_org_gene                 ? 
_entity_src_gen.pdbx_host_org_organ                ? 
_entity_src_gen.host_org_species                   ? 
_entity_src_gen.pdbx_host_org_tissue               ? 
_entity_src_gen.pdbx_host_org_tissue_fraction      ? 
_entity_src_gen.pdbx_host_org_strain               'B834(DE3)' 
_entity_src_gen.pdbx_host_org_variant              ? 
_entity_src_gen.pdbx_host_org_cell_line            ? 
_entity_src_gen.pdbx_host_org_atcc                 ? 
_entity_src_gen.pdbx_host_org_culture_collection   ? 
_entity_src_gen.pdbx_host_org_cell                 ? 
_entity_src_gen.pdbx_host_org_organelle            ? 
_entity_src_gen.pdbx_host_org_cellular_location    ? 
_entity_src_gen.pdbx_host_org_vector_type          PLASMID 
_entity_src_gen.pdbx_host_org_vector               PET19 
_entity_src_gen.host_org_details                   ? 
_entity_src_gen.expression_system_id               ? 
_entity_src_gen.plasmid_name                       ? 
_entity_src_gen.plasmid_details                    ? 
_entity_src_gen.pdbx_description                   'T7 BASED EXPRESSION SYSTEM' 
# 
loop_
_chem_comp.id 
_chem_comp.type 
_chem_comp.mon_nstd_flag 
_chem_comp.name 
_chem_comp.pdbx_synonyms 
_chem_comp.formula 
_chem_comp.formula_weight 
ALA 'L-peptide linking' y ALANINE         ? 'C3 H7 N O2'     89.093  
ARG 'L-peptide linking' y ARGININE        ? 'C6 H15 N4 O2 1' 175.209 
ASN 'L-peptide linking' y ASPARAGINE      ? 'C4 H8 N2 O3'    132.118 
ASP 'L-peptide linking' y 'ASPARTIC ACID' ? 'C4 H7 N O4'     133.103 
GLN 'L-peptide linking' y GLUTAMINE       ? 'C5 H10 N2 O3'   146.144 
GLU 'L-peptide linking' y 'GLUTAMIC ACID' ? 'C5 H9 N O4'     147.129 
GLY 'peptide linking'   y GLYCINE         ? 'C2 H5 N O2'     75.067  
HOH non-polymer         . WATER           ? 'H2 O'           18.015  
ILE 'L-peptide linking' y ISOLEUCINE      ? 'C6 H13 N O2'    131.173 
LEU 'L-peptide linking' y LEUCINE         ? 'C6 H13 N O2'    131.173 
LYS 'L-peptide linking' y LYSINE          ? 'C6 H15 N2 O2 1' 147.195 
MET 'L-peptide linking' y METHIONINE      ? 'C5 H11 N O2 S'  149.211 
PHE 'L-peptide linking' y PHENYLALANINE   ? 'C9 H11 N O2'    165.189 
PRO 'L-peptide linking' y PROLINE         ? 'C5 H9 N O2'     115.130 
SER 'L-peptide linking' y SERINE          ? 'C3 H7 N O3'     105.093 
THR 'L-peptide linking' y THREONINE       ? 'C4 H9 N O3'     119.119 
TYR 'L-peptide linking' y TYROSINE        ? 'C9 H11 N O3'    181.189 
VAL 'L-peptide linking' y VALINE          ? 'C5 H11 N O2'    117.146 
# 
loop_
_pdbx_poly_seq_scheme.asym_id 
_pdbx_poly_seq_scheme.entity_id 
_pdbx_poly_seq_scheme.seq_id 
_pdbx_poly_seq_scheme.mon_id 
_pdbx_poly_seq_scheme.ndb_seq_num 
_pdbx_poly_seq_scheme.pdb_seq_num 
_pdbx_poly_seq_scheme.auth_seq_num 
_pdbx_poly_seq_scheme.pdb_mon_id 
_pdbx_poly_seq_scheme.auth_mon_id 
_pdbx_poly_seq_scheme.pdb_strand_id 
_pdbx_poly_seq_scheme.pdb_ins_code 
_pdbx_poly_seq_scheme.hetero 
A 1 1   GLN 1   326 326 GLN GLN A . n 
A 1 2   PHE 2   327 327 PHE PHE A . n 
A 1 3   THR 3   328 328 THR THR A . n 
A 1 4   LEU 4   329 329 LEU LEU A . n 
A 1 5   ARG 5   330 330 ARG ARG A . n 
A 1 6   ASP 6   331 331 ASP ASP A . n 
A 1 7   MET 7   332 332 MET MET A . n 
A 1 8   TYR 8   333 333 TYR TYR A . n 
A 1 9   GLU 9   334 334 GLU GLU A . n 
A 1 10  GLN 10  335 335 GLN GLN A . n 
A 1 11  PHE 11  336 336 PHE PHE A . n 
A 1 12  GLN 12  337 337 GLN GLN A . n 
A 1 13  ASN 13  338 338 ASN ASN A . n 
A 1 14  ILE 14  339 339 ILE ILE A . n 
A 1 15  MET 15  340 340 MET MET A . n 
A 1 16  LYS 16  341 341 LYS LYS A . n 
A 1 17  MET 17  342 342 MET MET A . n 
A 1 18  GLY 18  343 343 GLY GLY A . n 
A 1 19  PRO 19  344 344 PRO PRO A . n 
A 1 20  PHE 20  345 345 PHE PHE A . n 
A 1 21  SER 21  346 346 SER SER A . n 
A 1 22  GLN 22  347 347 GLN GLN A . n 
A 1 23  ILE 23  348 348 ILE ILE A . n 
A 1 24  LEU 24  349 349 LEU LEU A . n 
A 1 25  GLY 25  350 350 GLY GLY A . n 
A 1 26  MET 26  351 351 MET MET A . n 
A 1 27  ILE 27  352 352 ILE ILE A . n 
A 1 28  PRO 28  353 353 PRO PRO A . n 
A 1 29  GLY 29  354 354 GLY GLY A . n 
A 1 30  PHE 30  355 355 PHE PHE A . n 
A 1 31  GLY 31  356 356 GLY GLY A . n 
A 1 32  THR 32  357 357 THR THR A . n 
A 1 33  ASP 33  358 358 ASP ASP A . n 
A 1 34  PHE 34  359 359 PHE PHE A . n 
A 1 35  MET 35  360 360 MET MET A . n 
A 1 36  SER 36  361 361 SER SER A . n 
A 1 37  LYS 37  362 362 LYS LYS A . n 
A 1 38  GLY 38  363 363 GLY GLY A . n 
A 1 39  ASN 39  364 364 ASN ASN A . n 
A 1 40  GLU 40  365 365 GLU GLU A . n 
A 1 41  GLN 41  366 366 GLN GLN A . n 
A 1 42  GLU 42  367 367 GLU GLU A . n 
A 1 43  SER 43  368 368 SER SER A . n 
A 1 44  MET 44  369 369 MET MET A . n 
A 1 45  ALA 45  370 370 ALA ALA A . n 
A 1 46  ARG 46  371 371 ARG ARG A . n 
A 1 47  LEU 47  372 372 LEU LEU A . n 
A 1 48  LYS 48  373 373 LYS LYS A . n 
A 1 49  LYS 49  374 374 LYS LYS A . n 
A 1 50  LEU 50  375 375 LEU LEU A . n 
A 1 51  MET 51  376 376 MET MET A . n 
A 1 52  THR 52  377 377 THR THR A . n 
A 1 53  ILE 53  378 378 ILE ILE A . n 
A 1 54  MET 54  379 379 MET MET A . n 
A 1 55  ASP 55  380 380 ASP ASP A . n 
A 1 56  SER 56  381 381 SER SER A . n 
A 1 57  MET 57  382 382 MET MET A . n 
A 1 58  ASN 58  383 383 ASN ASN A . n 
A 1 59  ASP 59  384 384 ASP ASP A . n 
A 1 60  GLN 60  385 385 GLN GLN A . n 
A 1 61  GLU 61  386 386 GLU GLU A . n 
A 1 62  LEU 62  387 387 LEU LEU A . n 
A 1 63  ASP 63  388 388 ASP ASP A . n 
A 1 64  SER 64  389 389 SER SER A . n 
A 1 65  THR 65  390 390 THR THR A . n 
A 1 66  ASP 66  391 391 ASP ASP A . n 
A 1 67  GLY 67  392 392 GLY GLY A . n 
A 1 68  ALA 68  393 393 ALA ALA A . n 
A 1 69  LYS 69  394 394 LYS LYS A . n 
A 1 70  VAL 70  395 395 VAL VAL A . n 
A 1 71  PHE 71  396 396 PHE PHE A . n 
A 1 72  SER 72  397 397 SER SER A . n 
A 1 73  LYS 73  398 398 LYS LYS A . n 
A 1 74  GLN 74  399 399 GLN GLN A . n 
A 1 75  PRO 75  400 400 PRO PRO A . n 
A 1 76  GLY 76  401 401 GLY GLY A . n 
A 1 77  ARG 77  402 402 ARG ARG A . n 
A 1 78  ILE 78  403 403 ILE ILE A . n 
A 1 79  GLN 79  404 404 GLN GLN A . n 
A 1 80  ARG 80  405 405 ARG ARG A . n 
A 1 81  VAL 81  406 406 VAL VAL A . n 
A 1 82  ALA 82  407 407 ALA ALA A . n 
A 1 83  ARG 83  408 408 ARG ARG A . n 
A 1 84  GLY 84  409 409 GLY GLY A . n 
A 1 85  SER 85  410 410 SER SER A . n 
A 1 86  GLY 86  411 411 GLY GLY A . n 
A 1 87  VAL 87  412 412 VAL VAL A . n 
A 1 88  SER 88  413 413 SER SER A . n 
A 1 89  THR 89  414 414 THR THR A . n 
A 1 90  ARG 90  415 415 ARG ARG A . n 
A 1 91  ASP 91  416 416 ASP ASP A . n 
A 1 92  VAL 92  417 417 VAL VAL A . n 
A 1 93  GLN 93  418 418 GLN GLN A . n 
A 1 94  GLU 94  419 419 GLU GLU A . n 
A 1 95  LEU 95  420 420 LEU LEU A . n 
A 1 96  LEU 96  421 421 LEU LEU A . n 
A 1 97  THR 97  422 422 THR THR A . n 
A 1 98  GLN 98  423 423 GLN GLN A . n 
A 1 99  TYR 99  424 424 TYR TYR A . n 
A 1 100 THR 100 425 425 THR THR A . n 
A 1 101 LYS 101 426 426 LYS LYS A . n 
A 1 102 PHE 102 427 427 PHE PHE A . n 
A 1 103 ALA 103 428 428 ALA ALA A . n 
A 1 104 GLN 104 429 429 GLN GLN A . n 
A 1 105 MET 105 430 430 MET MET A . n 
A 1 106 VAL 106 431 431 VAL VAL A . n 
A 1 107 LYS 107 432 431 LYS VAL A . n 
A 1 108 LYS 108 433 ?   ?   ?   A . n 
A 1 109 MET 109 434 ?   ?   ?   A . n 
B 1 1   GLN 1   326 326 GLN GLN B . n 
B 1 2   PHE 2   327 327 PHE PHE B . n 
B 1 3   THR 3   328 328 THR THR B . n 
B 1 4   LEU 4   329 329 LEU LEU B . n 
B 1 5   ARG 5   330 330 ARG ARG B . n 
B 1 6   ASP 6   331 331 ASP ASP B . n 
B 1 7   MET 7   332 332 MET MET B . n 
B 1 8   TYR 8   333 333 TYR TYR B . n 
B 1 9   GLU 9   334 334 GLU GLU B . n 
B 1 10  GLN 10  335 335 GLN GLN B . n 
B 1 11  PHE 11  336 336 PHE PHE B . n 
B 1 12  GLN 12  337 337 GLN GLN B . n 
B 1 13  ASN 13  338 338 ASN ASN B . n 
B 1 14  ILE 14  339 339 ILE ILE B . n 
B 1 15  MET 15  340 340 MET MET B . n 
B 1 16  LYS 16  341 341 LYS LYS B . n 
B 1 17  MET 17  342 342 MET MET B . n 
B 1 18  GLY 18  343 343 GLY GLY B . n 
B 1 19  PRO 19  344 344 PRO PRO B . n 
B 1 20  PHE 20  345 345 PHE PHE B . n 
B 1 21  SER 21  346 346 SER SER B . n 
B 1 22  GLN 22  347 347 GLN GLN B . n 
B 1 23  ILE 23  348 348 ILE ILE B . n 
B 1 24  LEU 24  349 349 LEU LEU B . n 
B 1 25  GLY 25  350 350 GLY GLY B . n 
B 1 26  MET 26  351 351 MET MET B . n 
B 1 27  ILE 27  352 352 ILE ILE B . n 
B 1 28  PRO 28  353 353 PRO PRO B . n 
B 1 29  GLY 29  354 354 GLY GLY B . n 
B 1 30  PHE 30  355 355 PHE PHE B . n 
B 1 31  GLY 31  356 356 GLY GLY B . n 
B 1 32  THR 32  357 357 THR THR B . n 
B 1 33  ASP 33  358 358 ASP ASP B . n 
B 1 34  PHE 34  359 359 PHE PHE B . n 
B 1 35  MET 35  360 360 MET MET B . n 
B 1 36  SER 36  361 361 SER SER B . n 
B 1 37  LYS 37  362 362 LYS LYS B . n 
B 1 38  GLY 38  363 363 GLY GLY B . n 
B 1 39  ASN 39  364 364 ASN ASN B . n 
B 1 40  GLU 40  365 365 GLU GLU B . n 
B 1 41  GLN 41  366 366 GLN GLN B . n 
B 1 42  GLU 42  367 367 GLU GLU B . n 
B 1 43  SER 43  368 368 SER SER B . n 
B 1 44  MET 44  369 369 MET MET B . n 
B 1 45  ALA 45  370 370 ALA ALA B . n 
B 1 46  ARG 46  371 371 ARG ARG B . n 
B 1 47  LEU 47  372 372 LEU LEU B . n 
B 1 48  LYS 48  373 373 LYS LYS B . n 
B 1 49  LYS 49  374 374 LYS LYS B . n 
B 1 50  LEU 50  375 375 LEU LEU B . n 
B 1 51  MET 51  376 376 MET MET B . n 
B 1 52  THR 52  377 377 THR THR B . n 
B 1 53  ILE 53  378 378 ILE ILE B . n 
B 1 54  MET 54  379 379 MET MET B . n 
B 1 55  ASP 55  380 380 ASP ASP B . n 
B 1 56  SER 56  381 381 SER SER B . n 
B 1 57  MET 57  382 382 MET MET B . n 
B 1 58  ASN 58  383 383 ASN ASN B . n 
B 1 59  ASP 59  384 384 ASP ASP B . n 
B 1 60  GLN 60  385 385 GLN GLN B . n 
B 1 61  GLU 61  386 386 GLU GLU B . n 
B 1 62  LEU 62  387 387 LEU LEU B . n 
B 1 63  ASP 63  388 388 ASP ASP B . n 
B 1 64  SER 64  389 389 SER SER B . n 
B 1 65  THR 65  390 390 THR THR B . n 
B 1 66  ASP 66  391 391 ASP ASP B . n 
B 1 67  GLY 67  392 392 GLY GLY B . n 
B 1 68  ALA 68  393 393 ALA ALA B . n 
B 1 69  LYS 69  394 394 LYS LYS B . n 
B 1 70  VAL 70  395 395 VAL VAL B . n 
B 1 71  PHE 71  396 396 PHE PHE B . n 
B 1 72  SER 72  397 397 SER SER B . n 
B 1 73  LYS 73  398 398 LYS LYS B . n 
B 1 74  GLN 74  399 399 GLN GLN B . n 
B 1 75  PRO 75  400 400 PRO PRO B . n 
B 1 76  GLY 76  401 401 GLY GLY B . n 
B 1 77  ARG 77  402 402 ARG ARG B . n 
B 1 78  ILE 78  403 403 ILE ILE B . n 
B 1 79  GLN 79  404 404 GLN GLN B . n 
B 1 80  ARG 80  405 405 ARG ARG B . n 
B 1 81  VAL 81  406 406 VAL VAL B . n 
B 1 82  ALA 82  407 407 ALA ALA B . n 
B 1 83  ARG 83  408 408 ARG ARG B . n 
B 1 84  GLY 84  409 409 GLY GLY B . n 
B 1 85  SER 85  410 410 SER SER B . n 
B 1 86  GLY 86  411 411 GLY GLY B . n 
B 1 87  VAL 87  412 412 VAL VAL B . n 
B 1 88  SER 88  413 413 SER SER B . n 
B 1 89  THR 89  414 414 THR THR B . n 
B 1 90  ARG 90  415 415 ARG ARG B . n 
B 1 91  ASP 91  416 416 ASP ASP B . n 
B 1 92  VAL 92  417 417 VAL VAL B . n 
B 1 93  GLN 93  418 418 GLN GLN B . n 
B 1 94  GLU 94  419 419 GLU GLU B . n 
B 1 95  LEU 95  420 420 LEU LEU B . n 
B 1 96  LEU 96  421 421 LEU LEU B . n 
B 1 97  THR 97  422 422 THR THR B . n 
B 1 98  GLN 98  423 423 GLN GLN B . n 
B 1 99  TYR 99  424 424 TYR TYR B . n 
B 1 100 THR 100 425 425 THR THR B . n 
B 1 101 LYS 101 426 426 LYS LYS B . n 
B 1 102 PHE 102 427 427 PHE PHE B . n 
B 1 103 ALA 103 428 428 ALA ALA B . n 
B 1 104 GLN 104 429 429 GLN GLN B . n 
B 1 105 MET 105 430 430 MET MET B . n 
B 1 106 VAL 106 431 431 VAL VAL B . n 
B 1 107 LYS 107 432 432 LYS LYS B . n 
B 1 108 LYS 108 433 433 LYS LYS B . n 
B 1 109 MET 109 434 434 MET MET B . n 
# 
loop_
_pdbx_nonpoly_scheme.asym_id 
_pdbx_nonpoly_scheme.entity_id 
_pdbx_nonpoly_scheme.mon_id 
_pdbx_nonpoly_scheme.ndb_seq_num 
_pdbx_nonpoly_scheme.pdb_seq_num 
_pdbx_nonpoly_scheme.auth_seq_num 
_pdbx_nonpoly_scheme.pdb_mon_id 
_pdbx_nonpoly_scheme.auth_mon_id 
_pdbx_nonpoly_scheme.pdb_strand_id 
_pdbx_nonpoly_scheme.pdb_ins_code 
C 2 HOH 1  4  4  HOH TIP A . 
C 2 HOH 2  5  5  HOH TIP A . 
C 2 HOH 3  6  6  HOH TIP A . 
C 2 HOH 4  7  7  HOH TIP A . 
C 2 HOH 5  9  9  HOH TIP A . 
C 2 HOH 6  10 10 HOH TIP A . 
C 2 HOH 7  11 11 HOH TIP A . 
C 2 HOH 8  12 12 HOH TIP A . 
C 2 HOH 9  15 15 HOH TIP A . 
C 2 HOH 10 17 17 HOH TIP A . 
C 2 HOH 11 18 18 HOH TIP A . 
C 2 HOH 12 19 19 HOH TIP A . 
C 2 HOH 13 20 20 HOH TIP A . 
C 2 HOH 14 23 23 HOH TIP A . 
C 2 HOH 15 24 24 HOH TIP A . 
C 2 HOH 16 27 27 HOH TIP A . 
C 2 HOH 17 28 28 HOH TIP A . 
C 2 HOH 18 29 29 HOH TIP A . 
C 2 HOH 19 32 32 HOH TIP A . 
C 2 HOH 20 35 35 HOH TIP A . 
C 2 HOH 21 36 36 HOH TIP A . 
C 2 HOH 22 37 37 HOH TIP A . 
C 2 HOH 23 38 38 HOH TIP A . 
C 2 HOH 24 40 40 HOH TIP A . 
C 2 HOH 25 41 41 HOH TIP A . 
C 2 HOH 26 43 43 HOH TIP A . 
C 2 HOH 27 44 44 HOH TIP A . 
C 2 HOH 28 45 45 HOH TIP A . 
C 2 HOH 29 46 46 HOH TIP A . 
C 2 HOH 30 47 47 HOH TIP A . 
C 2 HOH 31 50 50 HOH TIP A . 
C 2 HOH 32 52 52 HOH TIP A . 
C 2 HOH 33 53 53 HOH TIP A . 
C 2 HOH 34 55 55 HOH TIP A . 
C 2 HOH 35 56 56 HOH TIP A . 
C 2 HOH 36 57 57 HOH TIP A . 
C 2 HOH 37 58 58 HOH TIP A . 
C 2 HOH 38 59 59 HOH TIP A . 
C 2 HOH 39 61 61 HOH TIP A . 
C 2 HOH 40 62 62 HOH TIP A . 
C 2 HOH 41 63 63 HOH TIP A . 
C 2 HOH 42 64 64 HOH TIP A . 
C 2 HOH 43 65 65 HOH TIP A . 
C 2 HOH 44 66 66 HOH TIP A . 
C 2 HOH 45 68 68 HOH TIP A . 
C 2 HOH 46 69 69 HOH TIP A . 
C 2 HOH 47 70 70 HOH TIP A . 
C 2 HOH 48 71 71 HOH TIP A . 
C 2 HOH 49 77 77 HOH TIP A . 
C 2 HOH 50 82 82 HOH TIP A . 
C 2 HOH 51 87 87 HOH TIP A . 
C 2 HOH 52 89 89 HOH TIP A . 
C 2 HOH 53 91 91 HOH TIP A . 
D 2 HOH 1  1  1  HOH TIP B . 
D 2 HOH 2  2  2  HOH TIP B . 
D 2 HOH 3  3  3  HOH TIP B . 
D 2 HOH 4  8  8  HOH TIP B . 
D 2 HOH 5  13 13 HOH TIP B . 
D 2 HOH 6  14 14 HOH TIP B . 
D 2 HOH 7  16 16 HOH TIP B . 
D 2 HOH 8  21 21 HOH TIP B . 
D 2 HOH 9  22 22 HOH TIP B . 
D 2 HOH 10 25 25 HOH TIP B . 
D 2 HOH 11 26 26 HOH TIP B . 
D 2 HOH 12 30 30 HOH TIP B . 
D 2 HOH 13 31 31 HOH TIP B . 
D 2 HOH 14 33 33 HOH TIP B . 
D 2 HOH 15 34 34 HOH TIP B . 
D 2 HOH 16 39 39 HOH TIP B . 
D 2 HOH 17 42 42 HOH TIP B . 
D 2 HOH 18 48 48 HOH TIP B . 
D 2 HOH 19 49 49 HOH TIP B . 
D 2 HOH 20 51 51 HOH TIP B . 
D 2 HOH 21 60 60 HOH TIP B . 
D 2 HOH 22 67 67 HOH TIP B . 
D 2 HOH 23 72 72 HOH TIP B . 
D 2 HOH 24 74 74 HOH TIP B . 
D 2 HOH 25 75 75 HOH TIP B . 
D 2 HOH 26 78 78 HOH TIP B . 
D 2 HOH 27 79 79 HOH TIP B . 
D 2 HOH 28 83 83 HOH TIP B . 
D 2 HOH 29 86 86 HOH TIP B . 
D 2 HOH 30 88 88 HOH TIP B . 
D 2 HOH 31 90 90 HOH TIP B . 
# 
loop_
_pdbx_unobs_or_zero_occ_atoms.id 
_pdbx_unobs_or_zero_occ_atoms.PDB_model_num 
_pdbx_unobs_or_zero_occ_atoms.polymer_flag 
_pdbx_unobs_or_zero_occ_atoms.occupancy_flag 
_pdbx_unobs_or_zero_occ_atoms.auth_asym_id 
_pdbx_unobs_or_zero_occ_atoms.auth_comp_id 
_pdbx_unobs_or_zero_occ_atoms.auth_seq_id 
_pdbx_unobs_or_zero_occ_atoms.PDB_ins_code 
_pdbx_unobs_or_zero_occ_atoms.auth_atom_id 
_pdbx_unobs_or_zero_occ_atoms.label_alt_id 
_pdbx_unobs_or_zero_occ_atoms.label_asym_id 
_pdbx_unobs_or_zero_occ_atoms.label_comp_id 
_pdbx_unobs_or_zero_occ_atoms.label_seq_id 
_pdbx_unobs_or_zero_occ_atoms.label_atom_id 
1 1 Y 1 A LYS 432 ? CA ? A LYS 107 CA 
2 1 Y 1 A LYS 432 ? C  ? A LYS 107 C  
3 1 Y 1 A LYS 432 ? O  ? A LYS 107 O  
4 1 Y 1 A LYS 432 ? CB ? A LYS 107 CB 
5 1 Y 1 A LYS 432 ? CG ? A LYS 107 CG 
6 1 Y 1 A LYS 432 ? CD ? A LYS 107 CD 
7 1 Y 1 A LYS 432 ? CE ? A LYS 107 CE 
8 1 Y 1 A LYS 432 ? NZ ? A LYS 107 NZ 
# 
loop_
_software.name 
_software.classification 
_software.version 
_software.citation_id 
_software.pdbx_ordinal 
SOLVE     phasing          .     ? 1 
X-PLOR    refinement       3.843 ? 2 
MADNESS   'data reduction' .     ? 3 
SCALEPACK 'data scaling'   .     ? 4 
# 
_cell.entry_id           1QB2 
_cell.length_a           28.91 
_cell.length_b           61.34 
_cell.length_c           129.22 
_cell.angle_alpha        90 
_cell.angle_beta         90 
_cell.angle_gamma        90 
_cell.Z_PDB              8 
_cell.pdbx_unique_axis   ? 
# 
_symmetry.entry_id                         1QB2 
_symmetry.space_group_name_H-M             'P 21 21 21' 
_symmetry.pdbx_full_space_group_name_H-M   ? 
_symmetry.cell_setting                     ? 
_symmetry.Int_Tables_number                19 
# 
_exptl.entry_id          1QB2 
_exptl.method            'X-RAY DIFFRACTION' 
_exptl.crystals_number   1 
# 
_exptl_crystal.id                    1 
_exptl_crystal.density_meas          ? 
_exptl_crystal.density_Matthews      2.30 
_exptl_crystal.density_percent_sol   46.42 
_exptl_crystal.description           ? 
# 
_exptl_crystal_grow.crystal_id      1 
_exptl_crystal_grow.method          'VAPOR DIFFUSION, HANGING DROP' 
_exptl_crystal_grow.temp            277 
_exptl_crystal_grow.temp_details    ? 
_exptl_crystal_grow.pH              4.6 
_exptl_crystal_grow.pdbx_details    '30% PEG 2K, pH 4.6, VAPOR DIFFUSION, HANGING DROP, temperature 277K' 
_exptl_crystal_grow.pdbx_pH_range   . 
# 
loop_
_diffrn.id 
_diffrn.ambient_temp 
_diffrn.ambient_temp_details 
_diffrn.crystal_id 
1 100 ? 1 
2 ?   ? 1 
3 ?   ? 1 
4 ?   ? 1 
# 
loop_
_diffrn_detector.diffrn_id 
_diffrn_detector.detector 
_diffrn_detector.type 
_diffrn_detector.pdbx_collection_date 
_diffrn_detector.details 
1 CCD BRANDEIS 1998-09-13 ? 
2 ?   ?        ?          ? 
3 ?   ?        ?          ? 
4 ?   ?        ?          ? 
# 
loop_
_diffrn_radiation.diffrn_id 
_diffrn_radiation.wavelength_id 
_diffrn_radiation.pdbx_monochromatic_or_laue_m_l 
_diffrn_radiation.monochromator 
_diffrn_radiation.pdbx_diffrn_protocol 
_diffrn_radiation.pdbx_scattering_type 
1 1 M ? 'SINGLE WAVELENGTH' x-ray 
2 1 M ? 'SINGLE WAVELENGTH' x-ray 
3 1 M ? 'SINGLE WAVELENGTH' x-ray 
4 1 M ? 'SINGLE WAVELENGTH' x-ray 
# 
loop_
_diffrn_radiation_wavelength.id 
_diffrn_radiation_wavelength.wavelength 
_diffrn_radiation_wavelength.wt 
1 0.93   1.0 
2 0.9796 1.0 
3 0.9793 1.0 
# 
loop_
_diffrn_source.diffrn_id 
_diffrn_source.source 
_diffrn_source.type 
_diffrn_source.pdbx_synchrotron_site 
_diffrn_source.pdbx_synchrotron_beamline 
_diffrn_source.pdbx_wavelength 
_diffrn_source.pdbx_wavelength_list 
1 SYNCHROTRON 'NSLS BEAMLINE X12C' NSLS X12C 0.93   ? 
2 SYNCHROTRON 'NSLS BEAMLINE X25'  NSLS X25  0.93   ? 
3 SYNCHROTRON 'NSLS BEAMLINE X25'  NSLS X25  0.9796 ? 
4 SYNCHROTRON 'NSLS BEAMLINE X25'  NSLS X25  0.9793 ? 
# 
_reflns.entry_id                     1QB2 
_reflns.observed_criterion_sigma_I   0 
_reflns.observed_criterion_sigma_F   0 
_reflns.d_resolution_low             50.0 
_reflns.d_resolution_high            2.1 
_reflns.number_obs                   25000 
_reflns.number_all                   25000 
_reflns.percent_possible_obs         99 
_reflns.pdbx_Rmerge_I_obs            0.057 
_reflns.pdbx_Rsym_value              ? 
_reflns.pdbx_netI_over_sigmaI        ? 
_reflns.B_iso_Wilson_estimate        ? 
_reflns.pdbx_redundancy              3.5 
_reflns.R_free_details               ? 
_reflns.pdbx_diffrn_id               1,2,3,4 
_reflns.pdbx_ordinal                 1 
# 
_reflns_shell.d_res_high             2.1 
_reflns_shell.d_res_low              2.14 
_reflns_shell.percent_possible_all   94 
_reflns_shell.Rmerge_I_obs           0.296 
_reflns_shell.pdbx_Rsym_value        ? 
_reflns_shell.meanI_over_sigI_obs    ? 
_reflns_shell.pdbx_redundancy        2.7 
_reflns_shell.percent_possible_obs   ? 
_reflns_shell.number_unique_all      ? 
_reflns_shell.pdbx_diffrn_id         ? 
_reflns_shell.pdbx_ordinal           1 
# 
_refine.entry_id                                 1QB2 
_refine.ls_number_reflns_obs                     25396 
_refine.ls_number_reflns_all                     25396 
_refine.pdbx_ls_sigma_I                          ? 
_refine.pdbx_ls_sigma_F                          0 
_refine.pdbx_data_cutoff_high_absF               ? 
_refine.pdbx_data_cutoff_low_absF                ? 
_refine.pdbx_data_cutoff_high_rms_absF           ? 
_refine.ls_d_res_low                             50 
_refine.ls_d_res_high                            2.1 
_refine.ls_percent_reflns_obs                    ? 
_refine.ls_R_factor_obs                          ? 
_refine.ls_R_factor_all                          0.245 
_refine.ls_R_factor_R_work                       0.245 
_refine.ls_R_factor_R_free                       0.318 
_refine.ls_R_factor_R_free_error                 ? 
_refine.ls_R_factor_R_free_error_details         ? 
_refine.ls_percent_reflns_R_free                 ? 
_refine.ls_number_reflns_R_free                  2609 
_refine.ls_number_parameters                     ? 
_refine.ls_number_restraints                     ? 
_refine.occupancy_min                            ? 
_refine.occupancy_max                            ? 
_refine.B_iso_mean                               ? 
_refine.aniso_B[1][1]                            ? 
_refine.aniso_B[2][2]                            ? 
_refine.aniso_B[3][3]                            ? 
_refine.aniso_B[1][2]                            ? 
_refine.aniso_B[1][3]                            ? 
_refine.aniso_B[2][3]                            ? 
_refine.solvent_model_details                    ? 
_refine.solvent_model_param_ksol                 ? 
_refine.solvent_model_param_bsol                 ? 
_refine.pdbx_ls_cross_valid_method               ? 
_refine.details                                  ? 
_refine.pdbx_starting_model                      ? 
_refine.pdbx_method_to_determine_struct          ? 
_refine.pdbx_isotropic_thermal_model             ? 
_refine.pdbx_stereochemistry_target_values       ? 
_refine.pdbx_stereochem_target_val_spec_case     ? 
_refine.pdbx_R_Free_selection_details            '~10% OF REFLECTIONS RANDOMLY PICKED' 
_refine.pdbx_overall_ESU_R                       ? 
_refine.pdbx_overall_ESU_R_Free                  ? 
_refine.overall_SU_ML                            ? 
_refine.overall_SU_B                             ? 
_refine.ls_redundancy_reflns_obs                 ? 
_refine.pdbx_refine_id                           'X-RAY DIFFRACTION' 
_refine.pdbx_diffrn_id                           1 
_refine.pdbx_TLS_residual_ADP_flag               ? 
_refine.correlation_coeff_Fo_to_Fc               ? 
_refine.correlation_coeff_Fo_to_Fc_free          ? 
_refine.pdbx_solvent_vdw_probe_radii             ? 
_refine.pdbx_solvent_ion_probe_radii             ? 
_refine.pdbx_solvent_shrinkage_radii             ? 
_refine.pdbx_overall_phase_error                 ? 
_refine.overall_SU_R_Cruickshank_DPI             ? 
_refine.pdbx_overall_SU_R_free_Cruickshank_DPI   ? 
_refine.pdbx_overall_SU_R_Blow_DPI               ? 
_refine.pdbx_overall_SU_R_free_Blow_DPI          ? 
# 
_refine_hist.pdbx_refine_id                   'X-RAY DIFFRACTION' 
_refine_hist.cycle_id                         LAST 
_refine_hist.pdbx_number_atoms_protein        1706 
_refine_hist.pdbx_number_atoms_nucleic_acid   0 
_refine_hist.pdbx_number_atoms_ligand         0 
_refine_hist.number_atoms_solvent             84 
_refine_hist.number_atoms_total               1790 
_refine_hist.d_res_high                       2.1 
_refine_hist.d_res_low                        50 
# 
loop_
_refine_ls_restr.type 
_refine_ls_restr.dev_ideal 
_refine_ls_restr.dev_ideal_target 
_refine_ls_restr.weight 
_refine_ls_restr.number 
_refine_ls_restr.pdbx_refine_id 
_refine_ls_restr.pdbx_restraint_function 
x_bond_d                0.008 ? ? ? 'X-RAY DIFFRACTION' ? 
x_bond_d_na             ?     ? ? ? 'X-RAY DIFFRACTION' ? 
x_bond_d_prot           ?     ? ? ? 'X-RAY DIFFRACTION' ? 
x_angle_d               1.065 ? ? ? 'X-RAY DIFFRACTION' ? 
x_angle_d_na            ?     ? ? ? 'X-RAY DIFFRACTION' ? 
x_angle_d_prot          ?     ? ? ? 'X-RAY DIFFRACTION' ? 
x_angle_deg             1.065 ? ? ? 'X-RAY DIFFRACTION' ? 
x_angle_deg_na          ?     ? ? ? 'X-RAY DIFFRACTION' ? 
x_angle_deg_prot        ?     ? ? ? 'X-RAY DIFFRACTION' ? 
x_dihedral_angle_d      ?     ? ? ? 'X-RAY DIFFRACTION' ? 
x_dihedral_angle_d_na   ?     ? ? ? 'X-RAY DIFFRACTION' ? 
x_dihedral_angle_d_prot ?     ? ? ? 'X-RAY DIFFRACTION' ? 
x_improper_angle_d      ?     ? ? ? 'X-RAY DIFFRACTION' ? 
x_improper_angle_d_na   ?     ? ? ? 'X-RAY DIFFRACTION' ? 
x_improper_angle_d_prot ?     ? ? ? 'X-RAY DIFFRACTION' ? 
x_mcbond_it             ?     ? ? ? 'X-RAY DIFFRACTION' ? 
x_mcangle_it            ?     ? ? ? 'X-RAY DIFFRACTION' ? 
x_scbond_it             ?     ? ? ? 'X-RAY DIFFRACTION' ? 
x_scangle_it            ?     ? ? ? 'X-RAY DIFFRACTION' ? 
# 
_struct.entry_id                  1QB2 
_struct.title                     
;CRYSTAL STRUCTURE OF THE CONSERVED SUBDOMAIN OF HUMAN PROTEIN SRP54M AT 2.1A RESOLUTION: EVIDENCE FOR THE MECHANISM OF SIGNAL PEPTIDE BINDING
;
_struct.pdbx_model_details        ? 
_struct.pdbx_CASP_flag            ? 
_struct.pdbx_model_type_details   ? 
# 
_struct_keywords.entry_id        1QB2 
_struct_keywords.pdbx_keywords   'SIGNALING PROTEIN' 
_struct_keywords.text            'ALPHA-HELIX, HELIX-TURN-HELIX, SIGNALING PROTEIN' 
# 
loop_
_struct_asym.id 
_struct_asym.pdbx_blank_PDB_chainid_flag 
_struct_asym.pdbx_modified 
_struct_asym.entity_id 
_struct_asym.details 
A N N 1 ? 
B N N 1 ? 
C N N 2 ? 
D N N 2 ? 
# 
_struct_ref.id                         1 
_struct_ref.db_name                    UNP 
_struct_ref.db_code                    SRP54_HUMAN 
_struct_ref.entity_id                  1 
_struct_ref.pdbx_db_accession          P61011 
_struct_ref.pdbx_db_isoform            ? 
_struct_ref.pdbx_seq_one_letter_code   ? 
_struct_ref.pdbx_align_begin           ? 
# 
loop_
_struct_ref_seq.align_id 
_struct_ref_seq.ref_id 
_struct_ref_seq.pdbx_PDB_id_code 
_struct_ref_seq.pdbx_strand_id 
_struct_ref_seq.seq_align_beg 
_struct_ref_seq.pdbx_seq_align_beg_ins_code 
_struct_ref_seq.seq_align_end 
_struct_ref_seq.pdbx_seq_align_end_ins_code 
_struct_ref_seq.pdbx_db_accession 
_struct_ref_seq.db_align_beg 
_struct_ref_seq.pdbx_db_align_beg_ins_code 
_struct_ref_seq.db_align_end 
_struct_ref_seq.pdbx_db_align_end_ins_code 
_struct_ref_seq.pdbx_auth_seq_align_beg 
_struct_ref_seq.pdbx_auth_seq_align_end 
1 1 1QB2 A 1 ? 109 ? P61011 326 ? 434 ? 326 434 
2 1 1QB2 B 1 ? 109 ? P61011 326 ? 434 ? 326 434 
# 
_pdbx_struct_assembly.id                   1 
_pdbx_struct_assembly.details              author_and_software_defined_assembly 
_pdbx_struct_assembly.method_details       PISA 
_pdbx_struct_assembly.oligomeric_details   dimeric 
_pdbx_struct_assembly.oligomeric_count     2 
# 
loop_
_pdbx_struct_assembly_prop.biol_id 
_pdbx_struct_assembly_prop.type 
_pdbx_struct_assembly_prop.value 
_pdbx_struct_assembly_prop.details 
1 'ABSA (A^2)' 4670  ? 
1 MORE         -52   ? 
1 'SSA (A^2)'  11330 ? 
# 
_pdbx_struct_assembly_gen.assembly_id       1 
_pdbx_struct_assembly_gen.oper_expression   1 
_pdbx_struct_assembly_gen.asym_id_list      A,B,C,D 
# 
_pdbx_struct_oper_list.id                   1 
_pdbx_struct_oper_list.type                 'identity operation' 
_pdbx_struct_oper_list.name                 1_555 
_pdbx_struct_oper_list.symmetry_operation   x,y,z 
_pdbx_struct_oper_list.matrix[1][1]         1.0000000000 
_pdbx_struct_oper_list.matrix[1][2]         0.0000000000 
_pdbx_struct_oper_list.matrix[1][3]         0.0000000000 
_pdbx_struct_oper_list.vector[1]            0.0000000000 
_pdbx_struct_oper_list.matrix[2][1]         0.0000000000 
_pdbx_struct_oper_list.matrix[2][2]         1.0000000000 
_pdbx_struct_oper_list.matrix[2][3]         0.0000000000 
_pdbx_struct_oper_list.vector[2]            0.0000000000 
_pdbx_struct_oper_list.matrix[3][1]         0.0000000000 
_pdbx_struct_oper_list.matrix[3][2]         0.0000000000 
_pdbx_struct_oper_list.matrix[3][3]         1.0000000000 
_pdbx_struct_oper_list.vector[3]            0.0000000000 
# 
_struct_biol.id   1 
# 
loop_
_struct_conf.conf_type_id 
_struct_conf.id 
_struct_conf.pdbx_PDB_helix_id 
_struct_conf.beg_label_comp_id 
_struct_conf.beg_label_asym_id 
_struct_conf.beg_label_seq_id 
_struct_conf.pdbx_beg_PDB_ins_code 
_struct_conf.end_label_comp_id 
_struct_conf.end_label_asym_id 
_struct_conf.end_label_seq_id 
_struct_conf.pdbx_end_PDB_ins_code 
_struct_conf.beg_auth_comp_id 
_struct_conf.beg_auth_asym_id 
_struct_conf.beg_auth_seq_id 
_struct_conf.end_auth_comp_id 
_struct_conf.end_auth_asym_id 
_struct_conf.end_auth_seq_id 
_struct_conf.pdbx_PDB_helix_class 
_struct_conf.details 
_struct_conf.pdbx_PDB_helix_length 
HELX_P HELX_P1  1  THR A 3  ? MET A 17  ? THR A 328 MET A 342 1 ? 15 
HELX_P HELX_P2  2  MET A 17 ? ILE A 27  ? MET A 342 ILE A 352 1 ? 11 
HELX_P HELX_P3  3  ASN A 39 ? ASP A 55  ? ASN A 364 ASP A 380 1 ? 17 
HELX_P HELX_P4  4  ASN A 58 ? SER A 64  ? ASN A 383 SER A 389 1 ? 7  
HELX_P HELX_P5  5  GLY A 67 ? GLN A 74  ? GLY A 392 GLN A 399 1 ? 8  
HELX_P HELX_P6  6  PRO A 75 ? SER A 85  ? PRO A 400 SER A 410 1 ? 11 
HELX_P HELX_P7  7  SER A 88 ? VAL A 106 ? SER A 413 VAL A 431 1 ? 19 
HELX_P HELX_P8  8  THR B 3  ? GLY B 25  ? THR B 328 GLY B 350 1 ? 23 
HELX_P HELX_P9  9  GLU B 40 ? ASP B 55  ? GLU B 365 ASP B 380 1 ? 16 
HELX_P HELX_P10 10 ASN B 58 ? SER B 64  ? ASN B 383 SER B 389 1 ? 7  
HELX_P HELX_P11 11 ASP B 66 ? GLN B 74  ? ASP B 391 GLN B 399 1 ? 9  
HELX_P HELX_P12 12 PRO B 75 ? SER B 85  ? PRO B 400 SER B 410 1 ? 11 
HELX_P HELX_P13 13 SER B 88 ? LYS B 108 ? SER B 413 LYS B 433 1 ? 21 
# 
_struct_conf_type.id          HELX_P 
_struct_conf_type.criteria    ? 
_struct_conf_type.reference   ? 
# 
loop_
_pdbx_validate_torsion.id 
_pdbx_validate_torsion.PDB_model_num 
_pdbx_validate_torsion.auth_comp_id 
_pdbx_validate_torsion.auth_asym_id 
_pdbx_validate_torsion.auth_seq_id 
_pdbx_validate_torsion.PDB_ins_code 
_pdbx_validate_torsion.label_alt_id 
_pdbx_validate_torsion.phi 
_pdbx_validate_torsion.psi 
1 1 ASP A 358 ? ? -106.33 41.44   
2 1 VAL A 431 ? ? -95.25  -94.66  
3 1 MET B 360 ? ? 65.36   66.95   
4 1 LYS B 362 ? ? 47.03   -104.09 
5 1 ASN B 364 ? ? -110.95 55.47   
6 1 PRO B 400 ? ? -56.84  -7.98   
# 
loop_
_pdbx_unobs_or_zero_occ_residues.id 
_pdbx_unobs_or_zero_occ_residues.PDB_model_num 
_pdbx_unobs_or_zero_occ_residues.polymer_flag 
_pdbx_unobs_or_zero_occ_residues.occupancy_flag 
_pdbx_unobs_or_zero_occ_residues.auth_asym_id 
_pdbx_unobs_or_zero_occ_residues.auth_comp_id 
_pdbx_unobs_or_zero_occ_residues.auth_seq_id 
_pdbx_unobs_or_zero_occ_residues.PDB_ins_code 
_pdbx_unobs_or_zero_occ_residues.label_asym_id 
_pdbx_unobs_or_zero_occ_residues.label_comp_id 
_pdbx_unobs_or_zero_occ_residues.label_seq_id 
1 1 Y 1 A LYS 433 ? A LYS 108 
2 1 Y 1 A MET 434 ? A MET 109 
# 
loop_
_chem_comp_atom.comp_id 
_chem_comp_atom.atom_id 
_chem_comp_atom.type_symbol 
_chem_comp_atom.pdbx_aromatic_flag 
_chem_comp_atom.pdbx_stereo_config 
_chem_comp_atom.pdbx_ordinal 
ALA N    N N N 1   
ALA CA   C N S 2   
ALA C    C N N 3   
ALA O    O N N 4   
ALA CB   C N N 5   
ALA OXT  O N N 6   
ALA H    H N N 7   
ALA H2   H N N 8   
ALA HA   H N N 9   
ALA HB1  H N N 10  
ALA HB2  H N N 11  
ALA HB3  H N N 12  
ALA HXT  H N N 13  
ARG N    N N N 14  
ARG CA   C N S 15  
ARG C    C N N 16  
ARG O    O N N 17  
ARG CB   C N N 18  
ARG CG   C N N 19  
ARG CD   C N N 20  
ARG NE   N N N 21  
ARG CZ   C N N 22  
ARG NH1  N N N 23  
ARG NH2  N N N 24  
ARG OXT  O N N 25  
ARG H    H N N 26  
ARG H2   H N N 27  
ARG HA   H N N 28  
ARG HB2  H N N 29  
ARG HB3  H N N 30  
ARG HG2  H N N 31  
ARG HG3  H N N 32  
ARG HD2  H N N 33  
ARG HD3  H N N 34  
ARG HE   H N N 35  
ARG HH11 H N N 36  
ARG HH12 H N N 37  
ARG HH21 H N N 38  
ARG HH22 H N N 39  
ARG HXT  H N N 40  
ASN N    N N N 41  
ASN CA   C N S 42  
ASN C    C N N 43  
ASN O    O N N 44  
ASN CB   C N N 45  
ASN CG   C N N 46  
ASN OD1  O N N 47  
ASN ND2  N N N 48  
ASN OXT  O N N 49  
ASN H    H N N 50  
ASN H2   H N N 51  
ASN HA   H N N 52  
ASN HB2  H N N 53  
ASN HB3  H N N 54  
ASN HD21 H N N 55  
ASN HD22 H N N 56  
ASN HXT  H N N 57  
ASP N    N N N 58  
ASP CA   C N S 59  
ASP C    C N N 60  
ASP O    O N N 61  
ASP CB   C N N 62  
ASP CG   C N N 63  
ASP OD1  O N N 64  
ASP OD2  O N N 65  
ASP OXT  O N N 66  
ASP H    H N N 67  
ASP H2   H N N 68  
ASP HA   H N N 69  
ASP HB2  H N N 70  
ASP HB3  H N N 71  
ASP HD2  H N N 72  
ASP HXT  H N N 73  
GLN N    N N N 74  
GLN CA   C N S 75  
GLN C    C N N 76  
GLN O    O N N 77  
GLN CB   C N N 78  
GLN CG   C N N 79  
GLN CD   C N N 80  
GLN OE1  O N N 81  
GLN NE2  N N N 82  
GLN OXT  O N N 83  
GLN H    H N N 84  
GLN H2   H N N 85  
GLN HA   H N N 86  
GLN HB2  H N N 87  
GLN HB3  H N N 88  
GLN HG2  H N N 89  
GLN HG3  H N N 90  
GLN HE21 H N N 91  
GLN HE22 H N N 92  
GLN HXT  H N N 93  
GLU N    N N N 94  
GLU CA   C N S 95  
GLU C    C N N 96  
GLU O    O N N 97  
GLU CB   C N N 98  
GLU CG   C N N 99  
GLU CD   C N N 100 
GLU OE1  O N N 101 
GLU OE2  O N N 102 
GLU OXT  O N N 103 
GLU H    H N N 104 
GLU H2   H N N 105 
GLU HA   H N N 106 
GLU HB2  H N N 107 
GLU HB3  H N N 108 
GLU HG2  H N N 109 
GLU HG3  H N N 110 
GLU HE2  H N N 111 
GLU HXT  H N N 112 
GLY N    N N N 113 
GLY CA   C N N 114 
GLY C    C N N 115 
GLY O    O N N 116 
GLY OXT  O N N 117 
GLY H    H N N 118 
GLY H2   H N N 119 
GLY HA2  H N N 120 
GLY HA3  H N N 121 
GLY HXT  H N N 122 
HOH O    O N N 123 
HOH H1   H N N 124 
HOH H2   H N N 125 
ILE N    N N N 126 
ILE CA   C N S 127 
ILE C    C N N 128 
ILE O    O N N 129 
ILE CB   C N S 130 
ILE CG1  C N N 131 
ILE CG2  C N N 132 
ILE CD1  C N N 133 
ILE OXT  O N N 134 
ILE H    H N N 135 
ILE H2   H N N 136 
ILE HA   H N N 137 
ILE HB   H N N 138 
ILE HG12 H N N 139 
ILE HG13 H N N 140 
ILE HG21 H N N 141 
ILE HG22 H N N 142 
ILE HG23 H N N 143 
ILE HD11 H N N 144 
ILE HD12 H N N 145 
ILE HD13 H N N 146 
ILE HXT  H N N 147 
LEU N    N N N 148 
LEU CA   C N S 149 
LEU C    C N N 150 
LEU O    O N N 151 
LEU CB   C N N 152 
LEU CG   C N N 153 
LEU CD1  C N N 154 
LEU CD2  C N N 155 
LEU OXT  O N N 156 
LEU H    H N N 157 
LEU H2   H N N 158 
LEU HA   H N N 159 
LEU HB2  H N N 160 
LEU HB3  H N N 161 
LEU HG   H N N 162 
LEU HD11 H N N 163 
LEU HD12 H N N 164 
LEU HD13 H N N 165 
LEU HD21 H N N 166 
LEU HD22 H N N 167 
LEU HD23 H N N 168 
LEU HXT  H N N 169 
LYS N    N N N 170 
LYS CA   C N S 171 
LYS C    C N N 172 
LYS O    O N N 173 
LYS CB   C N N 174 
LYS CG   C N N 175 
LYS CD   C N N 176 
LYS CE   C N N 177 
LYS NZ   N N N 178 
LYS OXT  O N N 179 
LYS H    H N N 180 
LYS H2   H N N 181 
LYS HA   H N N 182 
LYS HB2  H N N 183 
LYS HB3  H N N 184 
LYS HG2  H N N 185 
LYS HG3  H N N 186 
LYS HD2  H N N 187 
LYS HD3  H N N 188 
LYS HE2  H N N 189 
LYS HE3  H N N 190 
LYS HZ1  H N N 191 
LYS HZ2  H N N 192 
LYS HZ3  H N N 193 
LYS HXT  H N N 194 
MET N    N N N 195 
MET CA   C N S 196 
MET C    C N N 197 
MET O    O N N 198 
MET CB   C N N 199 
MET CG   C N N 200 
MET SD   S N N 201 
MET CE   C N N 202 
MET OXT  O N N 203 
MET H    H N N 204 
MET H2   H N N 205 
MET HA   H N N 206 
MET HB2  H N N 207 
MET HB3  H N N 208 
MET HG2  H N N 209 
MET HG3  H N N 210 
MET HE1  H N N 211 
MET HE2  H N N 212 
MET HE3  H N N 213 
MET HXT  H N N 214 
PHE N    N N N 215 
PHE CA   C N S 216 
PHE C    C N N 217 
PHE O    O N N 218 
PHE CB   C N N 219 
PHE CG   C Y N 220 
PHE CD1  C Y N 221 
PHE CD2  C Y N 222 
PHE CE1  C Y N 223 
PHE CE2  C Y N 224 
PHE CZ   C Y N 225 
PHE OXT  O N N 226 
PHE H    H N N 227 
PHE H2   H N N 228 
PHE HA   H N N 229 
PHE HB2  H N N 230 
PHE HB3  H N N 231 
PHE HD1  H N N 232 
PHE HD2  H N N 233 
PHE HE1  H N N 234 
PHE HE2  H N N 235 
PHE HZ   H N N 236 
PHE HXT  H N N 237 
PRO N    N N N 238 
PRO CA   C N S 239 
PRO C    C N N 240 
PRO O    O N N 241 
PRO CB   C N N 242 
PRO CG   C N N 243 
PRO CD   C N N 244 
PRO OXT  O N N 245 
PRO H    H N N 246 
PRO HA   H N N 247 
PRO HB2  H N N 248 
PRO HB3  H N N 249 
PRO HG2  H N N 250 
PRO HG3  H N N 251 
PRO HD2  H N N 252 
PRO HD3  H N N 253 
PRO HXT  H N N 254 
SER N    N N N 255 
SER CA   C N S 256 
SER C    C N N 257 
SER O    O N N 258 
SER CB   C N N 259 
SER OG   O N N 260 
SER OXT  O N N 261 
SER H    H N N 262 
SER H2   H N N 263 
SER HA   H N N 264 
SER HB2  H N N 265 
SER HB3  H N N 266 
SER HG   H N N 267 
SER HXT  H N N 268 
THR N    N N N 269 
THR CA   C N S 270 
THR C    C N N 271 
THR O    O N N 272 
THR CB   C N R 273 
THR OG1  O N N 274 
THR CG2  C N N 275 
THR OXT  O N N 276 
THR H    H N N 277 
THR H2   H N N 278 
THR HA   H N N 279 
THR HB   H N N 280 
THR HG1  H N N 281 
THR HG21 H N N 282 
THR HG22 H N N 283 
THR HG23 H N N 284 
THR HXT  H N N 285 
TYR N    N N N 286 
TYR CA   C N S 287 
TYR C    C N N 288 
TYR O    O N N 289 
TYR CB   C N N 290 
TYR CG   C Y N 291 
TYR CD1  C Y N 292 
TYR CD2  C Y N 293 
TYR CE1  C Y N 294 
TYR CE2  C Y N 295 
TYR CZ   C Y N 296 
TYR OH   O N N 297 
TYR OXT  O N N 298 
TYR H    H N N 299 
TYR H2   H N N 300 
TYR HA   H N N 301 
TYR HB2  H N N 302 
TYR HB3  H N N 303 
TYR HD1  H N N 304 
TYR HD2  H N N 305 
TYR HE1  H N N 306 
TYR HE2  H N N 307 
TYR HH   H N N 308 
TYR HXT  H N N 309 
VAL N    N N N 310 
VAL CA   C N S 311 
VAL C    C N N 312 
VAL O    O N N 313 
VAL CB   C N N 314 
VAL CG1  C N N 315 
VAL CG2  C N N 316 
VAL OXT  O N N 317 
VAL H    H N N 318 
VAL H2   H N N 319 
VAL HA   H N N 320 
VAL HB   H N N 321 
VAL HG11 H N N 322 
VAL HG12 H N N 323 
VAL HG13 H N N 324 
VAL HG21 H N N 325 
VAL HG22 H N N 326 
VAL HG23 H N N 327 
VAL HXT  H N N 328 
# 
loop_
_chem_comp_bond.comp_id 
_chem_comp_bond.atom_id_1 
_chem_comp_bond.atom_id_2 
_chem_comp_bond.value_order 
_chem_comp_bond.pdbx_aromatic_flag 
_chem_comp_bond.pdbx_stereo_config 
_chem_comp_bond.pdbx_ordinal 
ALA N   CA   sing N N 1   
ALA N   H    sing N N 2   
ALA N   H2   sing N N 3   
ALA CA  C    sing N N 4   
ALA CA  CB   sing N N 5   
ALA CA  HA   sing N N 6   
ALA C   O    doub N N 7   
ALA C   OXT  sing N N 8   
ALA CB  HB1  sing N N 9   
ALA CB  HB2  sing N N 10  
ALA CB  HB3  sing N N 11  
ALA OXT HXT  sing N N 12  
ARG N   CA   sing N N 13  
ARG N   H    sing N N 14  
ARG N   H2   sing N N 15  
ARG CA  C    sing N N 16  
ARG CA  CB   sing N N 17  
ARG CA  HA   sing N N 18  
ARG C   O    doub N N 19  
ARG C   OXT  sing N N 20  
ARG CB  CG   sing N N 21  
ARG CB  HB2  sing N N 22  
ARG CB  HB3  sing N N 23  
ARG CG  CD   sing N N 24  
ARG CG  HG2  sing N N 25  
ARG CG  HG3  sing N N 26  
ARG CD  NE   sing N N 27  
ARG CD  HD2  sing N N 28  
ARG CD  HD3  sing N N 29  
ARG NE  CZ   sing N N 30  
ARG NE  HE   sing N N 31  
ARG CZ  NH1  sing N N 32  
ARG CZ  NH2  doub N N 33  
ARG NH1 HH11 sing N N 34  
ARG NH1 HH12 sing N N 35  
ARG NH2 HH21 sing N N 36  
ARG NH2 HH22 sing N N 37  
ARG OXT HXT  sing N N 38  
ASN N   CA   sing N N 39  
ASN N   H    sing N N 40  
ASN N   H2   sing N N 41  
ASN CA  C    sing N N 42  
ASN CA  CB   sing N N 43  
ASN CA  HA   sing N N 44  
ASN C   O    doub N N 45  
ASN C   OXT  sing N N 46  
ASN CB  CG   sing N N 47  
ASN CB  HB2  sing N N 48  
ASN CB  HB3  sing N N 49  
ASN CG  OD1  doub N N 50  
ASN CG  ND2  sing N N 51  
ASN ND2 HD21 sing N N 52  
ASN ND2 HD22 sing N N 53  
ASN OXT HXT  sing N N 54  
ASP N   CA   sing N N 55  
ASP N   H    sing N N 56  
ASP N   H2   sing N N 57  
ASP CA  C    sing N N 58  
ASP CA  CB   sing N N 59  
ASP CA  HA   sing N N 60  
ASP C   O    doub N N 61  
ASP C   OXT  sing N N 62  
ASP CB  CG   sing N N 63  
ASP CB  HB2  sing N N 64  
ASP CB  HB3  sing N N 65  
ASP CG  OD1  doub N N 66  
ASP CG  OD2  sing N N 67  
ASP OD2 HD2  sing N N 68  
ASP OXT HXT  sing N N 69  
GLN N   CA   sing N N 70  
GLN N   H    sing N N 71  
GLN N   H2   sing N N 72  
GLN CA  C    sing N N 73  
GLN CA  CB   sing N N 74  
GLN CA  HA   sing N N 75  
GLN C   O    doub N N 76  
GLN C   OXT  sing N N 77  
GLN CB  CG   sing N N 78  
GLN CB  HB2  sing N N 79  
GLN CB  HB3  sing N N 80  
GLN CG  CD   sing N N 81  
GLN CG  HG2  sing N N 82  
GLN CG  HG3  sing N N 83  
GLN CD  OE1  doub N N 84  
GLN CD  NE2  sing N N 85  
GLN NE2 HE21 sing N N 86  
GLN NE2 HE22 sing N N 87  
GLN OXT HXT  sing N N 88  
GLU N   CA   sing N N 89  
GLU N   H    sing N N 90  
GLU N   H2   sing N N 91  
GLU CA  C    sing N N 92  
GLU CA  CB   sing N N 93  
GLU CA  HA   sing N N 94  
GLU C   O    doub N N 95  
GLU C   OXT  sing N N 96  
GLU CB  CG   sing N N 97  
GLU CB  HB2  sing N N 98  
GLU CB  HB3  sing N N 99  
GLU CG  CD   sing N N 100 
GLU CG  HG2  sing N N 101 
GLU CG  HG3  sing N N 102 
GLU CD  OE1  doub N N 103 
GLU CD  OE2  sing N N 104 
GLU OE2 HE2  sing N N 105 
GLU OXT HXT  sing N N 106 
GLY N   CA   sing N N 107 
GLY N   H    sing N N 108 
GLY N   H2   sing N N 109 
GLY CA  C    sing N N 110 
GLY CA  HA2  sing N N 111 
GLY CA  HA3  sing N N 112 
GLY C   O    doub N N 113 
GLY C   OXT  sing N N 114 
GLY OXT HXT  sing N N 115 
HOH O   H1   sing N N 116 
HOH O   H2   sing N N 117 
ILE N   CA   sing N N 118 
ILE N   H    sing N N 119 
ILE N   H2   sing N N 120 
ILE CA  C    sing N N 121 
ILE CA  CB   sing N N 122 
ILE CA  HA   sing N N 123 
ILE C   O    doub N N 124 
ILE C   OXT  sing N N 125 
ILE CB  CG1  sing N N 126 
ILE CB  CG2  sing N N 127 
ILE CB  HB   sing N N 128 
ILE CG1 CD1  sing N N 129 
ILE CG1 HG12 sing N N 130 
ILE CG1 HG13 sing N N 131 
ILE CG2 HG21 sing N N 132 
ILE CG2 HG22 sing N N 133 
ILE CG2 HG23 sing N N 134 
ILE CD1 HD11 sing N N 135 
ILE CD1 HD12 sing N N 136 
ILE CD1 HD13 sing N N 137 
ILE OXT HXT  sing N N 138 
LEU N   CA   sing N N 139 
LEU N   H    sing N N 140 
LEU N   H2   sing N N 141 
LEU CA  C    sing N N 142 
LEU CA  CB   sing N N 143 
LEU CA  HA   sing N N 144 
LEU C   O    doub N N 145 
LEU C   OXT  sing N N 146 
LEU CB  CG   sing N N 147 
LEU CB  HB2  sing N N 148 
LEU CB  HB3  sing N N 149 
LEU CG  CD1  sing N N 150 
LEU CG  CD2  sing N N 151 
LEU CG  HG   sing N N 152 
LEU CD1 HD11 sing N N 153 
LEU CD1 HD12 sing N N 154 
LEU CD1 HD13 sing N N 155 
LEU CD2 HD21 sing N N 156 
LEU CD2 HD22 sing N N 157 
LEU CD2 HD23 sing N N 158 
LEU OXT HXT  sing N N 159 
LYS N   CA   sing N N 160 
LYS N   H    sing N N 161 
LYS N   H2   sing N N 162 
LYS CA  C    sing N N 163 
LYS CA  CB   sing N N 164 
LYS CA  HA   sing N N 165 
LYS C   O    doub N N 166 
LYS C   OXT  sing N N 167 
LYS CB  CG   sing N N 168 
LYS CB  HB2  sing N N 169 
LYS CB  HB3  sing N N 170 
LYS CG  CD   sing N N 171 
LYS CG  HG2  sing N N 172 
LYS CG  HG3  sing N N 173 
LYS CD  CE   sing N N 174 
LYS CD  HD2  sing N N 175 
LYS CD  HD3  sing N N 176 
LYS CE  NZ   sing N N 177 
LYS CE  HE2  sing N N 178 
LYS CE  HE3  sing N N 179 
LYS NZ  HZ1  sing N N 180 
LYS NZ  HZ2  sing N N 181 
LYS NZ  HZ3  sing N N 182 
LYS OXT HXT  sing N N 183 
MET N   CA   sing N N 184 
MET N   H    sing N N 185 
MET N   H2   sing N N 186 
MET CA  C    sing N N 187 
MET CA  CB   sing N N 188 
MET CA  HA   sing N N 189 
MET C   O    doub N N 190 
MET C   OXT  sing N N 191 
MET CB  CG   sing N N 192 
MET CB  HB2  sing N N 193 
MET CB  HB3  sing N N 194 
MET CG  SD   sing N N 195 
MET CG  HG2  sing N N 196 
MET CG  HG3  sing N N 197 
MET SD  CE   sing N N 198 
MET CE  HE1  sing N N 199 
MET CE  HE2  sing N N 200 
MET CE  HE3  sing N N 201 
MET OXT HXT  sing N N 202 
PHE N   CA   sing N N 203 
PHE N   H    sing N N 204 
PHE N   H2   sing N N 205 
PHE CA  C    sing N N 206 
PHE CA  CB   sing N N 207 
PHE CA  HA   sing N N 208 
PHE C   O    doub N N 209 
PHE C   OXT  sing N N 210 
PHE CB  CG   sing N N 211 
PHE CB  HB2  sing N N 212 
PHE CB  HB3  sing N N 213 
PHE CG  CD1  doub Y N 214 
PHE CG  CD2  sing Y N 215 
PHE CD1 CE1  sing Y N 216 
PHE CD1 HD1  sing N N 217 
PHE CD2 CE2  doub Y N 218 
PHE CD2 HD2  sing N N 219 
PHE CE1 CZ   doub Y N 220 
PHE CE1 HE1  sing N N 221 
PHE CE2 CZ   sing Y N 222 
PHE CE2 HE2  sing N N 223 
PHE CZ  HZ   sing N N 224 
PHE OXT HXT  sing N N 225 
PRO N   CA   sing N N 226 
PRO N   CD   sing N N 227 
PRO N   H    sing N N 228 
PRO CA  C    sing N N 229 
PRO CA  CB   sing N N 230 
PRO CA  HA   sing N N 231 
PRO C   O    doub N N 232 
PRO C   OXT  sing N N 233 
PRO CB  CG   sing N N 234 
PRO CB  HB2  sing N N 235 
PRO CB  HB3  sing N N 236 
PRO CG  CD   sing N N 237 
PRO CG  HG2  sing N N 238 
PRO CG  HG3  sing N N 239 
PRO CD  HD2  sing N N 240 
PRO CD  HD3  sing N N 241 
PRO OXT HXT  sing N N 242 
SER N   CA   sing N N 243 
SER N   H    sing N N 244 
SER N   H2   sing N N 245 
SER CA  C    sing N N 246 
SER CA  CB   sing N N 247 
SER CA  HA   sing N N 248 
SER C   O    doub N N 249 
SER C   OXT  sing N N 250 
SER CB  OG   sing N N 251 
SER CB  HB2  sing N N 252 
SER CB  HB3  sing N N 253 
SER OG  HG   sing N N 254 
SER OXT HXT  sing N N 255 
THR N   CA   sing N N 256 
THR N   H    sing N N 257 
THR N   H2   sing N N 258 
THR CA  C    sing N N 259 
THR CA  CB   sing N N 260 
THR CA  HA   sing N N 261 
THR C   O    doub N N 262 
THR C   OXT  sing N N 263 
THR CB  OG1  sing N N 264 
THR CB  CG2  sing N N 265 
THR CB  HB   sing N N 266 
THR OG1 HG1  sing N N 267 
THR CG2 HG21 sing N N 268 
THR CG2 HG22 sing N N 269 
THR CG2 HG23 sing N N 270 
THR OXT HXT  sing N N 271 
TYR N   CA   sing N N 272 
TYR N   H    sing N N 273 
TYR N   H2   sing N N 274 
TYR CA  C    sing N N 275 
TYR CA  CB   sing N N 276 
TYR CA  HA   sing N N 277 
TYR C   O    doub N N 278 
TYR C   OXT  sing N N 279 
TYR CB  CG   sing N N 280 
TYR CB  HB2  sing N N 281 
TYR CB  HB3  sing N N 282 
TYR CG  CD1  doub Y N 283 
TYR CG  CD2  sing Y N 284 
TYR CD1 CE1  sing Y N 285 
TYR CD1 HD1  sing N N 286 
TYR CD2 CE2  doub Y N 287 
TYR CD2 HD2  sing N N 288 
TYR CE1 CZ   doub Y N 289 
TYR CE1 HE1  sing N N 290 
TYR CE2 CZ   sing Y N 291 
TYR CE2 HE2  sing N N 292 
TYR CZ  OH   sing N N 293 
TYR OH  HH   sing N N 294 
TYR OXT HXT  sing N N 295 
VAL N   CA   sing N N 296 
VAL N   H    sing N N 297 
VAL N   H2   sing N N 298 
VAL CA  C    sing N N 299 
VAL CA  CB   sing N N 300 
VAL CA  HA   sing N N 301 
VAL C   O    doub N N 302 
VAL C   OXT  sing N N 303 
VAL CB  CG1  sing N N 304 
VAL CB  CG2  sing N N 305 
VAL CB  HB   sing N N 306 
VAL CG1 HG11 sing N N 307 
VAL CG1 HG12 sing N N 308 
VAL CG1 HG13 sing N N 309 
VAL CG2 HG21 sing N N 310 
VAL CG2 HG22 sing N N 311 
VAL CG2 HG23 sing N N 312 
VAL OXT HXT  sing N N 313 
# 
_atom_sites.entry_id                    1QB2 
_atom_sites.fract_transf_matrix[1][1]   0.01066910 
_atom_sites.fract_transf_matrix[1][2]   -0.03003093 
_atom_sites.fract_transf_matrix[1][3]   -0.01344550 
_atom_sites.fract_transf_matrix[2][1]   -0.00966320 
_atom_sites.fract_transf_matrix[2][2]   0.00235078 
_atom_sites.fract_transf_matrix[2][3]   -0.01291837 
_atom_sites.fract_transf_matrix[3][1]   0.00575783 
_atom_sites.fract_transf_matrix[3][2]   0.00367454 
_atom_sites.fract_transf_matrix[3][3]   -0.00363831 
_atom_sites.fract_transf_vector[1]      0.268880 
_atom_sites.fract_transf_vector[2]      0.516052 
_atom_sites.fract_transf_vector[3]      0.279471 
# 
loop_
_atom_type.symbol 
C 
N 
O 
S 
# 
loop_
_atom_site.group_PDB 
_atom_site.id 
_atom_site.type_symbol 
_atom_site.label_atom_id 
_atom_site.label_alt_id 
_atom_site.label_comp_id 
_atom_site.label_asym_id 
_atom_site.label_entity_id 
_atom_site.label_seq_id 
_atom_site.pdbx_PDB_ins_code 
_atom_site.Cartn_x 
_atom_site.Cartn_y 
_atom_site.Cartn_z 
_atom_site.occupancy 
_atom_site.B_iso_or_equiv 
_atom_site.pdbx_formal_charge 
_atom_site.auth_seq_id 
_atom_site.auth_comp_id 
_atom_site.auth_asym_id 
_atom_site.auth_atom_id 
_atom_site.pdbx_PDB_model_num 
ATOM   1    N N   . GLN A 1 1   ? 4.855   12.419  -15.285 1.00 68.99  ? 326 GLN A N   1 
ATOM   2    C CA  . GLN A 1 1   ? 6.237   12.675  -14.786 1.00 71.19  ? 326 GLN A CA  1 
ATOM   3    C C   . GLN A 1 1   ? 6.447   12.126  -13.379 1.00 64.81  ? 326 GLN A C   1 
ATOM   4    O O   . GLN A 1 1   ? 5.788   12.564  -12.434 1.00 63.59  ? 326 GLN A O   1 
ATOM   5    C CB  . GLN A 1 1   ? 6.526   14.176  -14.786 1.00 78.80  ? 326 GLN A CB  1 
ATOM   6    C CG  . GLN A 1 1   ? 6.427   14.834  -16.159 1.00 93.50  ? 326 GLN A CG  1 
ATOM   7    C CD  . GLN A 1 1   ? 6.702   16.325  -16.109 1.00 99.85  ? 326 GLN A CD  1 
ATOM   8    O OE1 . GLN A 1 1   ? 6.995   16.876  -15.052 1.00 100.00 ? 326 GLN A OE1 1 
ATOM   9    N NE2 . GLN A 1 1   ? 6.603   16.987  -17.258 1.00 100.00 ? 326 GLN A NE2 1 
ATOM   10   N N   . PHE A 1 2   ? 7.390   11.193  -13.248 1.00 60.49  ? 327 PHE A N   1 
ATOM   11   C CA  . PHE A 1 2   ? 7.709   10.558  -11.967 1.00 54.08  ? 327 PHE A CA  1 
ATOM   12   C C   . PHE A 1 2   ? 9.077   11.019  -11.447 1.00 50.05  ? 327 PHE A C   1 
ATOM   13   O O   . PHE A 1 2   ? 10.117  10.587  -11.940 1.00 49.09  ? 327 PHE A O   1 
ATOM   14   C CB  . PHE A 1 2   ? 7.693   9.031   -12.126 1.00 52.12  ? 327 PHE A CB  1 
ATOM   15   C CG  . PHE A 1 2   ? 7.677   8.276   -10.823 1.00 54.71  ? 327 PHE A CG  1 
ATOM   16   C CD1 . PHE A 1 2   ? 6.581   8.358   -9.968  1.00 54.95  ? 327 PHE A CD1 1 
ATOM   17   C CD2 . PHE A 1 2   ? 8.745   7.458   -10.462 1.00 57.26  ? 327 PHE A CD2 1 
ATOM   18   C CE1 . PHE A 1 2   ? 6.547   7.636   -8.775  1.00 57.45  ? 327 PHE A CE1 1 
ATOM   19   C CE2 . PHE A 1 2   ? 8.721   6.732   -9.270  1.00 57.84  ? 327 PHE A CE2 1 
ATOM   20   C CZ  . PHE A 1 2   ? 7.620   6.822   -8.425  1.00 57.91  ? 327 PHE A CZ  1 
ATOM   21   N N   . THR A 1 3   ? 9.065   11.886  -10.440 1.00 46.57  ? 328 THR A N   1 
ATOM   22   C CA  . THR A 1 3   ? 10.297  12.411  -9.856  1.00 39.66  ? 328 THR A CA  1 
ATOM   23   C C   . THR A 1 3   ? 10.822  11.506  -8.741  1.00 39.29  ? 328 THR A C   1 
ATOM   24   O O   . THR A 1 3   ? 10.232  10.460  -8.446  1.00 37.32  ? 328 THR A O   1 
ATOM   25   C CB  . THR A 1 3   ? 10.078  13.834  -9.301  1.00 42.64  ? 328 THR A CB  1 
ATOM   26   O OG1 . THR A 1 3   ? 9.237   13.773  -8.143  1.00 40.80  ? 328 THR A OG1 1 
ATOM   27   C CG2 . THR A 1 3   ? 9.413   14.732  -10.359 1.00 27.45  ? 328 THR A CG2 1 
ATOM   28   N N   . LEU A 1 4   ? 11.951  11.886  -8.148  1.00 32.50  ? 329 LEU A N   1 
ATOM   29   C CA  . LEU A 1 4   ? 12.537  11.102  -7.065  1.00 32.70  ? 329 LEU A CA  1 
ATOM   30   C C   . LEU A 1 4   ? 11.787  11.368  -5.768  1.00 33.72  ? 329 LEU A C   1 
ATOM   31   O O   . LEU A 1 4   ? 11.798  10.535  -4.860  1.00 36.21  ? 329 LEU A O   1 
ATOM   32   C CB  . LEU A 1 4   ? 14.028  11.411  -6.899  1.00 32.61  ? 329 LEU A CB  1 
ATOM   33   C CG  . LEU A 1 4   ? 15.028  10.539  -7.667  1.00 32.43  ? 329 LEU A CG  1 
ATOM   34   C CD1 . LEU A 1 4   ? 16.395  11.193  -7.645  1.00 35.75  ? 329 LEU A CD1 1 
ATOM   35   C CD2 . LEU A 1 4   ? 15.106  9.144   -7.063  1.00 26.75  ? 329 LEU A CD2 1 
ATOM   36   N N   . ARG A 1 5   ? 11.170  12.547  -5.673  1.00 32.45  ? 330 ARG A N   1 
ATOM   37   C CA  . ARG A 1 5   ? 10.383  12.907  -4.501  1.00 36.15  ? 330 ARG A CA  1 
ATOM   38   C C   . ARG A 1 5   ? 9.090   12.089  -4.580  1.00 36.04  ? 330 ARG A C   1 
ATOM   39   O O   . ARG A 1 5   ? 8.580   11.621  -3.565  1.00 36.38  ? 330 ARG A O   1 
ATOM   40   C CB  . ARG A 1 5   ? 10.064  14.402  -4.487  1.00 35.79  ? 330 ARG A CB  1 
ATOM   41   C CG  . ARG A 1 5   ? 9.580   14.899  -3.130  1.00 41.32  ? 330 ARG A CG  1 
ATOM   42   C CD  . ARG A 1 5   ? 9.107   16.353  -3.168  1.00 40.45  ? 330 ARG A CD  1 
ATOM   43   N NE  . ARG A 1 5   ? 10.204  17.317  -3.245  1.00 38.52  ? 330 ARG A NE  1 
ATOM   44   C CZ  . ARG A 1 5   ? 10.978  17.676  -2.224  1.00 39.96  ? 330 ARG A CZ  1 
ATOM   45   N NH1 . ARG A 1 5   ? 10.799  17.155  -1.019  1.00 42.96  ? 330 ARG A NH1 1 
ATOM   46   N NH2 . ARG A 1 5   ? 11.919  18.588  -2.403  1.00 46.65  ? 330 ARG A NH2 1 
ATOM   47   N N   . ASP A 1 6   ? 8.588   11.907  -5.801  1.00 34.13  ? 331 ASP A N   1 
ATOM   48   C CA  . ASP A 1 6   ? 7.389   11.116  -6.050  1.00 36.87  ? 331 ASP A CA  1 
ATOM   49   C C   . ASP A 1 6   ? 7.631   9.679   -5.614  1.00 39.22  ? 331 ASP A C   1 
ATOM   50   O O   . ASP A 1 6   ? 6.727   9.027   -5.086  1.00 45.00  ? 331 ASP A O   1 
ATOM   51   C CB  . ASP A 1 6   ? 7.041   11.111  -7.534  1.00 34.52  ? 331 ASP A CB  1 
ATOM   52   C CG  . ASP A 1 6   ? 6.440   12.408  -8.000  1.00 38.30  ? 331 ASP A CG  1 
ATOM   53   O OD1 . ASP A 1 6   ? 6.150   13.282  -7.154  1.00 48.68  ? 331 ASP A OD1 1 
ATOM   54   O OD2 . ASP A 1 6   ? 6.248   12.546  -9.226  1.00 39.02  ? 331 ASP A OD2 1 
ATOM   55   N N   . MET A 1 7   ? 8.831   9.174   -5.892  1.00 33.26  ? 332 MET A N   1 
ATOM   56   C CA  . MET A 1 7   ? 9.177   7.824   -5.502  1.00 30.93  ? 332 MET A CA  1 
ATOM   57   C C   . MET A 1 7   ? 9.303   7.768   -3.986  1.00 35.48  ? 332 MET A C   1 
ATOM   58   O O   . MET A 1 7   ? 8.910   6.785   -3.361  1.00 38.76  ? 332 MET A O   1 
ATOM   59   C CB  . MET A 1 7   ? 10.479  7.370   -6.149  1.00 32.84  ? 332 MET A CB  1 
ATOM   60   C CG  . MET A 1 7   ? 10.833  5.935   -5.783  1.00 38.90  ? 332 MET A CG  1 
ATOM   61   S SD  . MET A 1 7   ? 12.220  5.208   -6.679  0.64 40.36  ? 332 MET A SD  1 
ATOM   62   C CE  . MET A 1 7   ? 13.498  5.292   -5.482  1.00 20.20  ? 332 MET A CE  1 
ATOM   63   N N   . TYR A 1 8   ? 9.826   8.840   -3.395  1.00 35.62  ? 333 TYR A N   1 
ATOM   64   C CA  . TYR A 1 8   ? 10.000  8.922   -1.943  1.00 34.12  ? 333 TYR A CA  1 
ATOM   65   C C   . TYR A 1 8   ? 8.637   8.799   -1.260  1.00 35.90  ? 333 TYR A C   1 
ATOM   66   O O   . TYR A 1 8   ? 8.481   8.054   -0.288  1.00 30.24  ? 333 TYR A O   1 
ATOM   67   C CB  . TYR A 1 8   ? 10.637  10.269  -1.562  1.00 27.32  ? 333 TYR A CB  1 
ATOM   68   C CG  . TYR A 1 8   ? 11.055  10.375  -0.114  1.00 21.12  ? 333 TYR A CG  1 
ATOM   69   C CD1 . TYR A 1 8   ? 12.275  9.868   0.314   1.00 20.40  ? 333 TYR A CD1 1 
ATOM   70   C CD2 . TYR A 1 8   ? 10.229  10.981  0.832   1.00 28.27  ? 333 TYR A CD2 1 
ATOM   71   C CE1 . TYR A 1 8   ? 12.667  9.954   1.651   1.00 22.48  ? 333 TYR A CE1 1 
ATOM   72   C CE2 . TYR A 1 8   ? 10.614  11.073  2.177   1.00 22.33  ? 333 TYR A CE2 1 
ATOM   73   C CZ  . TYR A 1 8   ? 11.833  10.557  2.573   1.00 19.83  ? 333 TYR A CZ  1 
ATOM   74   O OH  . TYR A 1 8   ? 12.231  10.650  3.887   1.00 23.69  ? 333 TYR A OH  1 
ATOM   75   N N   . GLU A 1 9   ? 7.666   9.538   -1.794  1.00 32.22  ? 334 GLU A N   1 
ATOM   76   C CA  . GLU A 1 9   ? 6.302   9.574   -1.277  1.00 38.09  ? 334 GLU A CA  1 
ATOM   77   C C   . GLU A 1 9   ? 5.566   8.245   -1.405  1.00 38.38  ? 334 GLU A C   1 
ATOM   78   O O   . GLU A 1 9   ? 4.868   7.833   -0.480  1.00 36.45  ? 334 GLU A O   1 
ATOM   79   C CB  . GLU A 1 9   ? 5.523   10.696  -1.957  1.00 41.40  ? 334 GLU A CB  1 
ATOM   80   C CG  . GLU A 1 9   ? 6.013   12.084  -1.548  1.00 52.75  ? 334 GLU A CG  1 
ATOM   81   C CD  . GLU A 1 9   ? 5.619   13.179  -2.528  1.00 60.43  ? 334 GLU A CD  1 
ATOM   82   O OE1 . GLU A 1 9   ? 4.870   12.904  -3.493  1.00 65.35  ? 334 GLU A OE1 1 
ATOM   83   O OE2 . GLU A 1 9   ? 6.074   14.327  -2.333  1.00 66.02  ? 334 GLU A OE2 1 
ATOM   84   N N   . GLN A 1 10  ? 5.733   7.574   -2.542  1.00 38.62  ? 335 GLN A N   1 
ATOM   85   C CA  . GLN A 1 10  ? 5.107   6.277   -2.750  1.00 37.43  ? 335 GLN A CA  1 
ATOM   86   C C   . GLN A 1 10  ? 5.660   5.291   -1.728  1.00 39.13  ? 335 GLN A C   1 
ATOM   87   O O   . GLN A 1 10  ? 4.923   4.454   -1.200  1.00 42.24  ? 335 GLN A O   1 
ATOM   88   C CB  . GLN A 1 10  ? 5.362   5.764   -4.166  1.00 38.40  ? 335 GLN A CB  1 
ATOM   89   C CG  . GLN A 1 10  ? 4.669   6.572   -5.232  1.00 44.03  ? 335 GLN A CG  1 
ATOM   90   C CD  . GLN A 1 10  ? 3.180   6.670   -4.998  1.00 49.03  ? 335 GLN A CD  1 
ATOM   91   O OE1 . GLN A 1 10  ? 2.528   5.683   -4.658  1.00 57.27  ? 335 GLN A OE1 1 
ATOM   92   N NE2 . GLN A 1 10  ? 2.631   7.868   -5.169  1.00 47.47  ? 335 GLN A NE2 1 
ATOM   93   N N   . PHE A 1 11  ? 6.954   5.408   -1.433  1.00 35.01  ? 336 PHE A N   1 
ATOM   94   C CA  . PHE A 1 11  ? 7.582   4.530   -0.452  1.00 34.68  ? 336 PHE A CA  1 
ATOM   95   C C   . PHE A 1 11  ? 6.994   4.769   0.939   1.00 38.42  ? 336 PHE A C   1 
ATOM   96   O O   . PHE A 1 11  ? 6.859   3.832   1.726   1.00 40.90  ? 336 PHE A O   1 
ATOM   97   C CB  . PHE A 1 11  ? 9.107   4.715   -0.423  1.00 32.86  ? 336 PHE A CB  1 
ATOM   98   C CG  . PHE A 1 11  ? 9.839   4.006   -1.542  1.00 29.07  ? 336 PHE A CG  1 
ATOM   99   C CD1 . PHE A 1 11  ? 9.160   3.544   -2.670  1.00 29.24  ? 336 PHE A CD1 1 
ATOM   100  C CD2 . PHE A 1 11  ? 11.222  3.833   -1.479  1.00 30.35  ? 336 PHE A CD2 1 
ATOM   101  C CE1 . PHE A 1 11  ? 9.848   2.926   -3.718  1.00 34.57  ? 336 PHE A CE1 1 
ATOM   102  C CE2 . PHE A 1 11  ? 11.918  3.214   -2.524  1.00 29.62  ? 336 PHE A CE2 1 
ATOM   103  C CZ  . PHE A 1 11  ? 11.229  2.761   -3.647  1.00 28.68  ? 336 PHE A CZ  1 
ATOM   104  N N   . GLN A 1 12  ? 6.640   6.017   1.239   1.00 37.11  ? 337 GLN A N   1 
ATOM   105  C CA  . GLN A 1 12  ? 6.057   6.340   2.537   1.00 37.91  ? 337 GLN A CA  1 
ATOM   106  C C   . GLN A 1 12  ? 4.687   5.697   2.677   1.00 36.97  ? 337 GLN A C   1 
ATOM   107  O O   . GLN A 1 12  ? 4.394   5.093   3.705   1.00 36.61  ? 337 GLN A O   1 
ATOM   108  C CB  . GLN A 1 12  ? 5.935   7.851   2.737   1.00 41.48  ? 337 GLN A CB  1 
ATOM   109  C CG  . GLN A 1 12  ? 7.234   8.541   3.155   1.00 50.09  ? 337 GLN A CG  1 
ATOM   110  C CD  . GLN A 1 12  ? 7.041   10.017  3.511   1.00 48.82  ? 337 GLN A CD  1 
ATOM   111  O OE1 . GLN A 1 12  ? 6.443   10.784  2.748   1.00 48.88  ? 337 GLN A OE1 1 
ATOM   112  N NE2 . GLN A 1 12  ? 7.565   10.418  4.667   1.00 46.06  ? 337 GLN A NE2 1 
ATOM   113  N N   . ASN A 1 13  ? 3.874   5.809   1.627   1.00 33.98  ? 338 ASN A N   1 
ATOM   114  C CA  . ASN A 1 13  ? 2.523   5.246   1.600   1.00 36.73  ? 338 ASN A CA  1 
ATOM   115  C C   . ASN A 1 13  ? 2.508   3.728   1.666   1.00 39.64  ? 338 ASN A C   1 
ATOM   116  O O   . ASN A 1 13  ? 1.617   3.138   2.276   1.00 41.77  ? 338 ASN A O   1 
ATOM   117  C CB  . ASN A 1 13  ? 1.777   5.703   0.352   1.00 31.40  ? 338 ASN A CB  1 
ATOM   118  C CG  . ASN A 1 13  ? 1.502   7.194   0.356   1.00 32.21  ? 338 ASN A CG  1 
ATOM   119  O OD1 . ASN A 1 13  ? 1.695   7.870   1.368   1.00 37.35  ? 338 ASN A OD1 1 
ATOM   120  N ND2 . ASN A 1 13  ? 1.052   7.714   -0.782  1.00 33.50  ? 338 ASN A ND2 1 
ATOM   121  N N   . ILE A 1 14  ? 3.488   3.100   1.027   1.00 37.30  ? 339 ILE A N   1 
ATOM   122  C CA  . ILE A 1 14  ? 3.592   1.647   1.027   1.00 34.93  ? 339 ILE A CA  1 
ATOM   123  C C   . ILE A 1 14  ? 3.999   1.119   2.411   1.00 38.60  ? 339 ILE A C   1 
ATOM   124  O O   . ILE A 1 14  ? 3.473   0.105   2.873   1.00 39.44  ? 339 ILE A O   1 
ATOM   125  C CB  . ILE A 1 14  ? 4.573   1.171   -0.069  1.00 34.73  ? 339 ILE A CB  1 
ATOM   126  C CG1 . ILE A 1 14  ? 3.962   1.451   -1.444  1.00 35.10  ? 339 ILE A CG1 1 
ATOM   127  C CG2 . ILE A 1 14  ? 4.912   -0.317  0.093   1.00 30.76  ? 339 ILE A CG2 1 
ATOM   128  C CD1 . ILE A 1 14  ? 4.838   1.045   -2.609  1.00 40.49  ? 339 ILE A CD1 1 
ATOM   129  N N   . MET A 1 15  ? 4.907   1.823   3.082   1.00 34.55  ? 340 MET A N   1 
ATOM   130  C CA  . MET A 1 15  ? 5.355   1.424   4.414   1.00 39.52  ? 340 MET A CA  1 
ATOM   131  C C   . MET A 1 15  ? 4.229   1.590   5.423   1.00 40.94  ? 340 MET A C   1 
ATOM   132  O O   . MET A 1 15  ? 4.033   0.747   6.295   1.00 42.19  ? 340 MET A O   1 
ATOM   133  C CB  . MET A 1 15  ? 6.549   2.272   4.870   1.00 40.17  ? 340 MET A CB  1 
ATOM   134  C CG  . MET A 1 15  ? 7.903   1.871   4.278   1.00 43.49  ? 340 MET A CG  1 
ATOM   135  S SD  . MET A 1 15  ? 9.241   2.876   4.956   0.60 40.93  ? 340 MET A SD  1 
ATOM   136  C CE  . MET A 1 15  ? 9.662   1.972   6.436   1.00 38.18  ? 340 MET A CE  1 
ATOM   137  N N   . LYS A 1 16  ? 3.503   2.699   5.289   1.00 45.82  ? 341 LYS A N   1 
ATOM   138  C CA  . LYS A 1 16  ? 2.386   3.050   6.164   1.00 48.14  ? 341 LYS A CA  1 
ATOM   139  C C   . LYS A 1 16  ? 1.283   1.988   6.166   1.00 47.26  ? 341 LYS A C   1 
ATOM   140  O O   . LYS A 1 16  ? 0.792   1.596   7.224   1.00 50.69  ? 341 LYS A O   1 
ATOM   141  C CB  . LYS A 1 16  ? 1.803   4.396   5.727   1.00 47.64  ? 341 LYS A CB  1 
ATOM   142  C CG  . LYS A 1 16  ? 0.717   4.952   6.632   1.00 57.96  ? 341 LYS A CG  1 
ATOM   143  C CD  . LYS A 1 16  ? 0.039   6.162   5.993   1.00 62.94  ? 341 LYS A CD  1 
ATOM   144  C CE  . LYS A 1 16  ? -0.669  5.774   4.693   1.00 66.49  ? 341 LYS A CE  1 
ATOM   145  N NZ  . LYS A 1 16  ? -1.426  6.898   4.070   1.00 66.03  ? 341 LYS A NZ  1 
ATOM   146  N N   . MET A 1 17  ? 0.914   1.521   4.976   1.00 43.94  ? 342 MET A N   1 
ATOM   147  C CA  . MET A 1 17  ? -0.130  0.514   4.831   1.00 43.85  ? 342 MET A CA  1 
ATOM   148  C C   . MET A 1 17  ? 0.357   -0.906  5.103   1.00 45.60  ? 342 MET A C   1 
ATOM   149  O O   . MET A 1 17  ? -0.414  -1.862  5.024   1.00 45.86  ? 342 MET A O   1 
ATOM   150  C CB  . MET A 1 17  ? -0.773  0.604   3.441   1.00 40.40  ? 342 MET A CB  1 
ATOM   151  C CG  . MET A 1 17  ? -1.478  1.935   3.160   1.00 47.72  ? 342 MET A CG  1 
ATOM   152  S SD  . MET A 1 17  ? -2.561  2.511   4.515   0.64 58.29  ? 342 MET A SD  1 
ATOM   153  C CE  . MET A 1 17  ? -3.703  1.114   4.660   1.00 50.63  ? 342 MET A CE  1 
ATOM   154  N N   . GLY A 1 18  ? 1.636   -1.032  5.446   1.00 47.24  ? 343 GLY A N   1 
ATOM   155  C CA  . GLY A 1 18  ? 2.216   -2.332  5.737   1.00 46.22  ? 343 GLY A CA  1 
ATOM   156  C C   . GLY A 1 18  ? 1.570   -3.068  6.903   1.00 48.90  ? 343 GLY A C   1 
ATOM   157  O O   . GLY A 1 18  ? 1.079   -4.182  6.707   1.00 48.37  ? 343 GLY A O   1 
ATOM   158  N N   . PRO A 1 19  ? 1.552   -2.482  8.121   1.00 48.60  ? 344 PRO A N   1 
ATOM   159  C CA  . PRO A 1 19  ? 0.955   -3.100  9.314   1.00 48.66  ? 344 PRO A CA  1 
ATOM   160  C C   . PRO A 1 19  ? -0.483  -3.539  9.038   1.00 49.74  ? 344 PRO A C   1 
ATOM   161  O O   . PRO A 1 19  ? -0.880  -4.665  9.345   1.00 51.40  ? 344 PRO A O   1 
ATOM   162  C CB  . PRO A 1 19  ? 0.978   -1.960  10.330  1.00 48.87  ? 344 PRO A CB  1 
ATOM   163  C CG  . PRO A 1 19  ? 2.171   -1.173  9.932   1.00 45.50  ? 344 PRO A CG  1 
ATOM   164  C CD  . PRO A 1 19  ? 2.050   -1.129  8.438   1.00 47.85  ? 344 PRO A CD  1 
ATOM   165  N N   . PHE A 1 20  ? -1.237  -2.634  8.425   1.00 46.57  ? 345 PHE A N   1 
ATOM   166  C CA  . PHE A 1 20  ? -2.622  -2.864  8.068   1.00 43.23  ? 345 PHE A CA  1 
ATOM   167  C C   . PHE A 1 20  ? -2.767  -4.072  7.147   1.00 44.51  ? 345 PHE A C   1 
ATOM   168  O O   . PHE A 1 20  ? -3.565  -4.969  7.411   1.00 44.43  ? 345 PHE A O   1 
ATOM   169  C CB  . PHE A 1 20  ? -3.176  -1.623  7.378   1.00 48.27  ? 345 PHE A CB  1 
ATOM   170  C CG  . PHE A 1 20  ? -4.647  -1.666  7.166   1.00 57.80  ? 345 PHE A CG  1 
ATOM   171  C CD1 . PHE A 1 20  ? -5.512  -1.164  8.131   1.00 62.69  ? 345 PHE A CD1 1 
ATOM   172  C CD2 . PHE A 1 20  ? -5.181  -2.246  6.022   1.00 63.30  ? 345 PHE A CD2 1 
ATOM   173  C CE1 . PHE A 1 20  ? -6.898  -1.247  7.962   1.00 69.49  ? 345 PHE A CE1 1 
ATOM   174  C CE2 . PHE A 1 20  ? -6.562  -2.335  5.841   1.00 69.40  ? 345 PHE A CE2 1 
ATOM   175  C CZ  . PHE A 1 20  ? -7.424  -1.836  6.817   1.00 69.36  ? 345 PHE A CZ  1 
ATOM   176  N N   . SER A 1 21  ? -1.994  -4.088  6.065   1.00 39.53  ? 346 SER A N   1 
ATOM   177  C CA  . SER A 1 21  ? -2.042  -5.185  5.103   1.00 46.64  ? 346 SER A CA  1 
ATOM   178  C C   . SER A 1 21  ? -1.673  -6.522  5.731   1.00 46.87  ? 346 SER A C   1 
ATOM   179  O O   . SER A 1 21  ? -2.174  -7.568  5.312   1.00 48.57  ? 346 SER A O   1 
ATOM   180  C CB  . SER A 1 21  ? -1.104  -4.917  3.916   1.00 48.94  ? 346 SER A CB  1 
ATOM   181  O OG  . SER A 1 21  ? -1.592  -3.878  3.090   1.00 55.44  ? 346 SER A OG  1 
ATOM   182  N N   . GLN A 1 22  ? -0.787  -6.486  6.723   1.00 45.95  ? 347 GLN A N   1 
ATOM   183  C CA  . GLN A 1 22  ? -0.346  -7.706  7.389   1.00 51.30  ? 347 GLN A CA  1 
ATOM   184  C C   . GLN A 1 22  ? -1.479  -8.301  8.220   1.00 52.44  ? 347 GLN A C   1 
ATOM   185  O O   . GLN A 1 22  ? -1.678  -9.520  8.232   1.00 54.89  ? 347 GLN A O   1 
ATOM   186  C CB  . GLN A 1 22  ? 0.893   -7.433  8.250   1.00 52.00  ? 347 GLN A CB  1 
ATOM   187  C CG  . GLN A 1 22  ? 1.717   -8.681  8.555   1.00 58.33  ? 347 GLN A CG  1 
ATOM   188  C CD  . GLN A 1 22  ? 3.185   -8.375  8.827   1.00 58.99  ? 347 GLN A CD  1 
ATOM   189  O OE1 . GLN A 1 22  ? 3.553   -7.933  9.912   1.00 63.93  ? 347 GLN A OE1 1 
ATOM   190  N NE2 . GLN A 1 22  ? 4.032   -8.624  7.835   1.00 56.62  ? 347 GLN A NE2 1 
ATOM   191  N N   . ILE A 1 23  ? -2.240  -7.429  8.879   1.00 48.42  ? 348 ILE A N   1 
ATOM   192  C CA  . ILE A 1 23  ? -3.369  -7.857  9.691   1.00 45.28  ? 348 ILE A CA  1 
ATOM   193  C C   . ILE A 1 23  ? -4.420  -8.541  8.814   1.00 44.29  ? 348 ILE A C   1 
ATOM   194  O O   . ILE A 1 23  ? -4.884  -9.632  9.133   1.00 47.07  ? 348 ILE A O   1 
ATOM   195  C CB  . ILE A 1 23  ? -4.020  -6.666  10.419  1.00 42.66  ? 348 ILE A CB  1 
ATOM   196  C CG1 . ILE A 1 23  ? -3.047  -6.071  11.430  1.00 39.43  ? 348 ILE A CG1 1 
ATOM   197  C CG2 . ILE A 1 23  ? -5.271  -7.112  11.143  1.00 48.95  ? 348 ILE A CG2 1 
ATOM   198  C CD1 . ILE A 1 23  ? -3.644  -4.932  12.227  1.00 39.04  ? 348 ILE A CD1 1 
ATOM   199  N N   . LEU A 1 24  ? -4.755  -7.906  7.694   1.00 41.33  ? 349 LEU A N   1 
ATOM   200  C CA  . LEU A 1 24  ? -5.749  -8.434  6.765   1.00 43.25  ? 349 LEU A CA  1 
ATOM   201  C C   . LEU A 1 24  ? -5.475  -9.860  6.326   1.00 47.75  ? 349 LEU A C   1 
ATOM   202  O O   . LEU A 1 24  ? -6.401  -10.658 6.196   1.00 51.37  ? 349 LEU A O   1 
ATOM   203  C CB  . LEU A 1 24  ? -5.849  -7.547  5.530   1.00 38.79  ? 349 LEU A CB  1 
ATOM   204  C CG  . LEU A 1 24  ? -6.549  -6.207  5.718   1.00 44.20  ? 349 LEU A CG  1 
ATOM   205  C CD1 . LEU A 1 24  ? -6.521  -5.434  4.415   1.00 47.63  ? 349 LEU A CD1 1 
ATOM   206  C CD2 . LEU A 1 24  ? -7.982  -6.431  6.171   1.00 44.71  ? 349 LEU A CD2 1 
ATOM   207  N N   . GLY A 1 25  ? -4.206  -10.165 6.069   1.00 49.63  ? 350 GLY A N   1 
ATOM   208  C CA  . GLY A 1 25  ? -3.833  -11.499 5.640   1.00 49.09  ? 350 GLY A CA  1 
ATOM   209  C C   . GLY A 1 25  ? -4.074  -12.540 6.715   1.00 51.31  ? 350 GLY A C   1 
ATOM   210  O O   . GLY A 1 25  ? -4.262  -13.715 6.404   1.00 52.00  ? 350 GLY A O   1 
ATOM   211  N N   . MET A 1 26  ? -4.057  -12.108 7.978   1.00 53.25  ? 351 MET A N   1 
ATOM   212  C CA  . MET A 1 26  ? -4.283  -12.993 9.127   1.00 54.42  ? 351 MET A CA  1 
ATOM   213  C C   . MET A 1 26  ? -5.759  -13.380 9.289   1.00 53.41  ? 351 MET A C   1 
ATOM   214  O O   . MET A 1 26  ? -6.083  -14.428 9.860   1.00 53.07  ? 351 MET A O   1 
ATOM   215  C CB  . MET A 1 26  ? -3.778  -12.335 10.417  1.00 51.65  ? 351 MET A CB  1 
ATOM   216  C CG  . MET A 1 26  ? -2.289  -12.010 10.410  1.00 55.07  ? 351 MET A CG  1 
ATOM   217  S SD  . MET A 1 26  ? -1.613  -11.729 12.067  0.57 62.68  ? 351 MET A SD  1 
ATOM   218  C CE  . MET A 1 26  ? -2.182  -10.076 12.401  1.00 59.56  ? 351 MET A CE  1 
ATOM   219  N N   . ILE A 1 27  ? -6.636  -12.529 8.765   1.00 52.65  ? 352 ILE A N   1 
ATOM   220  C CA  . ILE A 1 27  ? -8.078  -12.734 8.831   1.00 49.89  ? 352 ILE A CA  1 
ATOM   221  C C   . ILE A 1 27  ? -8.575  -13.621 7.695   1.00 49.64  ? 352 ILE A C   1 
ATOM   222  O O   . ILE A 1 27  ? -8.213  -13.425 6.528   1.00 43.27  ? 352 ILE A O   1 
ATOM   223  C CB  . ILE A 1 27  ? -8.833  -11.383 8.777   1.00 44.51  ? 352 ILE A CB  1 
ATOM   224  C CG1 . ILE A 1 27  ? -8.320  -10.456 9.872   1.00 38.07  ? 352 ILE A CG1 1 
ATOM   225  C CG2 . ILE A 1 27  ? -10.329 -11.595 8.961   1.00 48.36  ? 352 ILE A CG2 1 
ATOM   226  C CD1 . ILE A 1 27  ? -8.912  -9.080  9.811   1.00 44.48  ? 352 ILE A CD1 1 
ATOM   227  N N   . PRO A 1 28  ? -9.407  -14.621 8.030   1.00 53.32  ? 353 PRO A N   1 
ATOM   228  C CA  . PRO A 1 28  ? -9.984  -15.568 7.071   1.00 55.90  ? 353 PRO A CA  1 
ATOM   229  C C   . PRO A 1 28  ? -10.773 -14.884 5.943   1.00 57.07  ? 353 PRO A C   1 
ATOM   230  O O   . PRO A 1 28  ? -11.406 -13.842 6.151   1.00 53.77  ? 353 PRO A O   1 
ATOM   231  C CB  . PRO A 1 28  ? -10.897 -16.418 7.956   1.00 57.07  ? 353 PRO A CB  1 
ATOM   232  C CG  . PRO A 1 28  ? -10.161 -16.442 9.259   1.00 55.00  ? 353 PRO A CG  1 
ATOM   233  C CD  . PRO A 1 28  ? -9.763  -14.996 9.411   1.00 50.92  ? 353 PRO A CD  1 
ATOM   234  N N   . GLY A 1 29  ? -10.698 -15.470 4.748   1.00 57.80  ? 354 GLY A N   1 
ATOM   235  C CA  . GLY A 1 29  ? -11.405 -14.936 3.594   1.00 58.20  ? 354 GLY A CA  1 
ATOM   236  C C   . GLY A 1 29  ? -10.709 -13.811 2.846   1.00 61.05  ? 354 GLY A C   1 
ATOM   237  O O   . GLY A 1 29  ? -11.250 -13.293 1.868   1.00 59.30  ? 354 GLY A O   1 
ATOM   238  N N   . PHE A 1 30  ? -9.512  -13.436 3.292   1.00 62.84  ? 355 PHE A N   1 
ATOM   239  C CA  . PHE A 1 30  ? -8.764  -12.360 2.650   1.00 62.37  ? 355 PHE A CA  1 
ATOM   240  C C   . PHE A 1 30  ? -7.640  -12.813 1.731   1.00 65.95  ? 355 PHE A C   1 
ATOM   241  O O   . PHE A 1 30  ? -7.303  -12.130 0.759   1.00 69.16  ? 355 PHE A O   1 
ATOM   242  C CB  . PHE A 1 30  ? -8.222  -11.399 3.701   1.00 53.47  ? 355 PHE A CB  1 
ATOM   243  C CG  . PHE A 1 30  ? -9.117  -10.224 3.949   1.00 54.95  ? 355 PHE A CG  1 
ATOM   244  C CD1 . PHE A 1 30  ? -9.495  -9.392  2.894   1.00 50.44  ? 355 PHE A CD1 1 
ATOM   245  C CD2 . PHE A 1 30  ? -9.600  -9.953  5.224   1.00 56.19  ? 355 PHE A CD2 1 
ATOM   246  C CE1 . PHE A 1 30  ? -10.341 -8.308  3.101   1.00 46.91  ? 355 PHE A CE1 1 
ATOM   247  C CE2 . PHE A 1 30  ? -10.451 -8.867  5.444   1.00 57.79  ? 355 PHE A CE2 1 
ATOM   248  C CZ  . PHE A 1 30  ? -10.822 -8.043  4.377   1.00 51.87  ? 355 PHE A CZ  1 
ATOM   249  N N   . GLY A 1 31  ? -7.081  -13.978 2.022   1.00 64.39  ? 356 GLY A N   1 
ATOM   250  C CA  . GLY A 1 31  ? -5.988  -14.482 1.223   1.00 63.88  ? 356 GLY A CA  1 
ATOM   251  C C   . GLY A 1 31  ? -4.759  -14.505 2.100   1.00 66.31  ? 356 GLY A C   1 
ATOM   252  O O   . GLY A 1 31  ? -4.469  -13.540 2.812   1.00 66.05  ? 356 GLY A O   1 
ATOM   253  N N   . THR A 1 32  ? -4.065  -15.636 2.079   1.00 70.32  ? 357 THR A N   1 
ATOM   254  C CA  . THR A 1 32  ? -2.855  -15.836 2.869   1.00 72.33  ? 357 THR A CA  1 
ATOM   255  C C   . THR A 1 32  ? -1.739  -14.886 2.427   1.00 72.14  ? 357 THR A C   1 
ATOM   256  O O   . THR A 1 32  ? -0.962  -14.390 3.247   1.00 70.14  ? 357 THR A O   1 
ATOM   257  C CB  . THR A 1 32  ? -2.375  -17.297 2.739   1.00 73.11  ? 357 THR A CB  1 
ATOM   258  O OG1 . THR A 1 32  ? -2.128  -17.599 1.359   1.00 69.85  ? 357 THR A OG1 1 
ATOM   259  C CG2 . THR A 1 32  ? -3.446  -18.252 3.265   1.00 74.07  ? 357 THR A CG2 1 
ATOM   260  N N   . ASP A 1 33  ? -1.685  -14.637 1.120   1.00 72.74  ? 358 ASP A N   1 
ATOM   261  C CA  . ASP A 1 33  ? -0.693  -13.755 0.518   1.00 68.71  ? 358 ASP A CA  1 
ATOM   262  C C   . ASP A 1 33  ? -1.338  -12.438 0.104   1.00 64.03  ? 358 ASP A C   1 
ATOM   263  O O   . ASP A 1 33  ? -1.055  -11.913 -0.973  1.00 64.91  ? 358 ASP A O   1 
ATOM   264  C CB  . ASP A 1 33  ? -0.084  -14.418 -0.721  1.00 73.31  ? 358 ASP A CB  1 
ATOM   265  C CG  . ASP A 1 33  ? 0.713   -15.669 -0.394  1.00 81.87  ? 358 ASP A CG  1 
ATOM   266  O OD1 . ASP A 1 33  ? 0.860   -16.010 0.804   1.00 87.16  ? 358 ASP A OD1 1 
ATOM   267  O OD2 . ASP A 1 33  ? 1.202   -16.313 -1.349  1.00 84.86  ? 358 ASP A OD2 1 
ATOM   268  N N   . PHE A 1 34  ? -2.215  -11.910 0.952   1.00 58.78  ? 359 PHE A N   1 
ATOM   269  C CA  . PHE A 1 34  ? -2.890  -10.657 0.645   1.00 54.42  ? 359 PHE A CA  1 
ATOM   270  C C   . PHE A 1 34  ? -1.919  -9.489  0.425   1.00 54.20  ? 359 PHE A C   1 
ATOM   271  O O   . PHE A 1 34  ? -1.096  -9.169  1.291   1.00 50.50  ? 359 PHE A O   1 
ATOM   272  C CB  . PHE A 1 34  ? -3.904  -10.305 1.735   1.00 49.15  ? 359 PHE A CB  1 
ATOM   273  C CG  . PHE A 1 34  ? -4.628  -9.013  1.483   1.00 43.11  ? 359 PHE A CG  1 
ATOM   274  C CD1 . PHE A 1 34  ? -5.736  -8.975  0.642   1.00 35.83  ? 359 PHE A CD1 1 
ATOM   275  C CD2 . PHE A 1 34  ? -4.164  -7.819  2.045   1.00 39.86  ? 359 PHE A CD2 1 
ATOM   276  C CE1 . PHE A 1 34  ? -6.372  -7.773  0.356   1.00 36.32  ? 359 PHE A CE1 1 
ATOM   277  C CE2 . PHE A 1 34  ? -4.788  -6.613  1.767   1.00 33.13  ? 359 PHE A CE2 1 
ATOM   278  C CZ  . PHE A 1 34  ? -5.896  -6.589  0.918   1.00 36.45  ? 359 PHE A CZ  1 
ATOM   279  N N   . MET A 1 35  ? -2.047  -8.864  -0.744  1.00 55.21  ? 360 MET A N   1 
ATOM   280  C CA  . MET A 1 35  ? -1.231  -7.722  -1.160  1.00 57.56  ? 360 MET A CA  1 
ATOM   281  C C   . MET A 1 35  ? 0.261   -7.980  -1.252  1.00 56.62  ? 360 MET A C   1 
ATOM   282  O O   . MET A 1 35  ? 1.065   -7.055  -1.140  1.00 62.27  ? 360 MET A O   1 
ATOM   283  C CB  . MET A 1 35  ? -1.499  -6.494  -0.284  1.00 55.52  ? 360 MET A CB  1 
ATOM   284  C CG  . MET A 1 35  ? -2.597  -5.600  -0.825  1.00 55.71  ? 360 MET A CG  1 
ATOM   285  S SD  . MET A 1 35  ? -2.308  -5.111  -2.547  0.66 51.45  ? 360 MET A SD  1 
ATOM   286  C CE  . MET A 1 35  ? -3.891  -4.558  -2.986  1.00 51.46  ? 360 MET A CE  1 
ATOM   287  N N   . SER A 1 36  ? 0.628   -9.240  -1.456  1.00 57.60  ? 361 SER A N   1 
ATOM   288  C CA  . SER A 1 36  ? 2.029   -9.609  -1.580  1.00 56.53  ? 361 SER A CA  1 
ATOM   289  C C   . SER A 1 36  ? 2.358   -9.729  -3.063  1.00 53.57  ? 361 SER A C   1 
ATOM   290  O O   . SER A 1 36  ? 1.453   -9.765  -3.902  1.00 49.19  ? 361 SER A O   1 
ATOM   291  C CB  . SER A 1 36  ? 2.313   -10.927 -0.850  1.00 59.03  ? 361 SER A CB  1 
ATOM   292  O OG  . SER A 1 36  ? 1.723   -12.027 -1.520  1.00 64.47  ? 361 SER A OG  1 
ATOM   293  N N   . LYS A 1 37  ? 3.651   -9.796  -3.371  1.00 54.36  ? 362 LYS A N   1 
ATOM   294  C CA  . LYS A 1 37  ? 4.138   -9.895  -4.747  1.00 58.54  ? 362 LYS A CA  1 
ATOM   295  C C   . LYS A 1 37  ? 3.368   -10.935 -5.560  1.00 56.06  ? 362 LYS A C   1 
ATOM   296  O O   . LYS A 1 37  ? 3.173   -12.074 -5.120  1.00 47.20  ? 362 LYS A O   1 
ATOM   297  C CB  . LYS A 1 37  ? 5.651   -10.180 -4.758  1.00 63.51  ? 362 LYS A CB  1 
ATOM   298  C CG  . LYS A 1 37  ? 6.306   -10.167 -6.142  1.00 66.22  ? 362 LYS A CG  1 
ATOM   299  C CD  . LYS A 1 37  ? 7.828   -10.021 -6.059  1.00 70.02  ? 362 LYS A CD  1 
ATOM   300  C CE  . LYS A 1 37  ? 8.495   -11.095 -5.202  1.00 70.46  ? 362 LYS A CE  1 
ATOM   301  N NZ  . LYS A 1 37  ? 8.319   -12.471 -5.743  1.00 76.13  ? 362 LYS A NZ  1 
ATOM   302  N N   . GLY A 1 38  ? 2.887   -10.502 -6.723  1.00 55.45  ? 363 GLY A N   1 
ATOM   303  C CA  . GLY A 1 38  ? 2.122   -11.376 -7.591  1.00 59.90  ? 363 GLY A CA  1 
ATOM   304  C C   . GLY A 1 38  ? 0.637   -11.323 -7.285  1.00 65.16  ? 363 GLY A C   1 
ATOM   305  O O   . GLY A 1 38  ? -0.185  -11.424 -8.197  1.00 67.22  ? 363 GLY A O   1 
ATOM   306  N N   . ASN A 1 39  ? 0.291   -11.148 -6.006  1.00 63.64  ? 364 ASN A N   1 
ATOM   307  C CA  . ASN A 1 39  ? -1.105  -11.094 -5.573  1.00 61.30  ? 364 ASN A CA  1 
ATOM   308  C C   . ASN A 1 39  ? -1.712  -9.712  -5.388  1.00 59.86  ? 364 ASN A C   1 
ATOM   309  O O   . ASN A 1 39  ? -2.731  -9.574  -4.716  1.00 61.50  ? 364 ASN A O   1 
ATOM   310  C CB  . ASN A 1 39  ? -1.301  -11.898 -4.287  1.00 59.67  ? 364 ASN A CB  1 
ATOM   311  C CG  . ASN A 1 39  ? -1.223  -13.390 -4.521  1.00 64.61  ? 364 ASN A CG  1 
ATOM   312  O OD1 . ASN A 1 39  ? -0.196  -14.015 -4.261  1.00 70.35  ? 364 ASN A OD1 1 
ATOM   313  N ND2 . ASN A 1 39  ? -2.307  -13.971 -5.027  1.00 61.14  ? 364 ASN A ND2 1 
ATOM   314  N N   . GLU A 1 40  ? -1.125  -8.698  -6.012  1.00 58.57  ? 365 GLU A N   1 
ATOM   315  C CA  . GLU A 1 40  ? -1.654  -7.350  -5.868  1.00 59.27  ? 365 GLU A CA  1 
ATOM   316  C C   . GLU A 1 40  ? -3.015  -7.146  -6.533  1.00 59.12  ? 365 GLU A C   1 
ATOM   317  O O   . GLU A 1 40  ? -3.924  -6.589  -5.917  1.00 57.05  ? 365 GLU A O   1 
ATOM   318  C CB  . GLU A 1 40  ? -0.658  -6.301  -6.383  1.00 63.83  ? 365 GLU A CB  1 
ATOM   319  C CG  . GLU A 1 40  ? 0.522   -6.002  -5.443  1.00 65.88  ? 365 GLU A CG  1 
ATOM   320  C CD  . GLU A 1 40  ? 1.792   -6.805  -5.749  1.00 68.66  ? 365 GLU A CD  1 
ATOM   321  O OE1 . GLU A 1 40  ? 2.798   -6.595  -5.034  1.00 69.52  ? 365 GLU A OE1 1 
ATOM   322  O OE2 . GLU A 1 40  ? 1.799   -7.627  -6.698  1.00 62.85  ? 365 GLU A OE2 1 
ATOM   323  N N   . GLN A 1 41  ? -3.170  -7.635  -7.763  1.00 56.54  ? 366 GLN A N   1 
ATOM   324  C CA  . GLN A 1 41  ? -4.418  -7.458  -8.506  1.00 56.13  ? 366 GLN A CA  1 
ATOM   325  C C   . GLN A 1 41  ? -5.645  -8.125  -7.893  1.00 54.14  ? 366 GLN A C   1 
ATOM   326  O O   . GLN A 1 41  ? -6.674  -7.480  -7.700  1.00 52.37  ? 366 GLN A O   1 
ATOM   327  C CB  . GLN A 1 41  ? -4.243  -7.884  -9.962  1.00 57.71  ? 366 GLN A CB  1 
ATOM   328  C CG  . GLN A 1 41  ? -5.048  -7.025  -10.932 1.00 71.11  ? 366 GLN A CG  1 
ATOM   329  C CD  . GLN A 1 41  ? -4.801  -5.530  -10.732 1.00 74.94  ? 366 GLN A CD  1 
ATOM   330  O OE1 . GLN A 1 41  ? -5.680  -4.795  -10.272 1.00 76.29  ? 366 GLN A OE1 1 
ATOM   331  N NE2 . GLN A 1 41  ? -3.595  -5.079  -11.062 1.00 75.50  ? 366 GLN A NE2 1 
ATOM   332  N N   . GLU A 1 42  ? -5.531  -9.415  -7.596  1.00 51.66  ? 367 GLU A N   1 
ATOM   333  C CA  . GLU A 1 42  ? -6.613  -10.181 -6.983  1.00 47.80  ? 367 GLU A CA  1 
ATOM   334  C C   . GLU A 1 42  ? -7.015  -9.567  -5.646  1.00 42.36  ? 367 GLU A C   1 
ATOM   335  O O   . GLU A 1 42  ? -8.194  -9.457  -5.338  1.00 39.40  ? 367 GLU A O   1 
ATOM   336  C CB  . GLU A 1 42  ? -6.193  -11.636 -6.777  1.00 50.01  ? 367 GLU A CB  1 
ATOM   337  C CG  . GLU A 1 42  ? -4.786  -11.818 -6.216  1.00 63.36  ? 367 GLU A CG  1 
ATOM   338  C CD  . GLU A 1 42  ? -3.726  -12.021 -7.308  1.00 74.19  ? 367 GLU A CD  1 
ATOM   339  O OE1 . GLU A 1 42  ? -3.283  -13.174 -7.490  1.00 78.41  ? 367 GLU A OE1 1 
ATOM   340  O OE2 . GLU A 1 42  ? -3.317  -11.039 -7.973  1.00 69.60  ? 367 GLU A OE2 1 
ATOM   341  N N   . SER A 1 43  ? -6.025  -9.147  -4.866  1.00 41.31  ? 368 SER A N   1 
ATOM   342  C CA  . SER A 1 43  ? -6.282  -8.527  -3.573  1.00 40.92  ? 368 SER A CA  1 
ATOM   343  C C   . SER A 1 43  ? -7.079  -7.228  -3.713  1.00 42.76  ? 368 SER A C   1 
ATOM   344  O O   . SER A 1 43  ? -7.838  -6.867  -2.814  1.00 42.50  ? 368 SER A O   1 
ATOM   345  C CB  . SER A 1 43  ? -4.970  -8.251  -2.843  1.00 36.90  ? 368 SER A CB  1 
ATOM   346  O OG  . SER A 1 43  ? -4.266  -9.453  -2.595  1.00 40.84  ? 368 SER A OG  1 
ATOM   347  N N   . MET A 1 44  ? -6.907  -6.526  -4.833  1.00 43.44  ? 369 MET A N   1 
ATOM   348  C CA  . MET A 1 44  ? -7.630  -5.276  -5.065  1.00 43.44  ? 369 MET A CA  1 
ATOM   349  C C   . MET A 1 44  ? -9.082  -5.534  -5.464  1.00 41.08  ? 369 MET A C   1 
ATOM   350  O O   . MET A 1 44  ? -9.982  -4.793  -5.063  1.00 38.60  ? 369 MET A O   1 
ATOM   351  C CB  . MET A 1 44  ? -6.916  -4.399  -6.103  1.00 44.27  ? 369 MET A CB  1 
ATOM   352  C CG  . MET A 1 44  ? -5.613  -3.784  -5.584  1.00 46.19  ? 369 MET A CG  1 
ATOM   353  S SD  . MET A 1 44  ? -4.760  -2.632  -6.713  0.59 52.27  ? 369 MET A SD  1 
ATOM   354  C CE  . MET A 1 44  ? -3.886  -3.752  -7.784  1.00 30.29  ? 369 MET A CE  1 
ATOM   355  N N   . ALA A 1 45  ? -9.311  -6.589  -6.243  1.00 39.40  ? 370 ALA A N   1 
ATOM   356  C CA  . ALA A 1 45  ? -10.662 -6.957  -6.666  1.00 37.50  ? 370 ALA A CA  1 
ATOM   357  C C   . ALA A 1 45  ? -11.473 -7.288  -5.412  1.00 35.85  ? 370 ALA A C   1 
ATOM   358  O O   . ALA A 1 45  ? -12.635 -6.902  -5.289  1.00 34.63  ? 370 ALA A O   1 
ATOM   359  C CB  . ALA A 1 45  ? -10.609 -8.157  -7.586  1.00 32.21  ? 370 ALA A CB  1 
ATOM   360  N N   . ARG A 1 46  ? -10.815 -7.976  -4.478  1.00 38.57  ? 371 ARG A N   1 
ATOM   361  C CA  . ARG A 1 46  ? -11.383 -8.375  -3.190  1.00 41.78  ? 371 ARG A CA  1 
ATOM   362  C C   . ARG A 1 46  ? -11.922 -7.132  -2.487  1.00 41.64  ? 371 ARG A C   1 
ATOM   363  O O   . ARG A 1 46  ? -13.125 -7.025  -2.217  1.00 43.35  ? 371 ARG A O   1 
ATOM   364  C CB  . ARG A 1 46  ? -10.285 -8.977  -2.304  1.00 43.31  ? 371 ARG A CB  1 
ATOM   365  C CG  . ARG A 1 46  ? -10.568 -10.341 -1.724  1.00 52.63  ? 371 ARG A CG  1 
ATOM   366  C CD  . ARG A 1 46  ? -10.352 -11.434 -2.758  1.00 57.46  ? 371 ARG A CD  1 
ATOM   367  N NE  . ARG A 1 46  ? -9.452  -12.482 -2.273  1.00 59.93  ? 371 ARG A NE  1 
ATOM   368  C CZ  . ARG A 1 46  ? -9.769  -13.378 -1.341  1.00 61.27  ? 371 ARG A CZ  1 
ATOM   369  N NH1 . ARG A 1 46  ? -10.968 -13.364 -0.774  1.00 56.34  ? 371 ARG A NH1 1 
ATOM   370  N NH2 . ARG A 1 46  ? -8.884  -14.296 -0.979  1.00 64.79  ? 371 ARG A NH2 1 
ATOM   371  N N   . LEU A 1 47  ? -11.016 -6.188  -2.233  1.00 36.73  ? 372 LEU A N   1 
ATOM   372  C CA  . LEU A 1 47  ? -11.331 -4.935  -1.557  1.00 29.05  ? 372 LEU A CA  1 
ATOM   373  C C   . LEU A 1 47  ? -12.390 -4.127  -2.276  1.00 28.12  ? 372 LEU A C   1 
ATOM   374  O O   . LEU A 1 47  ? -13.243 -3.522  -1.636  1.00 30.13  ? 372 LEU A O   1 
ATOM   375  C CB  . LEU A 1 47  ? -10.079 -4.079  -1.401  1.00 31.22  ? 372 LEU A CB  1 
ATOM   376  C CG  . LEU A 1 47  ? -8.913  -4.647  -0.602  1.00 30.78  ? 372 LEU A CG  1 
ATOM   377  C CD1 . LEU A 1 47  ? -7.865  -3.571  -0.449  1.00 31.02  ? 372 LEU A CD1 1 
ATOM   378  C CD2 . LEU A 1 47  ? -9.384  -5.110  0.765   1.00 34.52  ? 372 LEU A CD2 1 
ATOM   379  N N   . LYS A 1 48  ? -12.342 -4.124  -3.605  1.00 26.39  ? 373 LYS A N   1 
ATOM   380  C CA  . LYS A 1 48  ? -13.316 -3.371  -4.376  1.00 29.68  ? 373 LYS A CA  1 
ATOM   381  C C   . LYS A 1 48  ? -14.732 -3.911  -4.145  1.00 32.82  ? 373 LYS A C   1 
ATOM   382  O O   . LYS A 1 48  ? -15.692 -3.143  -4.086  1.00 29.43  ? 373 LYS A O   1 
ATOM   383  C CB  . LYS A 1 48  ? -12.983 -3.415  -5.866  1.00 26.07  ? 373 LYS A CB  1 
ATOM   384  C CG  . LYS A 1 48  ? -13.733 -2.359  -6.650  1.00 37.05  ? 373 LYS A CG  1 
ATOM   385  C CD  . LYS A 1 48  ? -13.602 -2.523  -8.146  1.00 43.36  ? 373 LYS A CD  1 
ATOM   386  C CE  . LYS A 1 48  ? -14.373 -1.421  -8.877  1.00 50.23  ? 373 LYS A CE  1 
ATOM   387  N NZ  . LYS A 1 48  ? -15.800 -1.319  -8.441  1.00 58.65  ? 373 LYS A NZ  1 
ATOM   388  N N   . LYS A 1 49  ? -14.848 -5.236  -4.033  1.00 36.58  ? 374 LYS A N   1 
ATOM   389  C CA  . LYS A 1 49  ? -16.134 -5.880  -3.804  1.00 35.31  ? 374 LYS A CA  1 
ATOM   390  C C   . LYS A 1 49  ? -16.649 -5.493  -2.428  1.00 29.64  ? 374 LYS A C   1 
ATOM   391  O O   . LYS A 1 49  ? -17.828 -5.183  -2.271  1.00 36.79  ? 374 LYS A O   1 
ATOM   392  C CB  . LYS A 1 49  ? -16.025 -7.404  -3.918  1.00 38.14  ? 374 LYS A CB  1 
ATOM   393  C CG  . LYS A 1 49  ? -17.387 -8.097  -3.892  1.00 50.29  ? 374 LYS A CG  1 
ATOM   394  C CD  . LYS A 1 49  ? -17.283 -9.580  -4.222  1.00 63.75  ? 374 LYS A CD  1 
ATOM   395  C CE  . LYS A 1 49  ? -18.661 -10.257 -4.265  1.00 66.28  ? 374 LYS A CE  1 
ATOM   396  N NZ  . LYS A 1 49  ? -19.311 -10.343 -2.923  1.00 61.71  ? 374 LYS A NZ  1 
ATOM   397  N N   . LEU A 1 50  ? -15.761 -5.491  -1.438  1.00 21.57  ? 375 LEU A N   1 
ATOM   398  C CA  . LEU A 1 50  ? -16.139 -5.109  -0.084  1.00 21.99  ? 375 LEU A CA  1 
ATOM   399  C C   . LEU A 1 50  ? -16.532 -3.636  0.004   1.00 26.91  ? 375 LEU A C   1 
ATOM   400  O O   . LEU A 1 50  ? -17.381 -3.273  0.807   1.00 24.83  ? 375 LEU A O   1 
ATOM   401  C CB  . LEU A 1 50  ? -15.011 -5.400  0.905   1.00 18.15  ? 375 LEU A CB  1 
ATOM   402  C CG  . LEU A 1 50  ? -14.592 -6.861  1.029   1.00 24.35  ? 375 LEU A CG  1 
ATOM   403  C CD1 . LEU A 1 50  ? -13.470 -6.997  2.033   1.00 20.28  ? 375 LEU A CD1 1 
ATOM   404  C CD2 . LEU A 1 50  ? -15.798 -7.693  1.443   1.00 28.76  ? 375 LEU A CD2 1 
ATOM   405  N N   . MET A 1 51  ? -15.916 -2.793  -0.827  1.00 26.05  ? 376 MET A N   1 
ATOM   406  C CA  . MET A 1 51  ? -16.209 -1.360  -0.832  1.00 24.06  ? 376 MET A CA  1 
ATOM   407  C C   . MET A 1 51  ? -17.560 -1.086  -1.462  1.00 17.66  ? 376 MET A C   1 
ATOM   408  O O   . MET A 1 51  ? -18.284 -0.198  -1.019  1.00 19.32  ? 376 MET A O   1 
ATOM   409  C CB  . MET A 1 51  ? -15.101 -0.573  -1.560  1.00 27.59  ? 376 MET A CB  1 
ATOM   410  C CG  . MET A 1 51  ? -13.754 -0.529  -0.804  1.00 36.50  ? 376 MET A CG  1 
ATOM   411  S SD  . MET A 1 51  ? -12.362 0.263   -1.698  0.77 35.93  ? 376 MET A SD  1 
ATOM   412  C CE  . MET A 1 51  ? -12.889 1.960   -1.654  1.00 17.12  ? 376 MET A CE  1 
ATOM   413  N N   . THR A 1 52  ? -17.895 -1.830  -2.512  1.00 17.73  ? 377 THR A N   1 
ATOM   414  C CA  . THR A 1 52  ? -19.187 -1.655  -3.168  1.00 29.20  ? 377 THR A CA  1 
ATOM   415  C C   . THR A 1 52  ? -20.311 -2.076  -2.208  1.00 30.12  ? 377 THR A C   1 
ATOM   416  O O   . THR A 1 52  ? -21.422 -1.562  -2.282  1.00 34.44  ? 377 THR A O   1 
ATOM   417  C CB  . THR A 1 52  ? -19.289 -2.458  -4.482  1.00 33.47  ? 377 THR A CB  1 
ATOM   418  O OG1 . THR A 1 52  ? -19.051 -3.844  -4.216  1.00 50.49  ? 377 THR A OG1 1 
ATOM   419  C CG2 . THR A 1 52  ? -18.270 -1.960  -5.493  1.00 41.31  ? 377 THR A CG2 1 
ATOM   420  N N   . ILE A 1 53  ? -20.018 -3.027  -1.326  1.00 26.39  ? 378 ILE A N   1 
ATOM   421  C CA  . ILE A 1 53  ? -20.988 -3.472  -0.336  1.00 27.52  ? 378 ILE A CA  1 
ATOM   422  C C   . ILE A 1 53  ? -21.146 -2.330  0.673   1.00 26.43  ? 378 ILE A C   1 
ATOM   423  O O   . ILE A 1 53  ? -22.261 -1.874  0.943   1.00 26.12  ? 378 ILE A O   1 
ATOM   424  C CB  . ILE A 1 53  ? -20.503 -4.758  0.392   1.00 27.51  ? 378 ILE A CB  1 
ATOM   425  C CG1 . ILE A 1 53  ? -20.527 -5.961  -0.568  1.00 21.71  ? 378 ILE A CG1 1 
ATOM   426  C CG2 . ILE A 1 53  ? -21.353 -5.015  1.634   1.00 32.67  ? 378 ILE A CG2 1 
ATOM   427  C CD1 . ILE A 1 53  ? -19.955 -7.247  0.026   1.00 9.00   ? 378 ILE A CD1 1 
ATOM   428  N N   . MET A 1 54  ? -20.020 -1.828  1.181   1.00 24.96  ? 379 MET A N   1 
ATOM   429  C CA  . MET A 1 54  ? -20.020 -0.731  2.148   1.00 22.62  ? 379 MET A CA  1 
ATOM   430  C C   . MET A 1 54  ? -20.634 0.557   1.583   1.00 21.35  ? 379 MET A C   1 
ATOM   431  O O   . MET A 1 54  ? -20.986 1.458   2.337   1.00 28.84  ? 379 MET A O   1 
ATOM   432  C CB  . MET A 1 54  ? -18.600 -0.470  2.674   1.00 28.96  ? 379 MET A CB  1 
ATOM   433  C CG  . MET A 1 54  ? -17.929 -1.677  3.338   1.00 27.78  ? 379 MET A CG  1 
ATOM   434  S SD  . MET A 1 54  ? -16.428 -1.298  4.331   0.77 41.49  ? 379 MET A SD  1 
ATOM   435  C CE  . MET A 1 54  ? -17.128 -0.129  5.356   1.00 32.21  ? 379 MET A CE  1 
ATOM   436  N N   . ASP A 1 55  ? -20.757 0.642   0.258   1.00 23.42  ? 380 ASP A N   1 
ATOM   437  C CA  . ASP A 1 55  ? -21.366 1.803   -0.402  1.00 28.82  ? 380 ASP A CA  1 
ATOM   438  C C   . ASP A 1 55  ? -22.883 1.834   -0.201  1.00 30.88  ? 380 ASP A C   1 
ATOM   439  O O   . ASP A 1 55  ? -23.526 2.839   -0.507  1.00 30.53  ? 380 ASP A O   1 
ATOM   440  C CB  . ASP A 1 55  ? -21.087 1.808   -1.921  1.00 32.89  ? 380 ASP A CB  1 
ATOM   441  C CG  . ASP A 1 55  ? -19.656 2.207   -2.268  1.00 41.73  ? 380 ASP A CG  1 
ATOM   442  O OD1 . ASP A 1 55  ? -18.999 2.890   -1.451  1.00 37.85  ? 380 ASP A OD1 1 
ATOM   443  O OD2 . ASP A 1 55  ? -19.194 1.841   -3.373  1.00 40.63  ? 380 ASP A OD2 1 
ATOM   444  N N   . SER A 1 56  ? -23.460 0.716   0.238   1.00 32.44  ? 381 SER A N   1 
ATOM   445  C CA  . SER A 1 56  ? -24.903 0.649   0.469   1.00 30.26  ? 381 SER A CA  1 
ATOM   446  C C   . SER A 1 56  ? -25.295 0.775   1.935   1.00 26.38  ? 381 SER A C   1 
ATOM   447  O O   . SER A 1 56  ? -26.474 0.712   2.273   1.00 29.54  ? 381 SER A O   1 
ATOM   448  C CB  . SER A 1 56  ? -25.494 -0.612  -0.149  1.00 30.96  ? 381 SER A CB  1 
ATOM   449  O OG  . SER A 1 56  ? -25.558 -0.473  -1.554  1.00 33.21  ? 381 SER A OG  1 
ATOM   450  N N   . MET A 1 57  ? -24.301 0.936   2.802   1.00 24.80  ? 382 MET A N   1 
ATOM   451  C CA  . MET A 1 57  ? -24.548 1.118   4.228   1.00 24.07  ? 382 MET A CA  1 
ATOM   452  C C   . MET A 1 57  ? -24.847 2.592   4.441   1.00 28.06  ? 382 MET A C   1 
ATOM   453  O O   . MET A 1 57  ? -24.519 3.414   3.593   1.00 36.25  ? 382 MET A O   1 
ATOM   454  C CB  . MET A 1 57  ? -23.317 0.730   5.049   1.00 21.17  ? 382 MET A CB  1 
ATOM   455  C CG  . MET A 1 57  ? -22.858 -0.697  4.834   1.00 13.01  ? 382 MET A CG  1 
ATOM   456  S SD  . MET A 1 57  ? -21.578 -1.146  5.995   0.82 38.64  ? 382 MET A SD  1 
ATOM   457  C CE  . MET A 1 57  ? -21.626 -2.970  5.762   1.00 33.44  ? 382 MET A CE  1 
ATOM   458  N N   . ASN A 1 58  ? -25.526 2.933   5.527   1.00 28.41  ? 383 ASN A N   1 
ATOM   459  C CA  . ASN A 1 58  ? -25.796 4.335   5.788   1.00 25.74  ? 383 ASN A CA  1 
ATOM   460  C C   . ASN A 1 58  ? -24.795 4.848   6.796   1.00 25.27  ? 383 ASN A C   1 
ATOM   461  O O   . ASN A 1 58  ? -23.984 4.079   7.318   1.00 25.20  ? 383 ASN A O   1 
ATOM   462  C CB  . ASN A 1 58  ? -27.243 4.602   6.229   1.00 35.61  ? 383 ASN A CB  1 
ATOM   463  C CG  . ASN A 1 58  ? -27.734 3.648   7.306   1.00 31.40  ? 383 ASN A CG  1 
ATOM   464  O OD1 . ASN A 1 58  ? -28.863 3.159   7.221   1.00 41.75  ? 383 ASN A OD1 1 
ATOM   465  N ND2 . ASN A 1 58  ? -26.919 3.402   8.332   1.00 21.06  ? 383 ASN A ND2 1 
ATOM   466  N N   . ASP A 1 59  ? -24.855 6.143   7.084   1.00 29.32  ? 384 ASP A N   1 
ATOM   467  C CA  . ASP A 1 59  ? -23.901 6.746   8.001   1.00 32.37  ? 384 ASP A CA  1 
ATOM   468  C C   . ASP A 1 59  ? -23.897 6.166   9.403   1.00 35.22  ? 384 ASP A C   1 
ATOM   469  O O   . ASP A 1 59  ? -22.839 6.080   10.026  1.00 35.12  ? 384 ASP A O   1 
ATOM   470  C CB  . ASP A 1 59  ? -24.076 8.265   8.032   1.00 43.60  ? 384 ASP A CB  1 
ATOM   471  C CG  . ASP A 1 59  ? -23.798 8.923   6.675   1.00 48.99  ? 384 ASP A CG  1 
ATOM   472  O OD1 . ASP A 1 59  ? -23.444 8.215   5.698   1.00 50.24  ? 384 ASP A OD1 1 
ATOM   473  O OD2 . ASP A 1 59  ? -23.941 10.159  6.584   1.00 49.32  ? 384 ASP A OD2 1 
ATOM   474  N N   . GLN A 1 60  ? -25.059 5.719   9.876   1.00 40.85  ? 385 GLN A N   1 
ATOM   475  C CA  . GLN A 1 60  ? -25.184 5.137   11.219  1.00 37.69  ? 385 GLN A CA  1 
ATOM   476  C C   . GLN A 1 60  ? -24.346 3.871   11.361  1.00 33.74  ? 385 GLN A C   1 
ATOM   477  O O   . GLN A 1 60  ? -23.635 3.688   12.354  1.00 38.72  ? 385 GLN A O   1 
ATOM   478  C CB  . GLN A 1 60  ? -26.653 4.833   11.523  1.00 44.69  ? 385 GLN A CB  1 
ATOM   479  C CG  . GLN A 1 60  ? -26.889 4.079   12.828  1.00 45.00  ? 385 GLN A CG  1 
ATOM   480  C CD  . GLN A 1 60  ? -28.365 3.864   13.133  1.00 46.58  ? 385 GLN A CD  1 
ATOM   481  O OE1 . GLN A 1 60  ? -28.735 3.671   14.290  1.00 46.30  ? 385 GLN A OE1 1 
ATOM   482  N NE2 . GLN A 1 60  ? -29.214 3.894   12.099  1.00 39.30  ? 385 GLN A NE2 1 
ATOM   483  N N   . GLU A 1 61  ? -24.433 3.008   10.353  1.00 31.91  ? 386 GLU A N   1 
ATOM   484  C CA  . GLU A 1 61  ? -23.686 1.753   10.319  1.00 33.36  ? 386 GLU A CA  1 
ATOM   485  C C   . GLU A 1 61  ? -22.180 1.990   10.106  1.00 31.08  ? 386 GLU A C   1 
ATOM   486  O O   . GLU A 1 61  ? -21.338 1.377   10.768  1.00 30.08  ? 386 GLU A O   1 
ATOM   487  C CB  . GLU A 1 61  ? -24.254 0.859   9.208   1.00 36.81  ? 386 GLU A CB  1 
ATOM   488  C CG  . GLU A 1 61  ? -25.736 0.497   9.418   1.00 29.99  ? 386 GLU A CG  1 
ATOM   489  C CD  . GLU A 1 61  ? -26.473 0.173   8.134   1.00 29.47  ? 386 GLU A CD  1 
ATOM   490  O OE1 . GLU A 1 61  ? -25.906 0.342   7.039   1.00 31.00  ? 386 GLU A OE1 1 
ATOM   491  O OE2 . GLU A 1 61  ? -27.642 -0.238  8.209   1.00 34.30  ? 386 GLU A OE2 1 
ATOM   492  N N   . LEU A 1 62  ? -21.855 2.917   9.209   1.00 36.25  ? 387 LEU A N   1 
ATOM   493  C CA  . LEU A 1 62  ? -20.461 3.256   8.900   1.00 29.47  ? 387 LEU A CA  1 
ATOM   494  C C   . LEU A 1 62  ? -19.743 3.955   10.046  1.00 24.80  ? 387 LEU A C   1 
ATOM   495  O O   . LEU A 1 62  ? -18.603 3.616   10.355  1.00 26.78  ? 387 LEU A O   1 
ATOM   496  C CB  . LEU A 1 62  ? -20.408 4.132   7.647   1.00 26.29  ? 387 LEU A CB  1 
ATOM   497  C CG  . LEU A 1 62  ? -20.810 3.419   6.353   1.00 32.88  ? 387 LEU A CG  1 
ATOM   498  C CD1 . LEU A 1 62  ? -21.065 4.424   5.238   1.00 34.48  ? 387 LEU A CD1 1 
ATOM   499  C CD2 . LEU A 1 62  ? -19.732 2.415   5.960   1.00 26.71  ? 387 LEU A CD2 1 
ATOM   500  N N   . ASP A 1 63  ? -20.440 4.877   10.716  1.00 30.73  ? 388 ASP A N   1 
ATOM   501  C CA  . ASP A 1 63  ? -19.862 5.648   11.823  1.00 30.52  ? 388 ASP A CA  1 
ATOM   502  C C   . ASP A 1 63  ? -19.995 5.074   13.224  1.00 38.03  ? 388 ASP A C   1 
ATOM   503  O O   . ASP A 1 63  ? -19.363 5.580   14.148  1.00 43.25  ? 388 ASP A O   1 
ATOM   504  C CB  . ASP A 1 63  ? -20.400 7.083   11.825  1.00 30.71  ? 388 ASP A CB  1 
ATOM   505  C CG  . ASP A 1 63  ? -20.082 7.831   10.544  1.00 32.73  ? 388 ASP A CG  1 
ATOM   506  O OD1 . ASP A 1 63  ? -18.947 7.688   10.033  1.00 32.26  ? 388 ASP A OD1 1 
ATOM   507  O OD2 . ASP A 1 63  ? -20.973 8.555   10.045  1.00 35.24  ? 388 ASP A OD2 1 
ATOM   508  N N   . SER A 1 64  ? -20.825 4.049   13.402  1.00 37.98  ? 389 SER A N   1 
ATOM   509  C CA  . SER A 1 64  ? -20.993 3.440   14.720  1.00 41.14  ? 389 SER A CA  1 
ATOM   510  C C   . SER A 1 64  ? -19.677 2.877   15.257  1.00 43.06  ? 389 SER A C   1 
ATOM   511  O O   . SER A 1 64  ? -18.912 2.264   14.514  1.00 43.64  ? 389 SER A O   1 
ATOM   512  C CB  . SER A 1 64  ? -22.036 2.325   14.665  1.00 47.38  ? 389 SER A CB  1 
ATOM   513  O OG  . SER A 1 64  ? -22.115 1.651   15.911  1.00 54.47  ? 389 SER A OG  1 
ATOM   514  N N   . THR A 1 65  ? -19.438 3.059   16.558  1.00 49.95  ? 390 THR A N   1 
ATOM   515  C CA  . THR A 1 65  ? -18.212 2.581   17.211  1.00 51.16  ? 390 THR A CA  1 
ATOM   516  C C   . THR A 1 65  ? -17.997 1.089   16.954  1.00 52.58  ? 390 THR A C   1 
ATOM   517  O O   . THR A 1 65  ? -16.861 0.629   16.806  1.00 52.58  ? 390 THR A O   1 
ATOM   518  C CB  . THR A 1 65  ? -18.242 2.855   18.737  1.00 54.66  ? 390 THR A CB  1 
ATOM   519  O OG1 . THR A 1 65  ? -18.607 4.223   18.970  1.00 55.68  ? 390 THR A OG1 1 
ATOM   520  C CG2 . THR A 1 65  ? -16.873 2.603   19.354  1.00 54.29  ? 390 THR A CG2 1 
ATOM   521  N N   . ASP A 1 66  ? -19.104 0.348   16.920  1.00 58.19  ? 391 ASP A N   1 
ATOM   522  C CA  . ASP A 1 66  ? -19.102 -1.089  16.643  1.00 58.21  ? 391 ASP A CA  1 
ATOM   523  C C   . ASP A 1 66  ? -20.226 -1.363  15.638  1.00 55.90  ? 391 ASP A C   1 
ATOM   524  O O   . ASP A 1 66  ? -21.374 -1.619  16.019  1.00 55.33  ? 391 ASP A O   1 
ATOM   525  C CB  . ASP A 1 66  ? -19.320 -1.900  17.924  1.00 62.52  ? 391 ASP A CB  1 
ATOM   526  C CG  . ASP A 1 66  ? -19.327 -3.409  17.672  1.00 70.77  ? 391 ASP A CG  1 
ATOM   527  O OD1 . ASP A 1 66  ? -18.858 -3.862  16.601  1.00 73.08  ? 391 ASP A OD1 1 
ATOM   528  O OD2 . ASP A 1 66  ? -19.807 -4.146  18.557  1.00 75.11  ? 391 ASP A OD2 1 
ATOM   529  N N   . GLY A 1 67  ? -19.875 -1.300  14.354  1.00 48.81  ? 392 GLY A N   1 
ATOM   530  C CA  . GLY A 1 67  ? -20.836 -1.505  13.280  1.00 46.18  ? 392 GLY A CA  1 
ATOM   531  C C   . GLY A 1 67  ? -21.469 -2.881  13.170  1.00 42.16  ? 392 GLY A C   1 
ATOM   532  O O   . GLY A 1 67  ? -22.425 -3.061  12.420  1.00 37.72  ? 392 GLY A O   1 
ATOM   533  N N   . ALA A 1 68  ? -20.924 -3.852  13.894  1.00 42.43  ? 393 ALA A N   1 
ATOM   534  C CA  . ALA A 1 68  ? -21.460 -5.208  13.883  1.00 44.61  ? 393 ALA A CA  1 
ATOM   535  C C   . ALA A 1 68  ? -22.793 -5.268  14.648  1.00 44.89  ? 393 ALA A C   1 
ATOM   536  O O   . ALA A 1 68  ? -23.796 -5.771  14.132  1.00 46.82  ? 393 ALA A O   1 
ATOM   537  C CB  . ALA A 1 68  ? -20.448 -6.167  14.499  1.00 43.45  ? 393 ALA A CB  1 
ATOM   538  N N   . LYS A 1 69  ? -22.806 -4.699  15.853  1.00 44.46  ? 394 LYS A N   1 
ATOM   539  C CA  . LYS A 1 69  ? -23.992 -4.687  16.710  1.00 48.25  ? 394 LYS A CA  1 
ATOM   540  C C   . LYS A 1 69  ? -25.201 -3.930  16.177  1.00 43.36  ? 394 LYS A C   1 
ATOM   541  O O   . LYS A 1 69  ? -26.307 -4.109  16.674  1.00 47.81  ? 394 LYS A O   1 
ATOM   542  C CB  . LYS A 1 69  ? -23.644 -4.178  18.114  1.00 53.54  ? 394 LYS A CB  1 
ATOM   543  C CG  . LYS A 1 69  ? -22.981 -5.229  18.999  1.00 60.13  ? 394 LYS A CG  1 
ATOM   544  C CD  . LYS A 1 69  ? -22.585 -4.659  20.353  1.00 61.97  ? 394 LYS A CD  1 
ATOM   545  C CE  . LYS A 1 69  ? -23.780 -4.142  21.133  1.00 60.05  ? 394 LYS A CE  1 
ATOM   546  N NZ  . LYS A 1 69  ? -23.334 -3.537  22.416  1.00 61.51  ? 394 LYS A NZ  1 
ATOM   547  N N   . VAL A 1 70  ? -24.996 -3.069  15.189  1.00 36.97  ? 395 VAL A N   1 
ATOM   548  C CA  . VAL A 1 70  ? -26.104 -2.320  14.614  1.00 33.21  ? 395 VAL A CA  1 
ATOM   549  C C   . VAL A 1 70  ? -26.950 -3.276  13.765  1.00 38.94  ? 395 VAL A C   1 
ATOM   550  O O   . VAL A 1 70  ? -28.191 -3.209  13.759  1.00 33.76  ? 395 VAL A O   1 
ATOM   551  C CB  . VAL A 1 70  ? -25.591 -1.166  13.718  1.00 33.24  ? 395 VAL A CB  1 
ATOM   552  C CG1 . VAL A 1 70  ? -26.753 -0.360  13.174  1.00 22.27  ? 395 VAL A CG1 1 
ATOM   553  C CG2 . VAL A 1 70  ? -24.638 -0.271  14.500  1.00 30.31  ? 395 VAL A CG2 1 
ATOM   554  N N   . PHE A 1 71  ? -26.258 -4.181  13.074  1.00 36.75  ? 396 PHE A N   1 
ATOM   555  C CA  . PHE A 1 71  ? -26.893 -5.162  12.197  1.00 38.40  ? 396 PHE A CA  1 
ATOM   556  C C   . PHE A 1 71  ? -27.564 -6.334  12.936  1.00 34.68  ? 396 PHE A C   1 
ATOM   557  O O   . PHE A 1 71  ? -28.537 -6.897  12.443  1.00 31.64  ? 396 PHE A O   1 
ATOM   558  C CB  . PHE A 1 71  ? -25.880 -5.695  11.168  1.00 38.53  ? 396 PHE A CB  1 
ATOM   559  C CG  . PHE A 1 71  ? -25.482 -4.688  10.102  1.00 35.50  ? 396 PHE A CG  1 
ATOM   560  C CD1 . PHE A 1 71  ? -24.317 -3.934  10.232  1.00 37.78  ? 396 PHE A CD1 1 
ATOM   561  C CD2 . PHE A 1 71  ? -26.251 -4.530  8.949   1.00 33.70  ? 396 PHE A CD2 1 
ATOM   562  C CE1 . PHE A 1 71  ? -23.920 -3.038  9.222   1.00 38.11  ? 396 PHE A CE1 1 
ATOM   563  C CE2 . PHE A 1 71  ? -25.865 -3.640  7.938   1.00 35.51  ? 396 PHE A CE2 1 
ATOM   564  C CZ  . PHE A 1 71  ? -24.694 -2.893  8.076   1.00 37.79  ? 396 PHE A CZ  1 
ATOM   565  N N   . SER A 1 72  ? -27.021 -6.720  14.089  1.00 35.68  ? 397 SER A N   1 
ATOM   566  C CA  . SER A 1 72  ? -27.594 -7.810  14.870  1.00 38.96  ? 397 SER A CA  1 
ATOM   567  C C   . SER A 1 72  ? -28.849 -7.348  15.612  1.00 39.69  ? 397 SER A C   1 
ATOM   568  O O   . SER A 1 72  ? -29.751 -8.143  15.861  1.00 43.84  ? 397 SER A O   1 
ATOM   569  C CB  . SER A 1 72  ? -26.568 -8.378  15.848  1.00 34.91  ? 397 SER A CB  1 
ATOM   570  O OG  . SER A 1 72  ? -26.114 -7.382  16.739  1.00 50.22  ? 397 SER A OG  1 
ATOM   571  N N   . LYS A 1 73  ? -28.908 -6.055  15.932  1.00 40.46  ? 398 LYS A N   1 
ATOM   572  C CA  . LYS A 1 73  ? -30.059 -5.468  16.617  1.00 39.26  ? 398 LYS A CA  1 
ATOM   573  C C   . LYS A 1 73  ? -31.219 -5.263  15.660  1.00 39.66  ? 398 LYS A C   1 
ATOM   574  O O   . LYS A 1 73  ? -32.373 -5.217  16.080  1.00 48.34  ? 398 LYS A O   1 
ATOM   575  C CB  . LYS A 1 73  ? -29.687 -4.145  17.295  1.00 39.65  ? 398 LYS A CB  1 
ATOM   576  C CG  . LYS A 1 73  ? -28.835 -4.338  18.546  1.00 47.35  ? 398 LYS A CG  1 
ATOM   577  C CD  . LYS A 1 73  ? -28.440 -3.020  19.192  1.00 55.08  ? 398 LYS A CD  1 
ATOM   578  C CE  . LYS A 1 73  ? -27.537 -3.262  20.400  1.00 61.60  ? 398 LYS A CE  1 
ATOM   579  N NZ  . LYS A 1 73  ? -27.016 -1.995  20.996  1.00 63.67  ? 398 LYS A NZ  1 
ATOM   580  N N   . GLN A 1 74  ? -30.909 -5.139  14.374  1.00 37.49  ? 399 GLN A N   1 
ATOM   581  C CA  . GLN A 1 74  ? -31.919 -4.971  13.332  1.00 38.79  ? 399 GLN A CA  1 
ATOM   582  C C   . GLN A 1 74  ? -31.394 -5.723  12.112  1.00 41.64  ? 399 GLN A C   1 
ATOM   583  O O   . GLN A 1 74  ? -30.829 -5.120  11.199  1.00 46.04  ? 399 GLN A O   1 
ATOM   584  C CB  . GLN A 1 74  ? -32.113 -3.491  12.983  1.00 43.93  ? 399 GLN A CB  1 
ATOM   585  C CG  . GLN A 1 74  ? -32.751 -2.635  14.071  1.00 53.57  ? 399 GLN A CG  1 
ATOM   586  C CD  . GLN A 1 74  ? -32.577 -1.140  13.817  1.00 65.21  ? 399 GLN A CD  1 
ATOM   587  O OE1 . GLN A 1 74  ? -31.820 -0.464  14.523  1.00 64.96  ? 399 GLN A OE1 1 
ATOM   588  N NE2 . GLN A 1 74  ? -33.269 -0.619  12.799  1.00 66.30  ? 399 GLN A NE2 1 
ATOM   589  N N   . PRO A 1 75  ? -31.539 -7.063  12.100  1.00 38.87  ? 400 PRO A N   1 
ATOM   590  C CA  . PRO A 1 75  ? -31.083 -7.933  11.008  1.00 30.86  ? 400 PRO A CA  1 
ATOM   591  C C   . PRO A 1 75  ? -31.619 -7.594  9.626   1.00 25.62  ? 400 PRO A C   1 
ATOM   592  O O   . PRO A 1 75  ? -31.111 -8.091  8.616   1.00 26.26  ? 400 PRO A O   1 
ATOM   593  C CB  . PRO A 1 75  ? -31.526 -9.313  11.477  1.00 31.76  ? 400 PRO A CB  1 
ATOM   594  C CG  . PRO A 1 75  ? -31.343 -9.210  12.950  1.00 34.18  ? 400 PRO A CG  1 
ATOM   595  C CD  . PRO A 1 75  ? -32.001 -7.881  13.235  1.00 38.69  ? 400 PRO A CD  1 
ATOM   596  N N   . GLY A 1 76  ? -32.641 -6.749  9.580   1.00 22.00  ? 401 GLY A N   1 
ATOM   597  C CA  . GLY A 1 76  ? -33.206 -6.352  8.304   1.00 25.34  ? 401 GLY A CA  1 
ATOM   598  C C   . GLY A 1 76  ? -32.211 -5.522  7.510   1.00 32.56  ? 401 GLY A C   1 
ATOM   599  O O   . GLY A 1 76  ? -32.280 -5.457  6.279   1.00 33.24  ? 401 GLY A O   1 
ATOM   600  N N   . ARG A 1 77  ? -31.288 -4.882  8.227   1.00 30.61  ? 402 ARG A N   1 
ATOM   601  C CA  . ARG A 1 77  ? -30.253 -4.050  7.615   1.00 31.75  ? 402 ARG A CA  1 
ATOM   602  C C   . ARG A 1 77  ? -29.358 -4.874  6.689   1.00 30.56  ? 402 ARG A C   1 
ATOM   603  O O   . ARG A 1 77  ? -28.957 -4.397  5.630   1.00 32.49  ? 402 ARG A O   1 
ATOM   604  C CB  . ARG A 1 77  ? -29.403 -3.379  8.698   1.00 24.73  ? 402 ARG A CB  1 
ATOM   605  C CG  . ARG A 1 77  ? -30.130 -2.330  9.517   1.00 23.26  ? 402 ARG A CG  1 
ATOM   606  C CD  . ARG A 1 77  ? -29.266 -1.894  10.675  1.00 23.17  ? 402 ARG A CD  1 
ATOM   607  N NE  . ARG A 1 77  ? -29.922 -0.876  11.486  1.00 33.35  ? 402 ARG A NE  1 
ATOM   608  C CZ  . ARG A 1 77  ? -29.848 0.434   11.263  1.00 37.84  ? 402 ARG A CZ  1 
ATOM   609  N NH1 . ARG A 1 77  ? -29.144 0.911   10.247  1.00 39.13  ? 402 ARG A NH1 1 
ATOM   610  N NH2 . ARG A 1 77  ? -30.464 1.278   12.076  1.00 34.59  ? 402 ARG A NH2 1 
ATOM   611  N N   . ILE A 1 78  ? -29.078 -6.117  7.082   1.00 29.21  ? 403 ILE A N   1 
ATOM   612  C CA  . ILE A 1 78  ? -28.234 -7.017  6.296   1.00 34.88  ? 403 ILE A CA  1 
ATOM   613  C C   . ILE A 1 78  ? -28.804 -7.297  4.909   1.00 35.49  ? 403 ILE A C   1 
ATOM   614  O O   . ILE A 1 78  ? -28.076 -7.280  3.911   1.00 42.97  ? 403 ILE A O   1 
ATOM   615  C CB  . ILE A 1 78  ? -27.976 -8.359  7.039   1.00 34.10  ? 403 ILE A CB  1 
ATOM   616  C CG1 . ILE A 1 78  ? -27.124 -8.102  8.281   1.00 32.37  ? 403 ILE A CG1 1 
ATOM   617  C CG2 . ILE A 1 78  ? -27.272 -9.367  6.123   1.00 33.70  ? 403 ILE A CG2 1 
ATOM   618  C CD1 . ILE A 1 78  ? -26.638 -9.350  8.962   1.00 39.07  ? 403 ILE A CD1 1 
ATOM   619  N N   . GLN A 1 79  ? -30.107 -7.537  4.841   1.00 25.68  ? 404 GLN A N   1 
ATOM   620  C CA  . GLN A 1 79  ? -30.747 -7.811  3.570   1.00 29.15  ? 404 GLN A CA  1 
ATOM   621  C C   . GLN A 1 79  ? -30.843 -6.537  2.728   1.00 28.66  ? 404 GLN A C   1 
ATOM   622  O O   . GLN A 1 79  ? -30.907 -6.605  1.500   1.00 31.39  ? 404 GLN A O   1 
ATOM   623  C CB  . GLN A 1 79  ? -32.132 -8.409  3.804   1.00 34.94  ? 404 GLN A CB  1 
ATOM   624  C CG  . GLN A 1 79  ? -32.720 -9.132  2.610   1.00 55.57  ? 404 GLN A CG  1 
ATOM   625  C CD  . GLN A 1 79  ? -33.922 -9.972  2.997   1.00 74.30  ? 404 GLN A CD  1 
ATOM   626  O OE1 . GLN A 1 79  ? -33.786 -11.142 3.377   1.00 80.05  ? 404 GLN A OE1 1 
ATOM   627  N NE2 . GLN A 1 79  ? -35.109 -9.370  2.933   1.00 79.08  ? 404 GLN A NE2 1 
ATOM   628  N N   . ARG A 1 80  ? -30.866 -5.381  3.392   1.00 28.93  ? 405 ARG A N   1 
ATOM   629  C CA  . ARG A 1 80  ? -30.947 -4.084  2.707   1.00 31.07  ? 405 ARG A CA  1 
ATOM   630  C C   . ARG A 1 80  ? -29.628 -3.778  1.986   1.00 22.36  ? 405 ARG A C   1 
ATOM   631  O O   . ARG A 1 80  ? -29.628 -3.373  0.830   1.00 23.81  ? 405 ARG A O   1 
ATOM   632  C CB  . ARG A 1 80  ? -31.234 -2.959  3.698   1.00 25.25  ? 405 ARG A CB  1 
ATOM   633  C CG  . ARG A 1 80  ? -31.572 -1.648  3.020   1.00 20.02  ? 405 ARG A CG  1 
ATOM   634  C CD  . ARG A 1 80  ? -31.270 -0.471  3.906   1.00 19.21  ? 405 ARG A CD  1 
ATOM   635  N NE  . ARG A 1 80  ? -29.850 -0.154  3.914   1.00 23.18  ? 405 ARG A NE  1 
ATOM   636  C CZ  . ARG A 1 80  ? -29.140 0.067   5.009   1.00 25.85  ? 405 ARG A CZ  1 
ATOM   637  N NH1 . ARG A 1 80  ? -29.709 -0.004  6.201   1.00 28.60  ? 405 ARG A NH1 1 
ATOM   638  N NH2 . ARG A 1 80  ? -27.863 0.398   4.912   1.00 35.55  ? 405 ARG A NH2 1 
ATOM   639  N N   . VAL A 1 81  ? -28.521 -3.950  2.699   1.00 22.89  ? 406 VAL A N   1 
ATOM   640  C CA  . VAL A 1 81  ? -27.199 -3.725  2.136   1.00 23.19  ? 406 VAL A CA  1 
ATOM   641  C C   . VAL A 1 81  ? -27.025 -4.659  0.935   1.00 29.15  ? 406 VAL A C   1 
ATOM   642  O O   . VAL A 1 81  ? -26.691 -4.212  -0.166  1.00 33.33  ? 406 VAL A O   1 
ATOM   643  C CB  . VAL A 1 81  ? -26.106 -3.975  3.193   1.00 17.37  ? 406 VAL A CB  1 
ATOM   644  C CG1 . VAL A 1 81  ? -24.704 -3.887  2.565   1.00 24.17  ? 406 VAL A CG1 1 
ATOM   645  C CG2 . VAL A 1 81  ? -26.231 -2.945  4.297   1.00 16.27  ? 406 VAL A CG2 1 
ATOM   646  N N   . ALA A 1 82  ? -27.343 -5.935  1.137   1.00 31.62  ? 407 ALA A N   1 
ATOM   647  C CA  . ALA A 1 82  ? -27.247 -6.942  0.087   1.00 24.12  ? 407 ALA A CA  1 
ATOM   648  C C   . ALA A 1 82  ? -28.069 -6.601  -1.150  1.00 25.13  ? 407 ALA A C   1 
ATOM   649  O O   . ALA A 1 82  ? -27.633 -6.878  -2.262  1.00 32.62  ? 407 ALA A O   1 
ATOM   650  C CB  . ALA A 1 82  ? -27.657 -8.293  0.625   1.00 31.43  ? 407 ALA A CB  1 
ATOM   651  N N   . ARG A 1 83  ? -29.263 -6.036  -0.969  1.00 21.46  ? 408 ARG A N   1 
ATOM   652  C CA  . ARG A 1 83  ? -30.097 -5.669  -2.117  1.00 26.73  ? 408 ARG A CA  1 
ATOM   653  C C   . ARG A 1 83  ? -29.549 -4.428  -2.818  1.00 31.92  ? 408 ARG A C   1 
ATOM   654  O O   . ARG A 1 83  ? -29.578 -4.333  -4.049  1.00 33.86  ? 408 ARG A O   1 
ATOM   655  C CB  . ARG A 1 83  ? -31.548 -5.382  -1.707  1.00 32.60  ? 408 ARG A CB  1 
ATOM   656  C CG  . ARG A 1 83  ? -32.325 -6.569  -1.158  1.00 45.02  ? 408 ARG A CG  1 
ATOM   657  C CD  . ARG A 1 83  ? -33.828 -6.305  -1.188  1.00 51.66  ? 408 ARG A CD  1 
ATOM   658  N NE  . ARG A 1 83  ? -34.424 -6.649  -2.483  1.00 52.66  ? 408 ARG A NE  1 
ATOM   659  C CZ  . ARG A 1 83  ? -35.020 -5.783  -3.298  1.00 54.95  ? 408 ARG A CZ  1 
ATOM   660  N NH1 . ARG A 1 83  ? -35.101 -4.497  -2.970  1.00 54.42  ? 408 ARG A NH1 1 
ATOM   661  N NH2 . ARG A 1 83  ? -35.568 -6.214  -4.429  1.00 52.58  ? 408 ARG A NH2 1 
ATOM   662  N N   . GLY A 1 84  ? -29.066 -3.477  -2.022  1.00 28.32  ? 409 GLY A N   1 
ATOM   663  C CA  . GLY A 1 84  ? -28.532 -2.245  -2.569  1.00 28.91  ? 409 GLY A CA  1 
ATOM   664  C C   . GLY A 1 84  ? -27.248 -2.454  -3.339  1.00 30.37  ? 409 GLY A C   1 
ATOM   665  O O   . GLY A 1 84  ? -27.061 -1.862  -4.397  1.00 37.54  ? 409 GLY A O   1 
ATOM   666  N N   . SER A 1 85  ? -26.376 -3.312  -2.812  1.00 29.87  ? 410 SER A N   1 
ATOM   667  C CA  . SER A 1 85  ? -25.092 -3.609  -3.436  1.00 28.36  ? 410 SER A CA  1 
ATOM   668  C C   . SER A 1 85  ? -25.161 -4.766  -4.437  1.00 33.49  ? 410 SER A C   1 
ATOM   669  O O   . SER A 1 85  ? -24.152 -5.113  -5.054  1.00 35.71  ? 410 SER A O   1 
ATOM   670  C CB  . SER A 1 85  ? -24.041 -3.902  -2.364  1.00 23.48  ? 410 SER A CB  1 
ATOM   671  O OG  . SER A 1 85  ? -24.304 -5.117  -1.682  1.00 28.99  ? 410 SER A OG  1 
ATOM   672  N N   . GLY A 1 86  ? -26.352 -5.350  -4.592  1.00 35.39  ? 411 GLY A N   1 
ATOM   673  C CA  . GLY A 1 86  ? -26.557 -6.461  -5.512  1.00 30.55  ? 411 GLY A CA  1 
ATOM   674  C C   . GLY A 1 86  ? -25.758 -7.709  -5.181  1.00 27.26  ? 411 GLY A C   1 
ATOM   675  O O   . GLY A 1 86  ? -25.404 -8.485  -6.059  1.00 33.03  ? 411 GLY A O   1 
ATOM   676  N N   . VAL A 1 87  ? -25.486 -7.920  -3.905  1.00 28.36  ? 412 VAL A N   1 
ATOM   677  C CA  . VAL A 1 87  ? -24.705 -9.073  -3.479  1.00 34.26  ? 412 VAL A CA  1 
ATOM   678  C C   . VAL A 1 87  ? -25.543 -9.951  -2.519  1.00 35.87  ? 412 VAL A C   1 
ATOM   679  O O   . VAL A 1 87  ? -26.655 -9.571  -2.148  1.00 33.14  ? 412 VAL A O   1 
ATOM   680  C CB  . VAL A 1 87  ? -23.375 -8.570  -2.843  1.00 30.66  ? 412 VAL A CB  1 
ATOM   681  C CG1 . VAL A 1 87  ? -23.496 -8.408  -1.328  1.00 32.57  ? 412 VAL A CG1 1 
ATOM   682  C CG2 . VAL A 1 87  ? -22.230 -9.451  -3.255  1.00 43.53  ? 412 VAL A CG2 1 
ATOM   683  N N   . SER A 1 88  ? -25.051 -11.132 -2.152  1.00 34.27  ? 413 SER A N   1 
ATOM   684  C CA  . SER A 1 88  ? -25.817 -11.994 -1.248  1.00 38.63  ? 413 SER A CA  1 
ATOM   685  C C   . SER A 1 88  ? -25.609 -11.598 0.218   1.00 43.23  ? 413 SER A C   1 
ATOM   686  O O   . SER A 1 88  ? -24.586 -10.993 0.554   1.00 44.78  ? 413 SER A O   1 
ATOM   687  C CB  . SER A 1 88  ? -25.449 -13.464 -1.458  1.00 32.01  ? 413 SER A CB  1 
ATOM   688  O OG  . SER A 1 88  ? -24.268 -13.812 -0.762  1.00 35.50  ? 413 SER A OG  1 
ATOM   689  N N   . THR A 1 89  ? -26.578 -11.927 1.081   1.00 40.75  ? 414 THR A N   1 
ATOM   690  C CA  . THR A 1 89  ? -26.489 -11.614 2.516   1.00 35.70  ? 414 THR A CA  1 
ATOM   691  C C   . THR A 1 89  ? -25.298 -12.321 3.165   1.00 32.15  ? 414 THR A C   1 
ATOM   692  O O   . THR A 1 89  ? -24.770 -11.860 4.182   1.00 30.51  ? 414 THR A O   1 
ATOM   693  C CB  . THR A 1 89  ? -27.788 -11.976 3.297   1.00 34.53  ? 414 THR A CB  1 
ATOM   694  O OG1 . THR A 1 89  ? -28.035 -13.387 3.218   1.00 42.86  ? 414 THR A OG1 1 
ATOM   695  C CG2 . THR A 1 89  ? -28.971 -11.228 2.736   1.00 28.91  ? 414 THR A CG2 1 
ATOM   696  N N   . ARG A 1 90  ? -24.895 -13.444 2.572   1.00 33.48  ? 415 ARG A N   1 
ATOM   697  C CA  . ARG A 1 90  ? -23.750 -14.226 3.038   1.00 36.96  ? 415 ARG A CA  1 
ATOM   698  C C   . ARG A 1 90  ? -22.506 -13.344 2.940   1.00 31.21  ? 415 ARG A C   1 
ATOM   699  O O   . ARG A 1 90  ? -21.681 -13.308 3.849   1.00 30.49  ? 415 ARG A O   1 
ATOM   700  C CB  . ARG A 1 90  ? -23.564 -15.458 2.143   1.00 55.56  ? 415 ARG A CB  1 
ATOM   701  C CG  . ARG A 1 90  ? -24.169 -16.764 2.675   1.00 76.16  ? 415 ARG A CG  1 
ATOM   702  C CD  . ARG A 1 90  ? -23.077 -17.758 3.102   1.00 86.18  ? 415 ARG A CD  1 
ATOM   703  N NE  . ARG A 1 90  ? -22.247 -17.227 4.186   1.00 95.96  ? 415 ARG A NE  1 
ATOM   704  C CZ  . ARG A 1 90  ? -20.943 -16.966 4.092   1.00 99.20  ? 415 ARG A CZ  1 
ATOM   705  N NH1 . ARG A 1 90  ? -20.283 -17.186 2.958   1.00 98.47  ? 415 ARG A NH1 1 
ATOM   706  N NH2 . ARG A 1 90  ? -20.301 -16.444 5.132   1.00 100.00 ? 415 ARG A NH2 1 
ATOM   707  N N   . ASP A 1 91  ? -22.398 -12.632 1.821   1.00 31.99  ? 416 ASP A N   1 
ATOM   708  C CA  . ASP A 1 91  ? -21.283 -11.725 1.568   1.00 31.13  ? 416 ASP A CA  1 
ATOM   709  C C   . ASP A 1 91  ? -21.288 -10.560 2.554   1.00 25.40  ? 416 ASP A C   1 
ATOM   710  O O   . ASP A 1 91  ? -20.237 -10.167 3.053   1.00 33.29  ? 416 ASP A O   1 
ATOM   711  C CB  . ASP A 1 91  ? -21.355 -11.196 0.136   1.00 30.60  ? 416 ASP A CB  1 
ATOM   712  C CG  . ASP A 1 91  ? -21.298 -12.300 -0.896  1.00 35.06  ? 416 ASP A CG  1 
ATOM   713  O OD1 . ASP A 1 91  ? -22.097 -12.257 -1.855  1.00 39.79  ? 416 ASP A OD1 1 
ATOM   714  O OD2 . ASP A 1 91  ? -20.459 -13.214 -0.746  1.00 41.91  ? 416 ASP A OD2 1 
ATOM   715  N N   . VAL A 1 92  ? -22.467 -10.006 2.824   1.00 26.78  ? 417 VAL A N   1 
ATOM   716  C CA  . VAL A 1 92  ? -22.598 -8.906  3.777   1.00 23.99  ? 417 VAL A CA  1 
ATOM   717  C C   . VAL A 1 92  ? -22.212 -9.375  5.184   1.00 29.87  ? 417 VAL A C   1 
ATOM   718  O O   . VAL A 1 92  ? -21.511 -8.668  5.907   1.00 33.19  ? 417 VAL A O   1 
ATOM   719  C CB  . VAL A 1 92  ? -24.031 -8.340  3.789   1.00 23.71  ? 417 VAL A CB  1 
ATOM   720  C CG1 . VAL A 1 92  ? -24.154 -7.208  4.802   1.00 26.58  ? 417 VAL A CG1 1 
ATOM   721  C CG2 . VAL A 1 92  ? -24.398 -7.837  2.410   1.00 21.39  ? 417 VAL A CG2 1 
ATOM   722  N N   . GLN A 1 93  ? -22.619 -10.592 5.548   1.00 30.42  ? 418 GLN A N   1 
ATOM   723  C CA  . GLN A 1 93  ? -22.294 -11.147 6.862   1.00 27.32  ? 418 GLN A CA  1 
ATOM   724  C C   . GLN A 1 93  ? -20.803 -11.497 6.970   1.00 23.38  ? 418 GLN A C   1 
ATOM   725  O O   . GLN A 1 93  ? -20.192 -11.337 8.029   1.00 23.13  ? 418 GLN A O   1 
ATOM   726  C CB  . GLN A 1 93  ? -23.164 -12.385 7.140   1.00 31.54  ? 418 GLN A CB  1 
ATOM   727  C CG  . GLN A 1 93  ? -22.880 -13.087 8.469   1.00 37.75  ? 418 GLN A CG  1 
ATOM   728  C CD  . GLN A 1 93  ? -23.010 -12.169 9.677   1.00 39.53  ? 418 GLN A CD  1 
ATOM   729  O OE1 . GLN A 1 93  ? -22.084 -12.050 10.479  1.00 38.27  ? 418 GLN A OE1 1 
ATOM   730  N NE2 . GLN A 1 93  ? -24.163 -11.520 9.810   1.00 43.37  ? 418 GLN A NE2 1 
ATOM   731  N N   . GLU A 1 94  ? -20.226 -11.966 5.865   1.00 26.39  ? 419 GLU A N   1 
ATOM   732  C CA  . GLU A 1 94  ? -18.810 -12.334 5.797   1.00 29.29  ? 419 GLU A CA  1 
ATOM   733  C C   . GLU A 1 94  ? -17.912 -11.107 6.053   1.00 28.55  ? 419 GLU A C   1 
ATOM   734  O O   . GLU A 1 94  ? -16.900 -11.196 6.760   1.00 27.28  ? 419 GLU A O   1 
ATOM   735  C CB  . GLU A 1 94  ? -18.523 -12.950 4.419   1.00 36.47  ? 419 GLU A CB  1 
ATOM   736  C CG  . GLU A 1 94  ? -17.065 -13.330 4.144   1.00 57.25  ? 419 GLU A CG  1 
ATOM   737  C CD  . GLU A 1 94  ? -16.424 -12.522 3.002   1.00 69.42  ? 419 GLU A CD  1 
ATOM   738  O OE1 . GLU A 1 94  ? -17.150 -12.035 2.104   1.00 73.10  ? 419 GLU A OE1 1 
ATOM   739  O OE2 . GLU A 1 94  ? -15.180 -12.382 3.002   1.00 68.76  ? 419 GLU A OE2 1 
ATOM   740  N N   . LEU A 1 95  ? -18.317 -9.964  5.499   1.00 30.21  ? 420 LEU A N   1 
ATOM   741  C CA  . LEU A 1 95  ? -17.592 -8.697  5.651   1.00 26.45  ? 420 LEU A CA  1 
ATOM   742  C C   . LEU A 1 95  ? -17.678 -8.252  7.100   1.00 24.76  ? 420 LEU A C   1 
ATOM   743  O O   . LEU A 1 95  ? -16.680 -7.843  7.692   1.00 24.13  ? 420 LEU A O   1 
ATOM   744  C CB  . LEU A 1 95  ? -18.213 -7.626  4.734   1.00 27.35  ? 420 LEU A CB  1 
ATOM   745  C CG  . LEU A 1 95  ? -17.647 -6.200  4.603   1.00 30.53  ? 420 LEU A CG  1 
ATOM   746  C CD1 . LEU A 1 95  ? -18.395 -5.479  3.509   1.00 29.04  ? 420 LEU A CD1 1 
ATOM   747  C CD2 . LEU A 1 95  ? -17.771 -5.406  5.882   1.00 30.00  ? 420 LEU A CD2 1 
ATOM   748  N N   . LEU A 1 96  ? -18.881 -8.334  7.665   1.00 23.78  ? 421 LEU A N   1 
ATOM   749  C CA  . LEU A 1 96  ? -19.111 -7.942  9.052   1.00 21.33  ? 421 LEU A CA  1 
ATOM   750  C C   . LEU A 1 96  ? -18.296 -8.771  10.022  1.00 18.18  ? 421 LEU A C   1 
ATOM   751  O O   . LEU A 1 96  ? -17.878 -8.284  11.077  1.00 21.69  ? 421 LEU A O   1 
ATOM   752  C CB  . LEU A 1 96  ? -20.593 -8.057  9.411   1.00 27.41  ? 421 LEU A CB  1 
ATOM   753  C CG  . LEU A 1 96  ? -21.541 -7.009  8.834   1.00 28.37  ? 421 LEU A CG  1 
ATOM   754  C CD1 . LEU A 1 96  ? -22.963 -7.394  9.199   1.00 28.43  ? 421 LEU A CD1 1 
ATOM   755  C CD2 . LEU A 1 96  ? -21.185 -5.609  9.364   1.00 17.00  ? 421 LEU A CD2 1 
ATOM   756  N N   . THR A 1 97  ? -18.078 -10.029 9.672   1.00 24.41  ? 422 THR A N   1 
ATOM   757  C CA  . THR A 1 97  ? -17.302 -10.917 10.520  1.00 28.94  ? 422 THR A CA  1 
ATOM   758  C C   . THR A 1 97  ? -15.832 -10.499 10.454  1.00 29.23  ? 422 THR A C   1 
ATOM   759  O O   . THR A 1 97  ? -15.136 -10.458 11.470  1.00 28.06  ? 422 THR A O   1 
ATOM   760  C CB  . THR A 1 97  ? -17.470 -12.381 10.076  1.00 30.96  ? 422 THR A CB  1 
ATOM   761  O OG1 . THR A 1 97  ? -18.861 -12.725 10.094  1.00 39.50  ? 422 THR A OG1 1 
ATOM   762  C CG2 . THR A 1 97  ? -16.716 -13.304 11.006  1.00 30.39  ? 422 THR A CG2 1 
ATOM   763  N N   . GLN A 1 98  ? -15.379 -10.162 9.252   1.00 31.82  ? 423 GLN A N   1 
ATOM   764  C CA  . GLN A 1 98  ? -14.003 -9.731  9.046   1.00 31.38  ? 423 GLN A CA  1 
ATOM   765  C C   . GLN A 1 98  ? -13.741 -8.400  9.748   1.00 27.61  ? 423 GLN A C   1 
ATOM   766  O O   . GLN A 1 98  ? -12.703 -8.218  10.371  1.00 29.50  ? 423 GLN A O   1 
ATOM   767  C CB  . GLN A 1 98  ? -13.717 -9.621  7.556   1.00 33.52  ? 423 GLN A CB  1 
ATOM   768  C CG  . GLN A 1 98  ? -13.775 -10.954 6.856   1.00 31.21  ? 423 GLN A CG  1 
ATOM   769  C CD  . GLN A 1 98  ? -13.797 -10.825 5.352   1.00 40.60  ? 423 GLN A CD  1 
ATOM   770  O OE1 . GLN A 1 98  ? -14.509 -9.986  4.795   1.00 40.57  ? 423 GLN A OE1 1 
ATOM   771  N NE2 . GLN A 1 98  ? -13.026 -11.672 4.677   1.00 50.13  ? 423 GLN A NE2 1 
ATOM   772  N N   . TYR A 1 99  ? -14.702 -7.487  9.678   1.00 28.18  ? 424 TYR A N   1 
ATOM   773  C CA  . TYR A 1 99  ? -14.574 -6.191  10.335  1.00 30.25  ? 424 TYR A CA  1 
ATOM   774  C C   . TYR A 1 99  ? -14.400 -6.332  11.846  1.00 35.94  ? 424 TYR A C   1 
ATOM   775  O O   . TYR A 1 99  ? -13.612 -5.616  12.455  1.00 36.51  ? 424 TYR A O   1 
ATOM   776  C CB  . TYR A 1 99  ? -15.807 -5.341  10.062  1.00 30.64  ? 424 TYR A CB  1 
ATOM   777  C CG  . TYR A 1 99  ? -16.051 -4.293  11.120  1.00 38.25  ? 424 TYR A CG  1 
ATOM   778  C CD1 . TYR A 1 99  ? -15.251 -3.150  11.199  1.00 35.20  ? 424 TYR A CD1 1 
ATOM   779  C CD2 . TYR A 1 99  ? -17.072 -4.449  12.056  1.00 35.34  ? 424 TYR A CD2 1 
ATOM   780  C CE1 . TYR A 1 99  ? -15.462 -2.186  12.185  1.00 35.05  ? 424 TYR A CE1 1 
ATOM   781  C CE2 . TYR A 1 99  ? -17.291 -3.492  13.048  1.00 39.70  ? 424 TYR A CE2 1 
ATOM   782  C CZ  . TYR A 1 99  ? -16.483 -2.363  13.107  1.00 37.68  ? 424 TYR A CZ  1 
ATOM   783  O OH  . TYR A 1 99  ? -16.694 -1.420  14.090  1.00 33.56  ? 424 TYR A OH  1 
ATOM   784  N N   . THR A 1 100 ? -15.199 -7.204  12.452  1.00 40.46  ? 425 THR A N   1 
ATOM   785  C CA  . THR A 1 100 ? -15.129 -7.431  13.889  1.00 39.14  ? 425 THR A CA  1 
ATOM   786  C C   . THR A 1 100 ? -13.757 -7.979  14.251  1.00 41.24  ? 425 THR A C   1 
ATOM   787  O O   . THR A 1 100 ? -13.110 -7.489  15.173  1.00 44.55  ? 425 THR A O   1 
ATOM   788  C CB  . THR A 1 100 ? -16.245 -8.404  14.370  1.00 37.27  ? 425 THR A CB  1 
ATOM   789  O OG1 . THR A 1 100 ? -17.519 -7.777  14.210  1.00 36.58  ? 425 THR A OG1 1 
ATOM   790  C CG2 . THR A 1 100 ? -16.071 -8.755  15.835  1.00 29.73  ? 425 THR A CG2 1 
ATOM   791  N N   . LYS A 1 101 ? -13.303 -8.967  13.488  1.00 45.21  ? 426 LYS A N   1 
ATOM   792  C CA  . LYS A 1 101 ? -12.004 -9.589  13.715  1.00 49.21  ? 426 LYS A CA  1 
ATOM   793  C C   . LYS A 1 101 ? -10.919 -8.515  13.664  1.00 51.48  ? 426 LYS A C   1 
ATOM   794  O O   . LYS A 1 101 ? -10.106 -8.380  14.580  1.00 47.66  ? 426 LYS A O   1 
ATOM   795  C CB  . LYS A 1 101 ? -11.737 -10.632 12.627  1.00 51.85  ? 426 LYS A CB  1 
ATOM   796  C CG  . LYS A 1 101 ? -10.670 -11.653 12.973  1.00 59.60  ? 426 LYS A CG  1 
ATOM   797  C CD  . LYS A 1 101 ? -11.263 -12.878 13.662  1.00 67.92  ? 426 LYS A CD  1 
ATOM   798  C CE  . LYS A 1 101 ? -11.975 -13.829 12.683  1.00 70.78  ? 426 LYS A CE  1 
ATOM   799  N NZ  . LYS A 1 101 ? -13.218 -13.285 12.050  1.00 69.64  ? 426 LYS A NZ  1 
ATOM   800  N N   . PHE A 1 102 ? -10.960 -7.717  12.604  1.00 54.22  ? 427 PHE A N   1 
ATOM   801  C CA  . PHE A 1 102 ? -9.990  -6.663  12.400  1.00 61.07  ? 427 PHE A CA  1 
ATOM   802  C C   . PHE A 1 102 ? -10.000 -5.673  13.548  1.00 64.64  ? 427 PHE A C   1 
ATOM   803  O O   . PHE A 1 102 ? -8.978  -5.460  14.202  1.00 68.16  ? 427 PHE A O   1 
ATOM   804  C CB  . PHE A 1 102 ? -10.268 -5.936  11.089  1.00 66.25  ? 427 PHE A CB  1 
ATOM   805  C CG  . PHE A 1 102 ? -9.104  -5.142  10.602  1.00 79.26  ? 427 PHE A CG  1 
ATOM   806  C CD1 . PHE A 1 102 ? -8.770  -3.932  11.202  1.00 84.08  ? 427 PHE A CD1 1 
ATOM   807  C CD2 . PHE A 1 102 ? -8.287  -5.637  9.595   1.00 83.91  ? 427 PHE A CD2 1 
ATOM   808  C CE1 . PHE A 1 102 ? -7.632  -3.239  10.814  1.00 87.76  ? 427 PHE A CE1 1 
ATOM   809  C CE2 . PHE A 1 102 ? -7.149  -4.948  9.201   1.00 85.51  ? 427 PHE A CE2 1 
ATOM   810  C CZ  . PHE A 1 102 ? -6.821  -3.751  9.813   1.00 87.41  ? 427 PHE A CZ  1 
ATOM   811  N N   . ALA A 1 103 ? -11.168 -5.082  13.786  1.00 65.96  ? 428 ALA A N   1 
ATOM   812  C CA  . ALA A 1 103 ? -11.356 -4.097  14.843  1.00 67.40  ? 428 ALA A CA  1 
ATOM   813  C C   . ALA A 1 103 ? -10.777 -4.550  16.177  1.00 68.85  ? 428 ALA A C   1 
ATOM   814  O O   . ALA A 1 103 ? -10.192 -3.750  16.903  1.00 70.09  ? 428 ALA A O   1 
ATOM   815  C CB  . ALA A 1 103 ? -12.837 -3.771  14.995  1.00 64.33  ? 428 ALA A CB  1 
ATOM   816  N N   . GLN A 1 104 ? -10.909 -5.839  16.480  1.00 72.09  ? 429 GLN A N   1 
ATOM   817  C CA  . GLN A 1 104 ? -10.402 -6.386  17.733  1.00 78.31  ? 429 GLN A CA  1 
ATOM   818  C C   . GLN A 1 104 ? -8.882  -6.389  17.815  1.00 79.75  ? 429 GLN A C   1 
ATOM   819  O O   . GLN A 1 104 ? -8.318  -6.328  18.908  1.00 79.08  ? 429 GLN A O   1 
ATOM   820  C CB  . GLN A 1 104 ? -10.948 -7.800  17.971  1.00 84.61  ? 429 GLN A CB  1 
ATOM   821  C CG  . GLN A 1 104 ? -12.426 -7.844  18.369  1.00 90.05  ? 429 GLN A CG  1 
ATOM   822  C CD  . GLN A 1 104 ? -12.933 -9.259  18.600  1.00 91.11  ? 429 GLN A CD  1 
ATOM   823  O OE1 . GLN A 1 104 ? -13.056 -10.049 17.663  1.00 91.21  ? 429 GLN A OE1 1 
ATOM   824  N NE2 . GLN A 1 104 ? -13.232 -9.585  19.853  1.00 89.98  ? 429 GLN A NE2 1 
ATOM   825  N N   . MET A 1 105 ? -8.221  -6.463  16.663  1.00 82.43  ? 430 MET A N   1 
ATOM   826  C CA  . MET A 1 105 ? -6.763  -6.464  16.627  1.00 85.85  ? 430 MET A CA  1 
ATOM   827  C C   . MET A 1 105 ? -6.159  -5.067  16.700  1.00 87.27  ? 430 MET A C   1 
ATOM   828  O O   . MET A 1 105 ? -5.011  -4.903  17.114  1.00 90.62  ? 430 MET A O   1 
ATOM   829  C CB  . MET A 1 105 ? -6.256  -7.204  15.393  1.00 85.32  ? 430 MET A CB  1 
ATOM   830  C CG  . MET A 1 105 ? -6.383  -8.709  15.512  1.00 87.91  ? 430 MET A CG  1 
ATOM   831  S SD  . MET A 1 105 ? -5.868  -9.563  14.016  0.85 97.19  ? 430 MET A SD  1 
ATOM   832  C CE  . MET A 1 105 ? -7.371  -9.480  13.072  1.00 91.49  ? 430 MET A CE  1 
ATOM   833  N N   . VAL A 1 106 ? -6.932  -4.058  16.309  1.00 84.79  ? 431 VAL A N   1 
ATOM   834  C CA  . VAL A 1 106 ? -6.453  -2.684  16.352  1.00 83.09  ? 431 VAL A CA  1 
ATOM   835  C C   . VAL A 1 106 ? -6.895  -2.008  17.656  1.00 81.46  ? 431 VAL A C   1 
ATOM   836  O O   . VAL A 1 106 ? -6.186  -2.190  18.669  1.00 79.31  ? 431 VAL A O   1 
ATOM   837  C CB  . VAL A 1 106 ? -6.935  -1.883  15.114  1.00 82.60  ? 431 VAL A CB  1 
ATOM   838  C CG1 . VAL A 1 106 ? -6.309  -0.492  15.102  1.00 84.16  ? 431 VAL A CG1 1 
ATOM   839  C CG2 . VAL A 1 106 ? -6.571  -2.626  13.847  1.00 80.44  ? 431 VAL A CG2 1 
ATOM   840  N N   . LYS A 1 107 ? -7.945  -1.330  17.670  1.00 80.24  ? 432 LYS A N   1 
ATOM   841  N N   . GLN B 1 1   ? -13.009 4.806   17.870  1.00 67.23  ? 326 GLN B N   1 
ATOM   842  C CA  . GLN B 1 1   ? -11.803 3.920   17.812  1.00 71.82  ? 326 GLN B CA  1 
ATOM   843  C C   . GLN B 1 1   ? -11.619 3.311   16.419  1.00 68.51  ? 326 GLN B C   1 
ATOM   844  O O   . GLN B 1 1   ? -10.689 3.679   15.698  1.00 69.99  ? 326 GLN B O   1 
ATOM   845  C CB  . GLN B 1 1   ? -11.904 2.808   18.854  1.00 77.04  ? 326 GLN B CB  1 
ATOM   846  C CG  . GLN B 1 1   ? -12.106 3.303   20.279  1.00 92.53  ? 326 GLN B CG  1 
ATOM   847  C CD  . GLN B 1 1   ? -12.292 2.167   21.269  1.00 100.00 ? 326 GLN B CD  1 
ATOM   848  O OE1 . GLN B 1 1   ? -12.311 0.996   20.890  1.00 100.00 ? 326 GLN B OE1 1 
ATOM   849  N NE2 . GLN B 1 1   ? -12.434 2.508   22.545  1.00 100.00 ? 326 GLN B NE2 1 
ATOM   850  N N   . PHE B 1 2   ? -12.484 2.364   16.050  1.00 61.10  ? 327 PHE B N   1 
ATOM   851  C CA  . PHE B 1 2   ? -12.415 1.742   14.731  1.00 53.72  ? 327 PHE B CA  1 
ATOM   852  C C   . PHE B 1 2   ? -13.798 1.390   14.208  1.00 47.49  ? 327 PHE B C   1 
ATOM   853  O O   . PHE B 1 2   ? -14.411 0.418   14.644  1.00 49.08  ? 327 PHE B O   1 
ATOM   854  C CB  . PHE B 1 2   ? -11.531 0.495   14.731  1.00 54.30  ? 327 PHE B CB  1 
ATOM   855  C CG  . PHE B 1 2   ? -11.216 -0.013  13.350  1.00 59.87  ? 327 PHE B CG  1 
ATOM   856  C CD1 . PHE B 1 2   ? -10.444 0.748   12.476  1.00 61.29  ? 327 PHE B CD1 1 
ATOM   857  C CD2 . PHE B 1 2   ? -11.713 -1.233  12.910  1.00 64.22  ? 327 PHE B CD2 1 
ATOM   858  C CE1 . PHE B 1 2   ? -10.172 0.302   11.179  1.00 61.96  ? 327 PHE B CE1 1 
ATOM   859  C CE2 . PHE B 1 2   ? -11.448 -1.690  11.613  1.00 66.01  ? 327 PHE B CE2 1 
ATOM   860  C CZ  . PHE B 1 2   ? -10.676 -0.919  10.748  1.00 64.74  ? 327 PHE B CZ  1 
ATOM   861  N N   . THR B 1 3   ? -14.266 2.172   13.246  1.00 38.70  ? 328 THR B N   1 
ATOM   862  C CA  . THR B 1 3   ? -15.575 1.969   12.659  1.00 34.26  ? 328 THR B CA  1 
ATOM   863  C C   . THR B 1 3   ? -15.469 1.305   11.288  1.00 36.87  ? 328 THR B C   1 
ATOM   864  O O   . THR B 1 3   ? -14.377 0.979   10.825  1.00 35.80  ? 328 THR B O   1 
ATOM   865  C CB  . THR B 1 3   ? -16.298 3.311   12.500  1.00 36.46  ? 328 THR B CB  1 
ATOM   866  O OG1 . THR B 1 3   ? -15.687 4.065   11.446  1.00 38.78  ? 328 THR B OG1 1 
ATOM   867  C CG2 . THR B 1 3   ? -16.199 4.111   13.785  1.00 34.01  ? 328 THR B CG2 1 
ATOM   868  N N   . LEU B 1 4   ? -16.614 1.076   10.652  1.00 34.41  ? 329 LEU B N   1 
ATOM   869  C CA  . LEU B 1 4   ? -16.628 0.478   9.327   1.00 33.90  ? 329 LEU B CA  1 
ATOM   870  C C   . LEU B 1 4   ? -16.141 1.528   8.325   1.00 31.29  ? 329 LEU B C   1 
ATOM   871  O O   . LEU B 1 4   ? -15.577 1.189   7.292   1.00 29.73  ? 329 LEU B O   1 
ATOM   872  C CB  . LEU B 1 4   ? -18.035 -0.005  8.958   1.00 32.37  ? 329 LEU B CB  1 
ATOM   873  C CG  . LEU B 1 4   ? -18.439 -1.429  9.368   1.00 32.30  ? 329 LEU B CG  1 
ATOM   874  C CD1 . LEU B 1 4   ? -19.930 -1.627  9.155   1.00 33.17  ? 329 LEU B CD1 1 
ATOM   875  C CD2 . LEU B 1 4   ? -17.659 -2.443  8.560   1.00 25.29  ? 329 LEU B CD2 1 
ATOM   876  N N   . ARG B 1 5   ? -16.354 2.802   8.644   1.00 30.42  ? 330 ARG B N   1 
ATOM   877  C CA  . ARG B 1 5   ? -15.908 3.894   7.781   1.00 33.92  ? 330 ARG B CA  1 
ATOM   878  C C   . ARG B 1 5   ? -14.381 3.889   7.749   1.00 30.87  ? 330 ARG B C   1 
ATOM   879  O O   . ARG B 1 5   ? -13.782 4.121   6.705   1.00 34.58  ? 330 ARG B O   1 
ATOM   880  C CB  . ARG B 1 5   ? -16.407 5.234   8.302   1.00 34.56  ? 330 ARG B CB  1 
ATOM   881  C CG  . ARG B 1 5   ? -15.904 6.425   7.505   1.00 38.59  ? 330 ARG B CG  1 
ATOM   882  C CD  . ARG B 1 5   ? -16.931 6.915   6.520   1.00 36.36  ? 330 ARG B CD  1 
ATOM   883  N NE  . ARG B 1 5   ? -18.095 7.473   7.198   1.00 36.27  ? 330 ARG B NE  1 
ATOM   884  C CZ  . ARG B 1 5   ? -19.219 7.821   6.583   1.00 37.70  ? 330 ARG B CZ  1 
ATOM   885  N NH1 . ARG B 1 5   ? -19.329 7.680   5.266   1.00 34.35  ? 330 ARG B NH1 1 
ATOM   886  N NH2 . ARG B 1 5   ? -20.247 8.274   7.291   1.00 34.69  ? 330 ARG B NH2 1 
ATOM   887  N N   . ASP B 1 6   ? -13.766 3.593   8.894   1.00 25.97  ? 331 ASP B N   1 
ATOM   888  C CA  . ASP B 1 6   ? -12.313 3.529   8.998   1.00 28.31  ? 331 ASP B CA  1 
ATOM   889  C C   . ASP B 1 6   ? -11.732 2.397   8.161   1.00 34.20  ? 331 ASP B C   1 
ATOM   890  O O   . ASP B 1 6   ? -10.622 2.510   7.641   1.00 40.33  ? 331 ASP B O   1 
ATOM   891  C CB  . ASP B 1 6   ? -11.882 3.358   10.453  1.00 23.15  ? 331 ASP B CB  1 
ATOM   892  C CG  . ASP B 1 6   ? -12.123 4.604   11.290  1.00 36.65  ? 331 ASP B CG  1 
ATOM   893  O OD1 . ASP B 1 6   ? -12.444 5.672   10.720  1.00 37.52  ? 331 ASP B OD1 1 
ATOM   894  O OD2 . ASP B 1 6   ? -11.985 4.513   12.532  1.00 41.35  ? 331 ASP B OD2 1 
ATOM   895  N N   . MET B 1 7   ? -12.482 1.307   8.032   1.00 33.85  ? 332 MET B N   1 
ATOM   896  C CA  . MET B 1 7   ? -12.040 0.159   7.252   1.00 31.54  ? 332 MET B CA  1 
ATOM   897  C C   . MET B 1 7   ? -12.107 0.493   5.761   1.00 25.69  ? 332 MET B C   1 
ATOM   898  O O   . MET B 1 7   ? -11.228 0.117   4.981   1.00 26.49  ? 332 MET B O   1 
ATOM   899  C CB  . MET B 1 7   ? -12.911 -1.061  7.579   1.00 35.36  ? 332 MET B CB  1 
ATOM   900  C CG  . MET B 1 7   ? -12.570 -2.296  6.774   1.00 45.88  ? 332 MET B CG  1 
ATOM   901  S SD  . MET B 1 7   ? -13.413 -3.814  7.313   0.74 49.37  ? 332 MET B SD  1 
ATOM   902  C CE  . MET B 1 7   ? -12.100 -4.552  8.276   1.00 37.80  ? 332 MET B CE  1 
ATOM   903  N N   . TYR B 1 8   ? -13.156 1.208   5.380   1.00 21.61  ? 333 TYR B N   1 
ATOM   904  C CA  . TYR B 1 8   ? -13.357 1.626   3.998   1.00 30.44  ? 333 TYR B CA  1 
ATOM   905  C C   . TYR B 1 8   ? -12.167 2.482   3.546   1.00 35.00  ? 333 TYR B C   1 
ATOM   906  O O   . TYR B 1 8   ? -11.560 2.227   2.510   1.00 33.48  ? 333 TYR B O   1 
ATOM   907  C CB  . TYR B 1 8   ? -14.630 2.459   3.901   1.00 20.97  ? 333 TYR B CB  1 
ATOM   908  C CG  . TYR B 1 8   ? -15.067 2.783   2.497   1.00 25.59  ? 333 TYR B CG  1 
ATOM   909  C CD1 . TYR B 1 8   ? -15.854 1.892   1.772   1.00 28.89  ? 333 TYR B CD1 1 
ATOM   910  C CD2 . TYR B 1 8   ? -14.730 3.993   1.902   1.00 26.81  ? 333 TYR B CD2 1 
ATOM   911  C CE1 . TYR B 1 8   ? -16.297 2.197   0.489   1.00 29.87  ? 333 TYR B CE1 1 
ATOM   912  C CE2 . TYR B 1 8   ? -15.166 4.308   0.617   1.00 27.29  ? 333 TYR B CE2 1 
ATOM   913  C CZ  . TYR B 1 8   ? -15.949 3.405   -0.083  1.00 32.44  ? 333 TYR B CZ  1 
ATOM   914  O OH  . TYR B 1 8   ? -16.369 3.698   -1.363  1.00 36.46  ? 333 TYR B OH  1 
ATOM   915  N N   . GLU B 1 9   ? -11.854 3.499   4.342   1.00 36.93  ? 334 GLU B N   1 
ATOM   916  C CA  . GLU B 1 9   ? -10.759 4.418   4.060   1.00 37.58  ? 334 GLU B CA  1 
ATOM   917  C C   . GLU B 1 9   ? -9.431  3.694   3.890   1.00 38.09  ? 334 GLU B C   1 
ATOM   918  O O   . GLU B 1 9   ? -8.705  3.944   2.931   1.00 34.06  ? 334 GLU B O   1 
ATOM   919  C CB  . GLU B 1 9   ? -10.662 5.462   5.170   1.00 35.79  ? 334 GLU B CB  1 
ATOM   920  C CG  . GLU B 1 9   ? -11.837 6.427   5.184   1.00 39.00  ? 334 GLU B CG  1 
ATOM   921  C CD  . GLU B 1 9   ? -11.849 7.346   6.392   1.00 48.61  ? 334 GLU B CD  1 
ATOM   922  O OE1 . GLU B 1 9   ? -10.920 7.263   7.232   1.00 51.30  ? 334 GLU B OE1 1 
ATOM   923  O OE2 . GLU B 1 9   ? -12.799 8.154   6.502   1.00 51.74  ? 334 GLU B OE2 1 
ATOM   924  N N   . GLN B 1 10  ? -9.140  2.765   4.797   1.00 36.84  ? 335 GLN B N   1 
ATOM   925  C CA  . GLN B 1 10  ? -7.904  2.002   4.719   1.00 33.28  ? 335 GLN B CA  1 
ATOM   926  C C   . GLN B 1 10  ? -7.892  1.105   3.501   1.00 31.62  ? 335 GLN B C   1 
ATOM   927  O O   . GLN B 1 10  ? -6.831  0.741   3.011   1.00 36.74  ? 335 GLN B O   1 
ATOM   928  C CB  . GLN B 1 10  ? -7.699  1.178   5.976   1.00 33.40  ? 335 GLN B CB  1 
ATOM   929  C CG  . GLN B 1 10  ? -7.428  2.005   7.208   1.00 44.92  ? 335 GLN B CG  1 
ATOM   930  C CD  . GLN B 1 10  ? -6.176  2.835   7.070   1.00 49.19  ? 335 GLN B CD  1 
ATOM   931  O OE1 . GLN B 1 10  ? -5.068  2.340   7.268   1.00 54.27  ? 335 GLN B OE1 1 
ATOM   932  N NE2 . GLN B 1 10  ? -6.342  4.106   6.719   1.00 50.28  ? 335 GLN B NE2 1 
ATOM   933  N N   . PHE B 1 11  ? -9.074  0.725   3.030   1.00 31.44  ? 336 PHE B N   1 
ATOM   934  C CA  . PHE B 1 11  ? -9.186  -0.111  1.838   1.00 33.31  ? 336 PHE B CA  1 
ATOM   935  C C   . PHE B 1 11  ? -8.912  0.773   0.625   1.00 29.32  ? 336 PHE B C   1 
ATOM   936  O O   . PHE B 1 11  ? -8.371  0.318   -0.382  1.00 27.15  ? 336 PHE B O   1 
ATOM   937  C CB  . PHE B 1 11  ? -10.594 -0.710  1.714   1.00 31.26  ? 336 PHE B CB  1 
ATOM   938  C CG  . PHE B 1 11  ? -10.839 -1.911  2.588   1.00 30.22  ? 336 PHE B CG  1 
ATOM   939  C CD1 . PHE B 1 11  ? -9.911  -2.300  3.555   1.00 29.23  ? 336 PHE B CD1 1 
ATOM   940  C CD2 . PHE B 1 11  ? -12.000 -2.666  2.432   1.00 33.20  ? 336 PHE B CD2 1 
ATOM   941  C CE1 . PHE B 1 11  ? -10.135 -3.421  4.354   1.00 32.34  ? 336 PHE B CE1 1 
ATOM   942  C CE2 . PHE B 1 11  ? -12.236 -3.791  3.224   1.00 27.72  ? 336 PHE B CE2 1 
ATOM   943  C CZ  . PHE B 1 11  ? -11.301 -4.169  4.185   1.00 29.48  ? 336 PHE B CZ  1 
ATOM   944  N N   . GLN B 1 12  ? -9.308  2.038   0.737   1.00 27.44  ? 337 GLN B N   1 
ATOM   945  C CA  . GLN B 1 12  ? -9.127  3.017   -0.324  1.00 31.72  ? 337 GLN B CA  1 
ATOM   946  C C   . GLN B 1 12  ? -7.643  3.345   -0.481  1.00 29.24  ? 337 GLN B C   1 
ATOM   947  O O   . GLN B 1 12  ? -7.160  3.529   -1.597  1.00 32.89  ? 337 GLN B O   1 
ATOM   948  C CB  . GLN B 1 12  ? -9.921  4.273   0.004   1.00 32.90  ? 337 GLN B CB  1 
ATOM   949  C CG  . GLN B 1 12  ? -10.489 4.979   -1.197  1.00 34.94  ? 337 GLN B CG  1 
ATOM   950  C CD  . GLN B 1 12  ? -11.663 5.868   -0.828  1.00 43.13  ? 337 GLN B CD  1 
ATOM   951  O OE1 . GLN B 1 12  ? -11.767 6.347   0.308   1.00 41.48  ? 337 GLN B OE1 1 
ATOM   952  N NE2 . GLN B 1 12  ? -12.569 6.077   -1.780  1.00 40.36  ? 337 GLN B NE2 1 
ATOM   953  N N   . ASN B 1 13  ? -6.930  3.387   0.643   1.00 25.37  ? 338 ASN B N   1 
ATOM   954  C CA  . ASN B 1 13  ? -5.500  3.663   0.655   1.00 31.84  ? 338 ASN B CA  1 
ATOM   955  C C   . ASN B 1 13  ? -4.755  2.522   -0.019  1.00 37.04  ? 338 ASN B C   1 
ATOM   956  O O   . ASN B 1 13  ? -3.816  2.747   -0.778  1.00 37.20  ? 338 ASN B O   1 
ATOM   957  C CB  . ASN B 1 13  ? -4.982  3.812   2.086   1.00 28.59  ? 338 ASN B CB  1 
ATOM   958  C CG  . ASN B 1 13  ? -5.421  5.102   2.738   1.00 31.59  ? 338 ASN B CG  1 
ATOM   959  O OD1 . ASN B 1 13  ? -5.967  5.992   2.081   1.00 33.72  ? 338 ASN B OD1 1 
ATOM   960  N ND2 . ASN B 1 13  ? -5.178  5.218   4.041   1.00 34.61  ? 338 ASN B ND2 1 
ATOM   961  N N   . ILE B 1 14  ? -5.178  1.294   0.266   1.00 34.92  ? 339 ILE B N   1 
ATOM   962  C CA  . ILE B 1 14  ? -4.547  0.129   -0.329  1.00 33.57  ? 339 ILE B CA  1 
ATOM   963  C C   . ILE B 1 14  ? -4.871  0.054   -1.818  1.00 40.50  ? 339 ILE B C   1 
ATOM   964  O O   . ILE B 1 14  ? -4.056  -0.421  -2.622  1.00 38.85  ? 339 ILE B O   1 
ATOM   965  C CB  . ILE B 1 14  ? -4.949  -1.166  0.406   1.00 28.46  ? 339 ILE B CB  1 
ATOM   966  C CG1 . ILE B 1 14  ? -4.340  -1.151  1.806   1.00 29.37  ? 339 ILE B CG1 1 
ATOM   967  C CG2 . ILE B 1 14  ? -4.457  -2.394  -0.348  1.00 23.21  ? 339 ILE B CG2 1 
ATOM   968  C CD1 . ILE B 1 14  ? -4.521  -2.422  2.580   1.00 42.99  ? 339 ILE B CD1 1 
ATOM   969  N N   . MET B 1 15  ? -6.046  0.562   -2.185  1.00 42.19  ? 340 MET B N   1 
ATOM   970  C CA  . MET B 1 15  ? -6.469  0.581   -3.583  1.00 44.12  ? 340 MET B CA  1 
ATOM   971  C C   . MET B 1 15  ? -5.569  1.533   -4.378  1.00 43.94  ? 340 MET B C   1 
ATOM   972  O O   . MET B 1 15  ? -5.342  1.339   -5.575  1.00 36.95  ? 340 MET B O   1 
ATOM   973  C CB  . MET B 1 15  ? -7.931  1.023   -3.687  1.00 44.38  ? 340 MET B CB  1 
ATOM   974  C CG  . MET B 1 15  ? -8.934  -0.024  -3.224  1.00 46.56  ? 340 MET B CG  1 
ATOM   975  S SD  . MET B 1 15  ? -9.013  -1.478  -4.292  0.65 48.51  ? 340 MET B SD  1 
ATOM   976  C CE  . MET B 1 15  ? -10.286 -0.957  -5.421  1.00 39.10  ? 340 MET B CE  1 
ATOM   977  N N   . LYS B 1 16  ? -5.059  2.553   -3.691  1.00 45.51  ? 341 LYS B N   1 
ATOM   978  C CA  . LYS B 1 16  ? -4.175  3.544   -4.292  1.00 47.48  ? 341 LYS B CA  1 
ATOM   979  C C   . LYS B 1 16  ? -2.741  3.056   -4.456  1.00 42.08  ? 341 LYS B C   1 
ATOM   980  O O   . LYS B 1 16  ? -2.265  2.905   -5.575  1.00 43.96  ? 341 LYS B O   1 
ATOM   981  C CB  . LYS B 1 16  ? -4.210  4.841   -3.487  1.00 51.47  ? 341 LYS B CB  1 
ATOM   982  C CG  . LYS B 1 16  ? -5.452  5.665   -3.762  1.00 59.34  ? 341 LYS B CG  1 
ATOM   983  C CD  . LYS B 1 16  ? -5.561  5.945   -5.252  1.00 68.49  ? 341 LYS B CD  1 
ATOM   984  C CE  . LYS B 1 16  ? -6.787  6.771   -5.602  1.00 73.93  ? 341 LYS B CE  1 
ATOM   985  N NZ  . LYS B 1 16  ? -6.820  7.081   -7.063  1.00 77.12  ? 341 LYS B NZ  1 
ATOM   986  N N   . MET B 1 17  ? -2.061  2.794   -3.343  1.00 39.21  ? 342 MET B N   1 
ATOM   987  C CA  . MET B 1 17  ? -0.681  2.313   -3.382  1.00 41.50  ? 342 MET B CA  1 
ATOM   988  C C   . MET B 1 17  ? -0.577  0.923   -4.003  1.00 41.80  ? 342 MET B C   1 
ATOM   989  O O   . MET B 1 17  ? 0.524   0.416   -4.219  1.00 45.25  ? 342 MET B O   1 
ATOM   990  C CB  . MET B 1 17  ? -0.074  2.291   -1.974  1.00 43.67  ? 342 MET B CB  1 
ATOM   991  C CG  . MET B 1 17  ? -0.898  1.507   -0.956  1.00 51.92  ? 342 MET B CG  1 
ATOM   992  S SD  . MET B 1 17  ? 0.011   0.210   -0.096  0.82 66.61  ? 342 MET B SD  1 
ATOM   993  C CE  . MET B 1 17  ? -0.386  -1.235  -1.086  1.00 49.96  ? 342 MET B CE  1 
ATOM   994  N N   . GLY B 1 18  ? -1.728  0.323   -4.297  1.00 39.26  ? 343 GLY B N   1 
ATOM   995  C CA  . GLY B 1 18  ? -1.769  -1.008  -4.878  1.00 39.52  ? 343 GLY B CA  1 
ATOM   996  C C   . GLY B 1 18  ? -0.909  -1.229  -6.108  1.00 41.18  ? 343 GLY B C   1 
ATOM   997  O O   . GLY B 1 18  ? 0.059   -1.994  -6.049  1.00 43.62  ? 343 GLY B O   1 
ATOM   998  N N   . PRO B 1 19  ? -1.238  -0.591  -7.241  1.00 38.12  ? 344 PRO B N   1 
ATOM   999  C CA  . PRO B 1 19  ? -0.470  -0.742  -8.481  1.00 42.01  ? 344 PRO B CA  1 
ATOM   1000 C C   . PRO B 1 19  ? 1.029   -0.397  -8.353  1.00 47.10  ? 344 PRO B C   1 
ATOM   1001 O O   . PRO B 1 19  ? 1.880   -1.044  -8.980  1.00 45.67  ? 344 PRO B O   1 
ATOM   1002 C CB  . PRO B 1 19  ? -1.216  0.177   -9.457  1.00 39.28  ? 344 PRO B CB  1 
ATOM   1003 C CG  . PRO B 1 19  ? -1.891  1.172   -8.572  1.00 39.76  ? 344 PRO B CG  1 
ATOM   1004 C CD  . PRO B 1 19  ? -2.376  0.321   -7.443  1.00 36.47  ? 344 PRO B CD  1 
ATOM   1005 N N   . PHE B 1 20  ? 1.345   0.599   -7.525  1.00 44.53  ? 345 PHE B N   1 
ATOM   1006 C CA  . PHE B 1 20  ? 2.732   0.999   -7.308  1.00 39.19  ? 345 PHE B CA  1 
ATOM   1007 C C   . PHE B 1 20  ? 3.478   -0.117  -6.610  1.00 38.63  ? 345 PHE B C   1 
ATOM   1008 O O   . PHE B 1 20  ? 4.632   -0.388  -6.923  1.00 36.52  ? 345 PHE B O   1 
ATOM   1009 C CB  . PHE B 1 20  ? 2.805   2.271   -6.462  1.00 39.51  ? 345 PHE B CB  1 
ATOM   1010 C CG  . PHE B 1 20  ? 2.363   3.499   -7.190  1.00 42.64  ? 345 PHE B CG  1 
ATOM   1011 C CD1 . PHE B 1 20  ? 1.063   3.969   -7.059  1.00 40.27  ? 345 PHE B CD1 1 
ATOM   1012 C CD2 . PHE B 1 20  ? 3.240   4.165   -8.044  1.00 42.91  ? 345 PHE B CD2 1 
ATOM   1013 C CE1 . PHE B 1 20  ? 0.637   5.087   -7.774  1.00 47.70  ? 345 PHE B CE1 1 
ATOM   1014 C CE2 . PHE B 1 20  ? 2.827   5.281   -8.764  1.00 39.96  ? 345 PHE B CE2 1 
ATOM   1015 C CZ  . PHE B 1 20  ? 1.523   5.745   -8.632  1.00 46.76  ? 345 PHE B CZ  1 
ATOM   1016 N N   . SER B 1 21  ? 2.805   -0.766  -5.663  1.00 43.17  ? 346 SER B N   1 
ATOM   1017 C CA  . SER B 1 21  ? 3.400   -1.865  -4.909  1.00 42.10  ? 346 SER B CA  1 
ATOM   1018 C C   . SER B 1 21  ? 3.695   -3.021  -5.864  1.00 38.57  ? 346 SER B C   1 
ATOM   1019 O O   . SER B 1 21  ? 4.639   -3.791  -5.667  1.00 33.35  ? 346 SER B O   1 
ATOM   1020 C CB  . SER B 1 21  ? 2.447   -2.311  -3.796  1.00 41.67  ? 346 SER B CB  1 
ATOM   1021 O OG  . SER B 1 21  ? 3.089   -3.202  -2.904  1.00 51.41  ? 346 SER B OG  1 
ATOM   1022 N N   . GLN B 1 22  ? 2.889   -3.112  -6.916  1.00 39.08  ? 347 GLN B N   1 
ATOM   1023 C CA  . GLN B 1 22  ? 3.051   -4.147  -7.921  1.00 43.98  ? 347 GLN B CA  1 
ATOM   1024 C C   . GLN B 1 22  ? 4.315   -3.853  -8.721  1.00 46.20  ? 347 GLN B C   1 
ATOM   1025 O O   . GLN B 1 22  ? 5.167   -4.726  -8.893  1.00 49.46  ? 347 GLN B O   1 
ATOM   1026 C CB  . GLN B 1 22  ? 1.834   -4.169  -8.844  1.00 40.08  ? 347 GLN B CB  1 
ATOM   1027 C CG  . GLN B 1 22  ? 1.738   -5.404  -9.707  1.00 41.01  ? 347 GLN B CG  1 
ATOM   1028 C CD  . GLN B 1 22  ? 0.528   -5.376  -10.600 1.00 44.98  ? 347 GLN B CD  1 
ATOM   1029 O OE1 . GLN B 1 22  ? -0.276  -4.445  -10.550 1.00 49.18  ? 347 GLN B OE1 1 
ATOM   1030 N NE2 . GLN B 1 22  ? 0.392   -6.395  -11.437 1.00 49.30  ? 347 GLN B NE2 1 
ATOM   1031 N N   . ILE B 1 23  ? 4.437   -2.599  -9.162  1.00 50.16  ? 348 ILE B N   1 
ATOM   1032 C CA  . ILE B 1 23  ? 5.589   -2.128  -9.938  1.00 46.82  ? 348 ILE B CA  1 
ATOM   1033 C C   . ILE B 1 23  ? 6.895   -2.336  -9.171  1.00 46.14  ? 348 ILE B C   1 
ATOM   1034 O O   . ILE B 1 23  ? 7.891   -2.780  -9.740  1.00 49.22  ? 348 ILE B O   1 
ATOM   1035 C CB  . ILE B 1 23  ? 5.449   -0.624  -10.280 1.00 43.55  ? 348 ILE B CB  1 
ATOM   1036 C CG1 . ILE B 1 23  ? 4.271   -0.403  -11.233 1.00 40.04  ? 348 ILE B CG1 1 
ATOM   1037 C CG2 . ILE B 1 23  ? 6.739   -0.090  -10.882 1.00 43.18  ? 348 ILE B CG2 1 
ATOM   1038 C CD1 . ILE B 1 23  ? 3.978   1.057   -11.518 1.00 36.76  ? 348 ILE B CD1 1 
ATOM   1039 N N   . LEU B 1 24  ? 6.871   -2.031  -7.875  1.00 42.24  ? 349 LEU B N   1 
ATOM   1040 C CA  . LEU B 1 24  ? 8.033   -2.172  -7.008  1.00 42.75  ? 349 LEU B CA  1 
ATOM   1041 C C   . LEU B 1 24  ? 8.530   -3.616  -6.978  1.00 47.32  ? 349 LEU B C   1 
ATOM   1042 O O   . LEU B 1 24  ? 9.713   -3.870  -6.757  1.00 50.28  ? 349 LEU B O   1 
ATOM   1043 C CB  . LEU B 1 24  ? 7.670   -1.738  -5.587  1.00 44.19  ? 349 LEU B CB  1 
ATOM   1044 C CG  . LEU B 1 24  ? 8.625   -0.846  -4.793  1.00 47.46  ? 349 LEU B CG  1 
ATOM   1045 C CD1 . LEU B 1 24  ? 8.115   -0.747  -3.368  1.00 41.21  ? 349 LEU B CD1 1 
ATOM   1046 C CD2 . LEU B 1 24  ? 10.039  -1.392  -4.807  1.00 43.48  ? 349 LEU B CD2 1 
ATOM   1047 N N   . GLY B 1 25  ? 7.615   -4.561  -7.169  1.00 52.38  ? 350 GLY B N   1 
ATOM   1048 C CA  . GLY B 1 25  ? 7.995   -5.963  -7.159  1.00 57.53  ? 350 GLY B CA  1 
ATOM   1049 C C   . GLY B 1 25  ? 8.567   -6.419  -8.488  1.00 58.84  ? 350 GLY B C   1 
ATOM   1050 O O   . GLY B 1 25  ? 9.072   -7.535  -8.598  1.00 60.57  ? 350 GLY B O   1 
ATOM   1051 N N   . MET B 1 26  ? 8.494   -5.550  -9.492  1.00 59.50  ? 351 MET B N   1 
ATOM   1052 C CA  . MET B 1 26  ? 8.994   -5.849  -10.832 1.00 60.78  ? 351 MET B CA  1 
ATOM   1053 C C   . MET B 1 26  ? 10.339  -5.170  -11.134 1.00 58.42  ? 351 MET B C   1 
ATOM   1054 O O   . MET B 1 26  ? 10.696  -4.985  -12.299 1.00 58.69  ? 351 MET B O   1 
ATOM   1055 C CB  . MET B 1 26  ? 7.948   -5.419  -11.861 1.00 62.86  ? 351 MET B CB  1 
ATOM   1056 C CG  . MET B 1 26  ? 6.550   -5.898  -11.514 1.00 67.16  ? 351 MET B CG  1 
ATOM   1057 S SD  . MET B 1 26  ? 5.267   -5.280  -12.599 0.49 79.00  ? 351 MET B SD  1 
ATOM   1058 C CE  . MET B 1 26  ? 5.510   -6.306  -14.054 1.00 76.18  ? 351 MET B CE  1 
ATOM   1059 N N   . ILE B 1 27  ? 11.080  -4.822  -10.082 1.00 53.39  ? 352 ILE B N   1 
ATOM   1060 C CA  . ILE B 1 27  ? 12.384  -4.159  -10.201 1.00 48.96  ? 352 ILE B CA  1 
ATOM   1061 C C   . ILE B 1 27  ? 13.455  -4.928  -9.420  1.00 48.11  ? 352 ILE B C   1 
ATOM   1062 O O   . ILE B 1 27  ? 13.288  -5.212  -8.232  1.00 46.14  ? 352 ILE B O   1 
ATOM   1063 C CB  . ILE B 1 27  ? 12.308  -2.699  -9.683  1.00 45.91  ? 352 ILE B CB  1 
ATOM   1064 C CG1 . ILE B 1 27  ? 11.410  -1.874  -10.600 1.00 37.48  ? 352 ILE B CG1 1 
ATOM   1065 C CG2 . ILE B 1 27  ? 13.698  -2.068  -9.606  1.00 43.07  ? 352 ILE B CG2 1 
ATOM   1066 C CD1 . ILE B 1 27  ? 11.031  -0.555  -10.018 1.00 35.53  ? 352 ILE B CD1 1 
ATOM   1067 N N   . PRO B 1 28  ? 14.574  -5.271  -10.084 1.00 48.09  ? 353 PRO B N   1 
ATOM   1068 C CA  . PRO B 1 28  ? 15.657  -6.012  -9.427  1.00 49.62  ? 353 PRO B CA  1 
ATOM   1069 C C   . PRO B 1 28  ? 16.506  -5.192  -8.447  1.00 50.43  ? 353 PRO B C   1 
ATOM   1070 O O   . PRO B 1 28  ? 16.362  -3.971  -8.354  1.00 51.84  ? 353 PRO B O   1 
ATOM   1071 C CB  . PRO B 1 28  ? 16.473  -6.540  -10.613 1.00 50.05  ? 353 PRO B CB  1 
ATOM   1072 C CG  . PRO B 1 28  ? 16.304  -5.474  -11.640 1.00 52.36  ? 353 PRO B CG  1 
ATOM   1073 C CD  . PRO B 1 28  ? 14.840  -5.106  -11.526 1.00 49.15  ? 353 PRO B CD  1 
ATOM   1074 N N   . GLY B 1 29  ? 17.361  -5.889  -7.697  1.00 50.56  ? 354 GLY B N   1 
ATOM   1075 C CA  . GLY B 1 29  ? 18.237  -5.243  -6.731  1.00 51.59  ? 354 GLY B CA  1 
ATOM   1076 C C   . GLY B 1 29  ? 17.748  -5.311  -5.295  1.00 52.17  ? 354 GLY B C   1 
ATOM   1077 O O   . GLY B 1 29  ? 18.447  -4.904  -4.361  1.00 50.53  ? 354 GLY B O   1 
ATOM   1078 N N   . PHE B 1 30  ? 16.549  -5.852  -5.118  1.00 52.74  ? 355 PHE B N   1 
ATOM   1079 C CA  . PHE B 1 30  ? 15.942  -5.968  -3.803  1.00 51.95  ? 355 PHE B CA  1 
ATOM   1080 C C   . PHE B 1 30  ? 16.110  -7.345  -3.159  1.00 54.97  ? 355 PHE B C   1 
ATOM   1081 O O   . PHE B 1 30  ? 15.376  -7.691  -2.230  1.00 56.60  ? 355 PHE B O   1 
ATOM   1082 C CB  . PHE B 1 30  ? 14.459  -5.620  -3.904  1.00 48.39  ? 355 PHE B CB  1 
ATOM   1083 C CG  . PHE B 1 30  ? 14.188  -4.177  -4.249  1.00 46.78  ? 355 PHE B CG  1 
ATOM   1084 C CD1 . PHE B 1 30  ? 13.501  -3.843  -5.415  1.00 41.95  ? 355 PHE B CD1 1 
ATOM   1085 C CD2 . PHE B 1 30  ? 14.581  -3.152  -3.387  1.00 47.29  ? 355 PHE B CD2 1 
ATOM   1086 C CE1 . PHE B 1 30  ? 13.205  -2.513  -5.716  1.00 43.64  ? 355 PHE B CE1 1 
ATOM   1087 C CE2 . PHE B 1 30  ? 14.288  -1.816  -3.681  1.00 43.91  ? 355 PHE B CE2 1 
ATOM   1088 C CZ  . PHE B 1 30  ? 13.599  -1.499  -4.847  1.00 38.77  ? 355 PHE B CZ  1 
ATOM   1089 N N   . GLY B 1 31  ? 17.088  -8.116  -3.635  1.00 57.55  ? 356 GLY B N   1 
ATOM   1090 C CA  . GLY B 1 31  ? 17.317  -9.447  -3.092  1.00 61.62  ? 356 GLY B CA  1 
ATOM   1091 C C   . GLY B 1 31  ? 16.218  -10.443 -3.442  1.00 66.53  ? 356 GLY B C   1 
ATOM   1092 O O   . GLY B 1 31  ? 15.338  -10.157 -4.262  1.00 66.93  ? 356 GLY B O   1 
ATOM   1093 N N   . THR B 1 32  ? 16.259  -11.615 -2.813  1.00 67.71  ? 357 THR B N   1 
ATOM   1094 C CA  . THR B 1 32  ? 15.268  -12.660 -3.067  1.00 68.94  ? 357 THR B CA  1 
ATOM   1095 C C   . THR B 1 32  ? 14.008  -12.489 -2.213  1.00 69.63  ? 357 THR B C   1 
ATOM   1096 O O   . THR B 1 32  ? 14.081  -12.049 -1.063  1.00 65.03  ? 357 THR B O   1 
ATOM   1097 C CB  . THR B 1 32  ? 15.849  -14.068 -2.799  1.00 69.37  ? 357 THR B CB  1 
ATOM   1098 O OG1 . THR B 1 32  ? 17.167  -14.158 -3.351  1.00 71.05  ? 357 THR B OG1 1 
ATOM   1099 C CG2 . THR B 1 32  ? 14.978  -15.136 -3.446  1.00 69.54  ? 357 THR B CG2 1 
ATOM   1100 N N   . ASP B 1 33  ? 12.862  -12.847 -2.792  1.00 71.52  ? 358 ASP B N   1 
ATOM   1101 C CA  . ASP B 1 33  ? 11.563  -12.767 -2.120  1.00 71.47  ? 358 ASP B CA  1 
ATOM   1102 C C   . ASP B 1 33  ? 11.253  -11.359 -1.618  1.00 69.55  ? 358 ASP B C   1 
ATOM   1103 O O   . ASP B 1 33  ? 11.054  -11.142 -0.421  1.00 67.58  ? 358 ASP B O   1 
ATOM   1104 C CB  . ASP B 1 33  ? 11.497  -13.763 -0.957  1.00 75.18  ? 358 ASP B CB  1 
ATOM   1105 C CG  . ASP B 1 33  ? 11.832  -15.185 -1.382  1.00 78.21  ? 358 ASP B CG  1 
ATOM   1106 O OD1 . ASP B 1 33  ? 12.609  -15.846 -0.657  1.00 76.91  ? 358 ASP B OD1 1 
ATOM   1107 O OD2 . ASP B 1 33  ? 11.321  -15.637 -2.436  1.00 76.84  ? 358 ASP B OD2 1 
ATOM   1108 N N   . PHE B 1 34  ? 11.218  -10.407 -2.543  1.00 68.28  ? 359 PHE B N   1 
ATOM   1109 C CA  . PHE B 1 34  ? 10.939  -9.023  -2.196  1.00 65.49  ? 359 PHE B CA  1 
ATOM   1110 C C   . PHE B 1 34  ? 9.441   -8.783  -2.057  1.00 66.48  ? 359 PHE B C   1 
ATOM   1111 O O   . PHE B 1 34  ? 8.706   -8.761  -3.046  1.00 68.72  ? 359 PHE B O   1 
ATOM   1112 C CB  . PHE B 1 34  ? 11.537  -8.073  -3.232  1.00 58.54  ? 359 PHE B CB  1 
ATOM   1113 C CG  . PHE B 1 34  ? 11.370  -6.630  -2.878  1.00 49.50  ? 359 PHE B CG  1 
ATOM   1114 C CD1 . PHE B 1 34  ? 11.753  -6.164  -1.620  1.00 42.58  ? 359 PHE B CD1 1 
ATOM   1115 C CD2 . PHE B 1 34  ? 10.803  -5.740  -3.783  1.00 50.48  ? 359 PHE B CD2 1 
ATOM   1116 C CE1 . PHE B 1 34  ? 11.568  -4.826  -1.264  1.00 44.63  ? 359 PHE B CE1 1 
ATOM   1117 C CE2 . PHE B 1 34  ? 10.614  -4.399  -3.439  1.00 50.87  ? 359 PHE B CE2 1 
ATOM   1118 C CZ  . PHE B 1 34  ? 10.996  -3.942  -2.176  1.00 46.76  ? 359 PHE B CZ  1 
ATOM   1119 N N   . MET B 1 35  ? 9.011   -8.579  -0.813  1.00 65.95  ? 360 MET B N   1 
ATOM   1120 C CA  . MET B 1 35  ? 7.611   -8.349  -0.476  1.00 67.95  ? 360 MET B CA  1 
ATOM   1121 C C   . MET B 1 35  ? 6.756   -9.579  -0.771  1.00 68.99  ? 360 MET B C   1 
ATOM   1122 O O   . MET B 1 35  ? 5.897   -9.557  -1.652  1.00 64.52  ? 360 MET B O   1 
ATOM   1123 C CB  . MET B 1 35  ? 7.068   -7.132  -1.220  1.00 66.18  ? 360 MET B CB  1 
ATOM   1124 C CG  . MET B 1 35  ? 7.722   -5.832  -0.834  1.00 62.84  ? 360 MET B CG  1 
ATOM   1125 S SD  . MET B 1 35  ? 6.934   -4.495  -1.699  0.66 66.36  ? 360 MET B SD  1 
ATOM   1126 C CE  . MET B 1 35  ? 7.056   -5.112  -3.424  1.00 48.81  ? 360 MET B CE  1 
ATOM   1127 N N   . SER B 1 36  ? 6.997   -10.648 -0.015  1.00 70.58  ? 361 SER B N   1 
ATOM   1128 C CA  . SER B 1 36  ? 6.272   -11.899 -0.186  1.00 72.22  ? 361 SER B CA  1 
ATOM   1129 C C   . SER B 1 36  ? 6.078   -12.606 1.146   1.00 73.78  ? 361 SER B C   1 
ATOM   1130 O O   . SER B 1 36  ? 7.048   -12.926 1.830   1.00 76.50  ? 361 SER B O   1 
ATOM   1131 C CB  . SER B 1 36  ? 7.030   -12.828 -1.144  1.00 71.96  ? 361 SER B CB  1 
ATOM   1132 O OG  . SER B 1 36  ? 7.154   -12.260 -2.436  1.00 73.78  ? 361 SER B OG  1 
ATOM   1133 N N   . LYS B 1 37  ? 4.819   -12.845 1.503   1.00 76.86  ? 362 LYS B N   1 
ATOM   1134 C CA  . LYS B 1 37  ? 4.463   -13.536 2.742   1.00 77.91  ? 362 LYS B CA  1 
ATOM   1135 C C   . LYS B 1 37  ? 5.191   -13.039 3.999   1.00 74.95  ? 362 LYS B C   1 
ATOM   1136 O O   . LYS B 1 37  ? 4.876   -11.968 4.527   1.00 74.16  ? 362 LYS B O   1 
ATOM   1137 C CB  . LYS B 1 37  ? 4.683   -15.050 2.596   1.00 85.44  ? 362 LYS B CB  1 
ATOM   1138 C CG  . LYS B 1 37  ? 3.976   -15.724 1.431   1.00 91.32  ? 362 LYS B CG  1 
ATOM   1139 C CD  . LYS B 1 37  ? 4.148   -17.244 1.518   1.00 94.33  ? 362 LYS B CD  1 
ATOM   1140 C CE  . LYS B 1 37  ? 3.509   -17.963 0.338   1.00 94.70  ? 362 LYS B CE  1 
ATOM   1141 N NZ  . LYS B 1 37  ? 3.510   -19.441 0.514   1.00 93.12  ? 362 LYS B NZ  1 
ATOM   1142 N N   . GLY B 1 38  ? 6.175   -13.820 4.452   1.00 71.45  ? 363 GLY B N   1 
ATOM   1143 C CA  . GLY B 1 38  ? 6.933   -13.498 5.652   1.00 74.11  ? 363 GLY B CA  1 
ATOM   1144 C C   . GLY B 1 38  ? 8.113   -12.563 5.473   1.00 75.67  ? 363 GLY B C   1 
ATOM   1145 O O   . GLY B 1 38  ? 8.914   -12.376 6.393   1.00 73.98  ? 363 GLY B O   1 
ATOM   1146 N N   . ASN B 1 39  ? 8.222   -11.982 4.282   1.00 76.91  ? 364 ASN B N   1 
ATOM   1147 C CA  . ASN B 1 39  ? 9.292   -11.044 3.972   1.00 77.84  ? 364 ASN B CA  1 
ATOM   1148 C C   . ASN B 1 39  ? 8.694   -9.660  3.818   1.00 79.14  ? 364 ASN B C   1 
ATOM   1149 O O   . ASN B 1 39  ? 8.827   -9.033  2.769   1.00 83.91  ? 364 ASN B O   1 
ATOM   1150 C CB  . ASN B 1 39  ? 10.008  -11.439 2.679   1.00 74.26  ? 364 ASN B CB  1 
ATOM   1151 C CG  . ASN B 1 39  ? 11.048  -12.506 2.892   1.00 74.80  ? 364 ASN B CG  1 
ATOM   1152 O OD1 . ASN B 1 39  ? 10.956  -13.600 2.337   1.00 73.90  ? 364 ASN B OD1 1 
ATOM   1153 N ND2 . ASN B 1 39  ? 12.060  -12.190 3.688   1.00 77.35  ? 364 ASN B ND2 1 
ATOM   1154 N N   . GLU B 1 40  ? 7.982   -9.204  4.840   1.00 76.93  ? 365 GLU B N   1 
ATOM   1155 C CA  . GLU B 1 40  ? 7.385   -7.883  4.773   1.00 74.40  ? 365 GLU B CA  1 
ATOM   1156 C C   . GLU B 1 40  ? 8.146   -6.947  5.694   1.00 72.27  ? 365 GLU B C   1 
ATOM   1157 O O   . GLU B 1 40  ? 8.144   -5.737  5.490   1.00 71.65  ? 365 GLU B O   1 
ATOM   1158 C CB  . GLU B 1 40  ? 5.906   -7.930  5.136   1.00 78.55  ? 365 GLU B CB  1 
ATOM   1159 C CG  . GLU B 1 40  ? 5.094   -6.840  4.455   1.00 88.50  ? 365 GLU B CG  1 
ATOM   1160 C CD  . GLU B 1 40  ? 4.350   -5.957  5.435   1.00 94.54  ? 365 GLU B CD  1 
ATOM   1161 O OE1 . GLU B 1 40  ? 5.010   -5.287  6.262   1.00 96.51  ? 365 GLU B OE1 1 
ATOM   1162 O OE2 . GLU B 1 40  ? 3.102   -5.928  5.371   1.00 99.23  ? 365 GLU B OE2 1 
ATOM   1163 N N   . GLN B 1 41  ? 8.825   -7.514  6.688   1.00 70.90  ? 366 GLN B N   1 
ATOM   1164 C CA  . GLN B 1 41  ? 9.603   -6.711  7.622   1.00 71.53  ? 366 GLN B CA  1 
ATOM   1165 C C   . GLN B 1 41  ? 10.942  -6.316  6.985   1.00 70.88  ? 366 GLN B C   1 
ATOM   1166 O O   . GLN B 1 41  ? 11.365  -5.160  7.084   1.00 72.70  ? 366 GLN B O   1 
ATOM   1167 C CB  . GLN B 1 41  ? 9.818   -7.470  8.933   1.00 72.86  ? 366 GLN B CB  1 
ATOM   1168 C CG  . GLN B 1 41  ? 10.170  -6.576  10.115  1.00 76.74  ? 366 GLN B CG  1 
ATOM   1169 C CD  . GLN B 1 41  ? 10.023  -7.289  11.451  1.00 84.05  ? 366 GLN B CD  1 
ATOM   1170 O OE1 . GLN B 1 41  ? 9.005   -7.932  11.716  1.00 88.55  ? 366 GLN B OE1 1 
ATOM   1171 N NE2 . GLN B 1 41  ? 11.038  -7.172  12.302  1.00 85.07  ? 366 GLN B NE2 1 
ATOM   1172 N N   . GLU B 1 42  ? 11.579  -7.269  6.303   1.00 67.15  ? 367 GLU B N   1 
ATOM   1173 C CA  . GLU B 1 42  ? 12.856  -7.024  5.630   1.00 59.11  ? 367 GLU B CA  1 
ATOM   1174 C C   . GLU B 1 42  ? 12.651  -6.105  4.438   1.00 50.09  ? 367 GLU B C   1 
ATOM   1175 O O   . GLU B 1 42  ? 13.470  -5.228  4.167   1.00 49.35  ? 367 GLU B O   1 
ATOM   1176 C CB  . GLU B 1 42  ? 13.474  -8.334  5.132   1.00 66.20  ? 367 GLU B CB  1 
ATOM   1177 C CG  . GLU B 1 42  ? 13.867  -9.313  6.229   1.00 81.41  ? 367 GLU B CG  1 
ATOM   1178 C CD  . GLU B 1 42  ? 14.762  -10.443 5.722   1.00 89.47  ? 367 GLU B CD  1 
ATOM   1179 O OE1 . GLU B 1 42  ? 15.827  -10.681 6.339   1.00 93.30  ? 367 GLU B OE1 1 
ATOM   1180 O OE2 . GLU B 1 42  ? 14.405  -11.093 4.714   1.00 90.70  ? 367 GLU B OE2 1 
ATOM   1181 N N   . SER B 1 43  ? 11.549  -6.323  3.733   1.00 42.41  ? 368 SER B N   1 
ATOM   1182 C CA  . SER B 1 43  ? 11.209  -5.543  2.552   1.00 39.50  ? 368 SER B CA  1 
ATOM   1183 C C   . SER B 1 43  ? 10.981  -4.078  2.865   1.00 41.88  ? 368 SER B C   1 
ATOM   1184 O O   . SER B 1 43  ? 11.302  -3.210  2.054   1.00 38.02  ? 368 SER B O   1 
ATOM   1185 C CB  . SER B 1 43  ? 9.965   -6.119  1.880   1.00 39.31  ? 368 SER B CB  1 
ATOM   1186 O OG  . SER B 1 43  ? 10.209  -7.432  1.417   1.00 35.38  ? 368 SER B OG  1 
ATOM   1187 N N   . MET B 1 44  ? 10.388  -3.806  4.023   1.00 41.01  ? 369 MET B N   1 
ATOM   1188 C CA  . MET B 1 44  ? 10.128  -2.431  4.414   1.00 41.79  ? 369 MET B CA  1 
ATOM   1189 C C   . MET B 1 44  ? 11.397  -1.743  4.917   1.00 42.51  ? 369 MET B C   1 
ATOM   1190 O O   . MET B 1 44  ? 11.561  -0.539  4.727   1.00 42.22  ? 369 MET B O   1 
ATOM   1191 C CB  . MET B 1 44  ? 9.007   -2.350  5.455   1.00 38.44  ? 369 MET B CB  1 
ATOM   1192 C CG  . MET B 1 44  ? 7.620   -2.728  4.923   1.00 38.00  ? 369 MET B CG  1 
ATOM   1193 S SD  . MET B 1 44  ? 7.090   -1.840  3.439   0.57 42.31  ? 369 MET B SD  1 
ATOM   1194 C CE  . MET B 1 44  ? 5.669   -2.791  2.874   1.00 52.72  ? 369 MET B CE  1 
ATOM   1195 N N   . ALA B 1 45  ? 12.293  -2.507  5.545   1.00 39.53  ? 370 ALA B N   1 
ATOM   1196 C CA  . ALA B 1 45  ? 13.557  -1.958  6.047   1.00 42.37  ? 370 ALA B CA  1 
ATOM   1197 C C   . ALA B 1 45  ? 14.407  -1.465  4.864   1.00 42.58  ? 370 ALA B C   1 
ATOM   1198 O O   . ALA B 1 45  ? 15.232  -0.554  5.006   1.00 41.48  ? 370 ALA B O   1 
ATOM   1199 C CB  . ALA B 1 45  ? 14.319  -3.012  6.854   1.00 34.89  ? 370 ALA B CB  1 
ATOM   1200 N N   . ARG B 1 46  ? 14.179  -2.076  3.699   1.00 42.99  ? 371 ARG B N   1 
ATOM   1201 C CA  . ARG B 1 46  ? 14.872  -1.727  2.462   1.00 40.00  ? 371 ARG B CA  1 
ATOM   1202 C C   . ARG B 1 46  ? 14.390  -0.378  1.951   1.00 41.20  ? 371 ARG B C   1 
ATOM   1203 O O   . ARG B 1 46  ? 15.201  0.499   1.648   1.00 45.88  ? 371 ARG B O   1 
ATOM   1204 C CB  . ARG B 1 46  ? 14.652  -2.807  1.396   1.00 36.89  ? 371 ARG B CB  1 
ATOM   1205 C CG  . ARG B 1 46  ? 15.322  -4.124  1.746   1.00 41.44  ? 371 ARG B CG  1 
ATOM   1206 C CD  . ARG B 1 46  ? 14.939  -5.255  0.813   1.00 44.04  ? 371 ARG B CD  1 
ATOM   1207 N NE  . ARG B 1 46  ? 15.672  -6.468  1.166   1.00 48.48  ? 371 ARG B NE  1 
ATOM   1208 C CZ  . ARG B 1 46  ? 16.858  -6.795  0.661   1.00 50.96  ? 371 ARG B CZ  1 
ATOM   1209 N NH1 . ARG B 1 46  ? 17.439  -6.002  -0.230  1.00 55.05  ? 371 ARG B NH1 1 
ATOM   1210 N NH2 . ARG B 1 46  ? 17.490  -7.882  1.083   1.00 45.99  ? 371 ARG B NH2 1 
ATOM   1211 N N   . LEU B 1 47  ? 13.075  -0.207  1.867   1.00 39.05  ? 372 LEU B N   1 
ATOM   1212 C CA  . LEU B 1 47  ? 12.511  1.057   1.409   1.00 36.21  ? 372 LEU B CA  1 
ATOM   1213 C C   . LEU B 1 47  ? 12.983  2.199   2.301   1.00 36.75  ? 372 LEU B C   1 
ATOM   1214 O O   . LEU B 1 47  ? 13.281  3.289   1.815   1.00 41.89  ? 372 LEU B O   1 
ATOM   1215 C CB  . LEU B 1 47  ? 10.984  1.013   1.420   1.00 32.90  ? 372 LEU B CB  1 
ATOM   1216 C CG  . LEU B 1 47  ? 10.287  0.036   0.479   1.00 37.88  ? 372 LEU B CG  1 
ATOM   1217 C CD1 . LEU B 1 47  ? 8.791   0.336   0.485   1.00 32.35  ? 372 LEU B CD1 1 
ATOM   1218 C CD2 . LEU B 1 47  ? 10.849  0.169   -0.929  1.00 40.70  ? 372 LEU B CD2 1 
ATOM   1219 N N   . LYS B 1 48  ? 13.075  1.936   3.603   1.00 34.33  ? 373 LYS B N   1 
ATOM   1220 C CA  . LYS B 1 48  ? 13.502  2.947   4.562   1.00 33.08  ? 373 LYS B CA  1 
ATOM   1221 C C   . LYS B 1 48  ? 14.945  3.368   4.327   1.00 35.93  ? 373 LYS B C   1 
ATOM   1222 O O   . LYS B 1 48  ? 15.283  4.534   4.514   1.00 38.81  ? 373 LYS B O   1 
ATOM   1223 C CB  . LYS B 1 48  ? 13.342  2.449   5.998   1.00 24.99  ? 373 LYS B CB  1 
ATOM   1224 C CG  . LYS B 1 48  ? 13.612  3.517   7.031   1.00 25.74  ? 373 LYS B CG  1 
ATOM   1225 C CD  . LYS B 1 48  ? 13.562  2.975   8.440   1.00 36.76  ? 373 LYS B CD  1 
ATOM   1226 C CE  . LYS B 1 48  ? 13.707  4.110   9.435   1.00 40.98  ? 373 LYS B CE  1 
ATOM   1227 N NZ  . LYS B 1 48  ? 13.739  3.647   10.845  1.00 48.04  ? 373 LYS B NZ  1 
ATOM   1228 N N   . LYS B 1 49  ? 15.797  2.418   3.943   1.00 35.90  ? 374 LYS B N   1 
ATOM   1229 C CA  . LYS B 1 49  ? 17.197  2.728   3.686   1.00 36.26  ? 374 LYS B CA  1 
ATOM   1230 C C   . LYS B 1 49  ? 17.337  3.549   2.406   1.00 30.62  ? 374 LYS B C   1 
ATOM   1231 O O   . LYS B 1 49  ? 18.217  4.396   2.305   1.00 36.01  ? 374 LYS B O   1 
ATOM   1232 C CB  . LYS B 1 49  ? 18.048  1.461   3.615   1.00 43.95  ? 374 LYS B CB  1 
ATOM   1233 C CG  . LYS B 1 49  ? 19.543  1.751   3.657   1.00 54.98  ? 374 LYS B CG  1 
ATOM   1234 C CD  . LYS B 1 49  ? 20.372  0.487   3.690   1.00 61.91  ? 374 LYS B CD  1 
ATOM   1235 C CE  . LYS B 1 49  ? 21.853  0.824   3.714   1.00 69.53  ? 374 LYS B CE  1 
ATOM   1236 N NZ  . LYS B 1 49  ? 22.718  -0.389  3.793   1.00 74.77  ? 374 LYS B NZ  1 
ATOM   1237 N N   . LEU B 1 50  ? 16.465  3.303   1.432   1.00 24.96  ? 375 LEU B N   1 
ATOM   1238 C CA  . LEU B 1 50  ? 16.488  4.061   0.191   1.00 25.22  ? 375 LEU B CA  1 
ATOM   1239 C C   . LEU B 1 50  ? 16.010  5.483   0.460   1.00 32.10  ? 375 LEU B C   1 
ATOM   1240 O O   . LEU B 1 50  ? 16.422  6.436   -0.206  1.00 29.20  ? 375 LEU B O   1 
ATOM   1241 C CB  . LEU B 1 50  ? 15.588  3.415   -0.856  1.00 26.36  ? 375 LEU B CB  1 
ATOM   1242 C CG  . LEU B 1 50  ? 16.062  2.076   -1.415  1.00 28.55  ? 375 LEU B CG  1 
ATOM   1243 C CD1 . LEU B 1 50  ? 15.182  1.716   -2.589  1.00 28.17  ? 375 LEU B CD1 1 
ATOM   1244 C CD2 . LEU B 1 50  ? 17.522  2.170   -1.863  1.00 35.55  ? 375 LEU B CD2 1 
ATOM   1245 N N   . MET B 1 51  ? 15.108  5.603   1.429   1.00 31.71  ? 376 MET B N   1 
ATOM   1246 C CA  . MET B 1 51  ? 14.559  6.887   1.825   1.00 28.94  ? 376 MET B CA  1 
ATOM   1247 C C   . MET B 1 51  ? 15.644  7.696   2.515   1.00 24.90  ? 376 MET B C   1 
ATOM   1248 O O   . MET B 1 51  ? 15.713  8.907   2.341   1.00 29.58  ? 376 MET B O   1 
ATOM   1249 C CB  . MET B 1 51  ? 13.361  6.699   2.768   1.00 30.87  ? 376 MET B CB  1 
ATOM   1250 C CG  . MET B 1 51  ? 12.057  6.311   2.065   1.00 41.45  ? 376 MET B CG  1 
ATOM   1251 S SD  . MET B 1 51  ? 10.600  6.060   3.179   0.68 42.28  ? 376 MET B SD  1 
ATOM   1252 C CE  . MET B 1 51  ? 10.775  7.448   4.288   1.00 34.86  ? 376 MET B CE  1 
ATOM   1253 N N   . THR B 1 52  ? 16.487  7.034   3.304   1.00 22.25  ? 377 THR B N   1 
ATOM   1254 C CA  . THR B 1 52  ? 17.559  7.735   3.998   1.00 31.55  ? 377 THR B CA  1 
ATOM   1255 C C   . THR B 1 52  ? 18.600  8.241   2.994   1.00 38.08  ? 377 THR B C   1 
ATOM   1256 O O   . THR B 1 52  ? 19.276  9.238   3.244   1.00 41.67  ? 377 THR B O   1 
ATOM   1257 C CB  . THR B 1 52  ? 18.259  6.862   5.054   1.00 31.33  ? 377 THR B CB  1 
ATOM   1258 O OG1 . THR B 1 52  ? 18.933  5.773   4.414   1.00 39.88  ? 377 THR B OG1 1 
ATOM   1259 C CG2 . THR B 1 52  ? 17.260  6.336   6.071   1.00 39.32  ? 377 THR B CG2 1 
ATOM   1260 N N   . ILE B 1 53  ? 18.725  7.552   1.863   1.00 35.96  ? 378 ILE B N   1 
ATOM   1261 C CA  . ILE B 1 53  ? 19.664  7.963   0.831   1.00 35.27  ? 378 ILE B CA  1 
ATOM   1262 C C   . ILE B 1 53  ? 19.107  9.204   0.132   1.00 33.87  ? 378 ILE B C   1 
ATOM   1263 O O   . ILE B 1 53  ? 19.847  10.148  -0.143  1.00 34.29  ? 378 ILE B O   1 
ATOM   1264 C CB  . ILE B 1 53  ? 19.943  6.813   -0.169  1.00 39.31  ? 378 ILE B CB  1 
ATOM   1265 C CG1 . ILE B 1 53  ? 20.593  5.635   0.572   1.00 31.86  ? 378 ILE B CG1 1 
ATOM   1266 C CG2 . ILE B 1 53  ? 20.850  7.297   -1.310  1.00 36.86  ? 378 ILE B CG2 1 
ATOM   1267 C CD1 . ILE B 1 53  ? 20.816  4.395   -0.286  1.00 30.80  ? 378 ILE B CD1 1 
ATOM   1268 N N   . MET B 1 54  ? 17.800  9.216   -0.121  1.00 27.86  ? 379 MET B N   1 
ATOM   1269 C CA  . MET B 1 54  ? 17.163  10.371  -0.749  1.00 22.48  ? 379 MET B CA  1 
ATOM   1270 C C   . MET B 1 54  ? 17.076  11.554  0.222   1.00 21.15  ? 379 MET B C   1 
ATOM   1271 O O   . MET B 1 54  ? 16.791  12.681  -0.190  1.00 25.02  ? 379 MET B O   1 
ATOM   1272 C CB  . MET B 1 54  ? 15.773  10.020  -1.275  1.00 27.93  ? 379 MET B CB  1 
ATOM   1273 C CG  . MET B 1 54  ? 15.770  9.003   -2.397  1.00 31.69  ? 379 MET B CG  1 
ATOM   1274 S SD  . MET B 1 54  ? 14.104  8.726   -3.091  0.76 39.91  ? 379 MET B SD  1 
ATOM   1275 C CE  . MET B 1 54  ? 13.701  7.161   -2.277  1.00 42.67  ? 379 MET B CE  1 
ATOM   1276 N N   . ASP B 1 55  ? 17.313  11.293  1.507   1.00 17.90  ? 380 ASP B N   1 
ATOM   1277 C CA  . ASP B 1 55  ? 17.296  12.338  2.533   1.00 23.17  ? 380 ASP B CA  1 
ATOM   1278 C C   . ASP B 1 55  ? 18.567  13.177  2.392   1.00 29.52  ? 380 ASP B C   1 
ATOM   1279 O O   . ASP B 1 55  ? 18.656  14.284  2.934   1.00 29.52  ? 380 ASP B O   1 
ATOM   1280 C CB  . ASP B 1 55  ? 17.261  11.734  3.950   1.00 24.24  ? 380 ASP B CB  1 
ATOM   1281 C CG  . ASP B 1 55  ? 15.857  11.290  4.397   1.00 30.51  ? 380 ASP B CG  1 
ATOM   1282 O OD1 . ASP B 1 55  ? 14.842  11.706  3.798   1.00 23.24  ? 380 ASP B OD1 1 
ATOM   1283 O OD2 . ASP B 1 55  ? 15.777  10.532  5.389   1.00 23.62  ? 380 ASP B OD2 1 
ATOM   1284 N N   . SER B 1 56  ? 19.567  12.604  1.719   1.00 33.61  ? 381 SER B N   1 
ATOM   1285 C CA  . SER B 1 56  ? 20.850  13.257  1.465   1.00 28.75  ? 381 SER B CA  1 
ATOM   1286 C C   . SER B 1 56  ? 20.836  14.051  0.169   1.00 32.06  ? 381 SER B C   1 
ATOM   1287 O O   . SER B 1 56  ? 21.798  14.739  -0.140  1.00 38.40  ? 381 SER B O   1 
ATOM   1288 C CB  . SER B 1 56  ? 21.976  12.235  1.405   1.00 18.92  ? 381 SER B CB  1 
ATOM   1289 O OG  . SER B 1 56  ? 22.444  11.926  2.695   1.00 26.02  ? 381 SER B OG  1 
ATOM   1290 N N   . MET B 1 57  ? 19.765  13.909  -0.607  1.00 31.33  ? 382 MET B N   1 
ATOM   1291 C CA  . MET B 1 57  ? 19.615  14.632  -1.863  1.00 26.80  ? 382 MET B CA  1 
ATOM   1292 C C   . MET B 1 57  ? 19.002  15.996  -1.566  1.00 30.17  ? 382 MET B C   1 
ATOM   1293 O O   . MET B 1 57  ? 18.528  16.231  -0.458  1.00 38.47  ? 382 MET B O   1 
ATOM   1294 C CB  . MET B 1 57  ? 18.695  13.868  -2.815  1.00 24.41  ? 382 MET B CB  1 
ATOM   1295 C CG  . MET B 1 57  ? 19.075  12.414  -3.017  1.00 20.17  ? 382 MET B CG  1 
ATOM   1296 S SD  . MET B 1 57  ? 18.178  11.709  -4.400  0.71 35.01  ? 382 MET B SD  1 
ATOM   1297 C CE  . MET B 1 57  ? 19.181  10.236  -4.658  1.00 18.15  ? 382 MET B CE  1 
ATOM   1298 N N   . ASN B 1 58  ? 19.026  16.902  -2.541  1.00 32.44  ? 383 ASN B N   1 
ATOM   1299 C CA  . ASN B 1 58  ? 18.450  18.229  -2.338  1.00 29.45  ? 383 ASN B CA  1 
ATOM   1300 C C   . ASN B 1 58  ? 17.240  18.427  -3.228  1.00 29.73  ? 383 ASN B C   1 
ATOM   1301 O O   . ASN B 1 58  ? 16.947  17.587  -4.078  1.00 30.57  ? 383 ASN B O   1 
ATOM   1302 C CB  . ASN B 1 58  ? 19.486  19.345  -2.554  1.00 35.43  ? 383 ASN B CB  1 
ATOM   1303 C CG  . ASN B 1 58  ? 20.142  19.290  -3.923  1.00 32.04  ? 383 ASN B CG  1 
ATOM   1304 O OD1 . ASN B 1 58  ? 21.358  19.175  -4.022  1.00 41.43  ? 383 ASN B OD1 1 
ATOM   1305 N ND2 . ASN B 1 58  ? 19.342  19.383  -4.981  1.00 29.48  ? 383 ASN B ND2 1 
ATOM   1306 N N   . ASP B 1 59  ? 16.562  19.557  -3.053  1.00 33.02  ? 384 ASP B N   1 
ATOM   1307 C CA  . ASP B 1 59  ? 15.356  19.856  -3.811  1.00 39.85  ? 384 ASP B CA  1 
ATOM   1308 C C   . ASP B 1 59  ? 15.502  19.786  -5.328  1.00 45.03  ? 384 ASP B C   1 
ATOM   1309 O O   . ASP B 1 59  ? 14.605  19.291  -6.011  1.00 47.38  ? 384 ASP B O   1 
ATOM   1310 C CB  . ASP B 1 59  ? 14.780  21.217  -3.389  1.00 42.57  ? 384 ASP B CB  1 
ATOM   1311 C CG  . ASP B 1 59  ? 14.366  21.255  -1.922  1.00 44.72  ? 384 ASP B CG  1 
ATOM   1312 O OD1 . ASP B 1 59  ? 14.201  22.371  -1.379  1.00 44.49  ? 384 ASP B OD1 1 
ATOM   1313 O OD2 . ASP B 1 59  ? 14.201  20.175  -1.308  1.00 50.33  ? 384 ASP B OD2 1 
ATOM   1314 N N   . GLN B 1 60  ? 16.629  20.258  -5.854  1.00 47.96  ? 385 GLN B N   1 
ATOM   1315 C CA  . GLN B 1 60  ? 16.862  20.242  -7.297  1.00 48.52  ? 385 GLN B CA  1 
ATOM   1316 C C   . GLN B 1 60  ? 16.843  18.808  -7.807  1.00 45.50  ? 385 GLN B C   1 
ATOM   1317 O O   . GLN B 1 60  ? 16.155  18.482  -8.779  1.00 47.26  ? 385 GLN B O   1 
ATOM   1318 C CB  . GLN B 1 60  ? 18.206  20.901  -7.631  1.00 54.52  ? 385 GLN B CB  1 
ATOM   1319 C CG  . GLN B 1 60  ? 18.631  20.788  -9.097  1.00 55.20  ? 385 GLN B CG  1 
ATOM   1320 C CD  . GLN B 1 60  ? 19.914  21.553  -9.420  1.00 60.91  ? 385 GLN B CD  1 
ATOM   1321 O OE1 . GLN B 1 60  ? 20.076  22.055  -10.533 1.00 66.64  ? 385 GLN B OE1 1 
ATOM   1322 N NE2 . GLN B 1 60  ? 20.831  21.640  -8.450  1.00 51.57  ? 385 GLN B NE2 1 
ATOM   1323 N N   . GLU B 1 61  ? 17.584  17.952  -7.118  1.00 42.23  ? 386 GLU B N   1 
ATOM   1324 C CA  . GLU B 1 61  ? 17.672  16.547  -7.471  1.00 42.07  ? 386 GLU B CA  1 
ATOM   1325 C C   . GLU B 1 61  ? 16.354  15.796  -7.250  1.00 39.06  ? 386 GLU B C   1 
ATOM   1326 O O   . GLU B 1 61  ? 15.982  14.948  -8.060  1.00 38.83  ? 386 GLU B O   1 
ATOM   1327 C CB  . GLU B 1 61  ? 18.802  15.910  -6.674  1.00 39.53  ? 386 GLU B CB  1 
ATOM   1328 C CG  . GLU B 1 61  ? 20.133  16.586  -6.922  1.00 39.30  ? 386 GLU B CG  1 
ATOM   1329 C CD  . GLU B 1 61  ? 21.122  16.394  -5.795  1.00 46.58  ? 386 GLU B CD  1 
ATOM   1330 O OE1 . GLU B 1 61  ? 20.788  15.738  -4.788  1.00 44.10  ? 386 GLU B OE1 1 
ATOM   1331 O OE2 . GLU B 1 61  ? 22.248  16.917  -5.911  1.00 55.45  ? 386 GLU B OE2 1 
ATOM   1332 N N   . LEU B 1 62  ? 15.636  16.151  -6.187  1.00 35.38  ? 387 LEU B N   1 
ATOM   1333 C CA  . LEU B 1 62  ? 14.358  15.517  -5.845  1.00 34.89  ? 387 LEU B CA  1 
ATOM   1334 C C   . LEU B 1 62  ? 13.173  15.876  -6.738  1.00 34.48  ? 387 LEU B C   1 
ATOM   1335 O O   . LEU B 1 62  ? 12.333  15.022  -7.022  1.00 39.84  ? 387 LEU B O   1 
ATOM   1336 C CB  . LEU B 1 62  ? 13.990  15.812  -4.390  1.00 29.92  ? 387 LEU B CB  1 
ATOM   1337 C CG  . LEU B 1 62  ? 14.897  15.169  -3.340  1.00 31.13  ? 387 LEU B CG  1 
ATOM   1338 C CD1 . LEU B 1 62  ? 14.613  15.769  -1.984  1.00 39.50  ? 387 LEU B CD1 1 
ATOM   1339 C CD2 . LEU B 1 62  ? 14.695  13.667  -3.312  1.00 32.69  ? 387 LEU B CD2 1 
ATOM   1340 N N   . ASP B 1 63  ? 13.096  17.133  -7.166  1.00 36.00  ? 388 ASP B N   1 
ATOM   1341 C CA  . ASP B 1 63  ? 11.994  17.591  -8.008  1.00 38.38  ? 388 ASP B CA  1 
ATOM   1342 C C   . ASP B 1 63  ? 12.312  17.640  -9.493  1.00 39.41  ? 388 ASP B C   1 
ATOM   1343 O O   . ASP B 1 63  ? 11.499  18.091  -10.302 1.00 35.98  ? 388 ASP B O   1 
ATOM   1344 C CB  . ASP B 1 63  ? 11.496  18.955  -7.533  1.00 43.85  ? 388 ASP B CB  1 
ATOM   1345 C CG  . ASP B 1 63  ? 10.849  18.890  -6.166  1.00 51.72  ? 388 ASP B CG  1 
ATOM   1346 O OD1 . ASP B 1 63  ? 9.837   18.167  -6.023  1.00 56.49  ? 388 ASP B OD1 1 
ATOM   1347 O OD2 . ASP B 1 63  ? 11.360  19.552  -5.234  1.00 50.59  ? 388 ASP B OD2 1 
ATOM   1348 N N   . SER B 1 64  ? 13.505  17.172  -9.843  1.00 48.94  ? 389 SER B N   1 
ATOM   1349 C CA  . SER B 1 64  ? 13.951  17.139  -11.232 1.00 54.92  ? 389 SER B CA  1 
ATOM   1350 C C   . SER B 1 64  ? 13.107  16.140  -12.034 1.00 57.97  ? 389 SER B C   1 
ATOM   1351 O O   . SER B 1 64  ? 12.802  15.044  -11.546 1.00 54.23  ? 389 SER B O   1 
ATOM   1352 C CB  . SER B 1 64  ? 15.429  16.734  -11.283 1.00 52.33  ? 389 SER B CB  1 
ATOM   1353 O OG  . SER B 1 64  ? 15.893  16.632  -12.615 1.00 47.03  ? 389 SER B OG  1 
ATOM   1354 N N   . THR B 1 65  ? 12.747  16.521  -13.262 1.00 63.01  ? 390 THR B N   1 
ATOM   1355 C CA  . THR B 1 65  ? 11.948  15.662  -14.143 1.00 69.00  ? 390 THR B CA  1 
ATOM   1356 C C   . THR B 1 65  ? 12.641  14.305  -14.309 1.00 71.39  ? 390 THR B C   1 
ATOM   1357 O O   . THR B 1 65  ? 11.983  13.267  -14.446 1.00 75.61  ? 390 THR B O   1 
ATOM   1358 C CB  . THR B 1 65  ? 11.732  16.307  -15.533 1.00 70.13  ? 390 THR B CB  1 
ATOM   1359 O OG1 . THR B 1 65  ? 11.363  17.682  -15.373 1.00 73.85  ? 390 THR B OG1 1 
ATOM   1360 C CG2 . THR B 1 65  ? 10.615  15.590  -16.283 1.00 72.77  ? 390 THR B CG2 1 
ATOM   1361 N N   . ASP B 1 66  ? 13.972  14.328  -14.291 1.00 67.75  ? 391 ASP B N   1 
ATOM   1362 C CA  . ASP B 1 66  ? 14.775  13.117  -14.392 1.00 66.79  ? 391 ASP B CA  1 
ATOM   1363 C C   . ASP B 1 66  ? 15.946  13.239  -13.414 1.00 67.45  ? 391 ASP B C   1 
ATOM   1364 O O   . ASP B 1 66  ? 17.032  13.698  -13.774 1.00 69.65  ? 391 ASP B O   1 
ATOM   1365 C CB  . ASP B 1 66  ? 15.286  12.911  -15.819 1.00 62.93  ? 391 ASP B CB  1 
ATOM   1366 C CG  . ASP B 1 66  ? 15.893  11.527  -16.033 1.00 67.08  ? 391 ASP B CG  1 
ATOM   1367 O OD1 . ASP B 1 66  ? 16.586  11.000  -15.128 1.00 60.45  ? 391 ASP B OD1 1 
ATOM   1368 O OD2 . ASP B 1 66  ? 15.671  10.957  -17.120 1.00 70.18  ? 391 ASP B OD2 1 
ATOM   1369 N N   . GLY B 1 67  ? 15.709  12.817  -12.176 1.00 66.17  ? 392 GLY B N   1 
ATOM   1370 C CA  . GLY B 1 67  ? 16.730  12.882  -11.147 1.00 61.24  ? 392 GLY B CA  1 
ATOM   1371 C C   . GLY B 1 67  ? 17.982  12.085  -11.445 1.00 56.72  ? 392 GLY B C   1 
ATOM   1372 O O   . GLY B 1 67  ? 19.051  12.428  -10.958 1.00 57.06  ? 392 GLY B O   1 
ATOM   1373 N N   . ALA B 1 68  ? 17.851  11.021  -12.231 1.00 55.63  ? 393 ALA B N   1 
ATOM   1374 C CA  . ALA B 1 68  ? 18.999  10.188  -12.585 1.00 57.32  ? 393 ALA B CA  1 
ATOM   1375 C C   . ALA B 1 68  ? 19.945  10.969  -13.492 1.00 58.06  ? 393 ALA B C   1 
ATOM   1376 O O   . ALA B 1 68  ? 21.165  10.817  -13.412 1.00 56.90  ? 393 ALA B O   1 
ATOM   1377 C CB  . ALA B 1 68  ? 18.536  8.917   -13.283 1.00 52.38  ? 393 ALA B CB  1 
ATOM   1378 N N   . LYS B 1 69  ? 19.361  11.823  -14.330 1.00 55.90  ? 394 LYS B N   1 
ATOM   1379 C CA  . LYS B 1 69  ? 20.109  12.647  -15.272 1.00 55.84  ? 394 LYS B CA  1 
ATOM   1380 C C   . LYS B 1 69  ? 20.955  13.711  -14.568 1.00 52.51  ? 394 LYS B C   1 
ATOM   1381 O O   . LYS B 1 69  ? 22.076  13.997  -14.990 1.00 49.88  ? 394 LYS B O   1 
ATOM   1382 C CB  . LYS B 1 69  ? 19.137  13.309  -16.255 1.00 61.47  ? 394 LYS B CB  1 
ATOM   1383 C CG  . LYS B 1 69  ? 19.792  14.107  -17.374 1.00 73.38  ? 394 LYS B CG  1 
ATOM   1384 C CD  . LYS B 1 69  ? 18.759  14.873  -18.199 1.00 79.66  ? 394 LYS B CD  1 
ATOM   1385 C CE  . LYS B 1 69  ? 18.171  16.069  -17.433 1.00 87.33  ? 394 LYS B CE  1 
ATOM   1386 N NZ  . LYS B 1 69  ? 17.289  15.713  -16.277 1.00 86.71  ? 394 LYS B NZ  1 
ATOM   1387 N N   . VAL B 1 70  ? 20.417  14.277  -13.489 1.00 45.37  ? 395 VAL B N   1 
ATOM   1388 C CA  . VAL B 1 70  ? 21.117  15.309  -12.727 1.00 39.34  ? 395 VAL B CA  1 
ATOM   1389 C C   . VAL B 1 70  ? 22.421  14.786  -12.135 1.00 41.24  ? 395 VAL B C   1 
ATOM   1390 O O   . VAL B 1 70  ? 23.344  15.555  -11.872 1.00 44.81  ? 395 VAL B O   1 
ATOM   1391 C CB  . VAL B 1 70  ? 20.212  15.880  -11.610 1.00 36.10  ? 395 VAL B CB  1 
ATOM   1392 C CG1 . VAL B 1 70  ? 20.961  16.915  -10.766 1.00 31.47  ? 395 VAL B CG1 1 
ATOM   1393 C CG2 . VAL B 1 70  ? 18.974  16.506  -12.227 1.00 34.16  ? 395 VAL B CG2 1 
ATOM   1394 N N   . PHE B 1 71  ? 22.504  13.472  -11.957 1.00 39.48  ? 396 PHE B N   1 
ATOM   1395 C CA  . PHE B 1 71  ? 23.703  12.852  -11.405 1.00 42.54  ? 396 PHE B CA  1 
ATOM   1396 C C   . PHE B 1 71  ? 24.657  12.343  -12.487 1.00 42.39  ? 396 PHE B C   1 
ATOM   1397 O O   . PHE B 1 71  ? 25.816  12.038  -12.201 1.00 45.64  ? 396 PHE B O   1 
ATOM   1398 C CB  . PHE B 1 71  ? 23.325  11.724  -10.442 1.00 41.79  ? 396 PHE B CB  1 
ATOM   1399 C CG  . PHE B 1 71  ? 22.598  12.195  -9.213  1.00 40.85  ? 396 PHE B CG  1 
ATOM   1400 C CD1 . PHE B 1 71  ? 21.228  12.418  -9.241  1.00 42.63  ? 396 PHE B CD1 1 
ATOM   1401 C CD2 . PHE B 1 71  ? 23.286  12.428  -8.029  1.00 43.12  ? 396 PHE B CD2 1 
ATOM   1402 C CE1 . PHE B 1 71  ? 20.547  12.866  -8.114  1.00 39.68  ? 396 PHE B CE1 1 
ATOM   1403 C CE2 . PHE B 1 71  ? 22.613  12.878  -6.891  1.00 45.80  ? 396 PHE B CE2 1 
ATOM   1404 C CZ  . PHE B 1 71  ? 21.240  13.096  -6.936  1.00 41.72  ? 396 PHE B CZ  1 
ATOM   1405 N N   . SER B 1 72  ? 24.157  12.239  -13.719 1.00 46.82  ? 397 SER B N   1 
ATOM   1406 C CA  . SER B 1 72  ? 24.956  11.795  -14.866 1.00 50.23  ? 397 SER B CA  1 
ATOM   1407 C C   . SER B 1 72  ? 25.831  12.958  -15.333 1.00 49.09  ? 397 SER B C   1 
ATOM   1408 O O   . SER B 1 72  ? 26.975  12.765  -15.749 1.00 46.90  ? 397 SER B O   1 
ATOM   1409 C CB  . SER B 1 72  ? 24.046  11.368  -16.024 1.00 53.46  ? 397 SER B CB  1 
ATOM   1410 O OG  . SER B 1 72  ? 23.171  10.325  -15.642 1.00 60.45  ? 397 SER B OG  1 
ATOM   1411 N N   . LYS B 1 73  ? 25.270  14.161  -15.248 1.00 47.78  ? 398 LYS B N   1 
ATOM   1412 C CA  . LYS B 1 73  ? 25.951  15.382  -15.644 1.00 48.74  ? 398 LYS B CA  1 
ATOM   1413 C C   . LYS B 1 73  ? 26.855  15.924  -14.534 1.00 51.22  ? 398 LYS B C   1 
ATOM   1414 O O   . LYS B 1 73  ? 27.872  16.562  -14.812 1.00 58.20  ? 398 LYS B O   1 
ATOM   1415 C CB  . LYS B 1 73  ? 24.920  16.435  -16.057 1.00 49.25  ? 398 LYS B CB  1 
ATOM   1416 C CG  . LYS B 1 73  ? 23.904  15.912  -17.062 1.00 56.60  ? 398 LYS B CG  1 
ATOM   1417 C CD  . LYS B 1 73  ? 23.008  17.005  -17.630 1.00 68.09  ? 398 LYS B CD  1 
ATOM   1418 C CE  . LYS B 1 73  ? 23.742  17.842  -18.674 1.00 72.67  ? 398 LYS B CE  1 
ATOM   1419 N NZ  . LYS B 1 73  ? 22.828  18.725  -19.463 1.00 71.30  ? 398 LYS B NZ  1 
ATOM   1420 N N   . GLN B 1 74  ? 26.505  15.642  -13.281 1.00 46.15  ? 399 GLN B N   1 
ATOM   1421 C CA  . GLN B 1 74  ? 27.291  16.107  -12.141 1.00 42.43  ? 399 GLN B CA  1 
ATOM   1422 C C   . GLN B 1 74  ? 27.593  14.959  -11.169 1.00 41.31  ? 399 GLN B C   1 
ATOM   1423 O O   . GLN B 1 74  ? 27.107  14.951  -10.041 1.00 40.40  ? 399 GLN B O   1 
ATOM   1424 C CB  . GLN B 1 74  ? 26.523  17.207  -11.401 1.00 46.71  ? 399 GLN B CB  1 
ATOM   1425 C CG  . GLN B 1 74  ? 26.186  18.433  -12.228 1.00 52.73  ? 399 GLN B CG  1 
ATOM   1426 C CD  . GLN B 1 74  ? 27.261  19.489  -12.148 1.00 61.52  ? 399 GLN B CD  1 
ATOM   1427 O OE1 . GLN B 1 74  ? 27.497  20.066  -11.085 1.00 63.83  ? 399 GLN B OE1 1 
ATOM   1428 N NE2 . GLN B 1 74  ? 27.927  19.747  -13.269 1.00 71.09  ? 399 GLN B NE2 1 
ATOM   1429 N N   . PRO B 1 75  ? 28.439  13.995  -11.583 1.00 39.06  ? 400 PRO B N   1 
ATOM   1430 C CA  . PRO B 1 75  ? 28.791  12.852  -10.732 1.00 37.06  ? 400 PRO B CA  1 
ATOM   1431 C C   . PRO B 1 75  ? 29.392  13.191  -9.376  1.00 37.64  ? 400 PRO B C   1 
ATOM   1432 O O   . PRO B 1 75  ? 29.586  12.307  -8.539  1.00 35.08  ? 400 PRO B O   1 
ATOM   1433 C CB  . PRO B 1 75  ? 29.748  12.050  -11.613 1.00 37.16  ? 400 PRO B CB  1 
ATOM   1434 C CG  . PRO B 1 75  ? 30.304  13.063  -12.542 1.00 39.16  ? 400 PRO B CG  1 
ATOM   1435 C CD  . PRO B 1 75  ? 29.108  13.891  -12.884 1.00 38.10  ? 400 PRO B CD  1 
ATOM   1436 N N   . GLY B 1 76  ? 29.692  14.468  -9.158  1.00 38.70  ? 401 GLY B N   1 
ATOM   1437 C CA  . GLY B 1 76  ? 30.230  14.883  -7.877  1.00 38.35  ? 401 GLY B CA  1 
ATOM   1438 C C   . GLY B 1 76  ? 29.142  14.755  -6.827  1.00 40.47  ? 401 GLY B C   1 
ATOM   1439 O O   . GLY B 1 76  ? 29.417  14.407  -5.678  1.00 39.28  ? 401 GLY B O   1 
ATOM   1440 N N   . ARG B 1 77  ? 27.901  15.022  -7.246  1.00 44.14  ? 402 ARG B N   1 
ATOM   1441 C CA  . ARG B 1 77  ? 26.709  14.942  -6.392  1.00 49.70  ? 402 ARG B CA  1 
ATOM   1442 C C   . ARG B 1 77  ? 26.497  13.544  -5.799  1.00 49.82  ? 402 ARG B C   1 
ATOM   1443 O O   . ARG B 1 77  ? 25.982  13.405  -4.684  1.00 49.22  ? 402 ARG B O   1 
ATOM   1444 C CB  . ARG B 1 77  ? 25.450  15.312  -7.183  1.00 49.93  ? 402 ARG B CB  1 
ATOM   1445 C CG  . ARG B 1 77  ? 25.377  16.733  -7.714  1.00 51.21  ? 402 ARG B CG  1 
ATOM   1446 C CD  . ARG B 1 77  ? 24.078  16.894  -8.490  1.00 53.19  ? 402 ARG B CD  1 
ATOM   1447 N NE  . ARG B 1 77  ? 23.965  18.167  -9.191  1.00 55.35  ? 402 ARG B NE  1 
ATOM   1448 C CZ  . ARG B 1 77  ? 23.415  19.264  -8.684  1.00 55.86  ? 402 ARG B CZ  1 
ATOM   1449 N NH1 . ARG B 1 77  ? 22.923  19.266  -7.452  1.00 55.94  ? 402 ARG B NH1 1 
ATOM   1450 N NH2 . ARG B 1 77  ? 23.332  20.357  -9.425  1.00 59.21  ? 402 ARG B NH2 1 
ATOM   1451 N N   . ILE B 1 78  ? 26.847  12.519  -6.574  1.00 44.02  ? 403 ILE B N   1 
ATOM   1452 C CA  . ILE B 1 78  ? 26.714  11.135  -6.136  1.00 36.01  ? 403 ILE B CA  1 
ATOM   1453 C C   . ILE B 1 78  ? 27.570  10.896  -4.892  1.00 38.52  ? 403 ILE B C   1 
ATOM   1454 O O   . ILE B 1 78  ? 27.107  10.304  -3.916  1.00 40.60  ? 403 ILE B O   1 
ATOM   1455 C CB  . ILE B 1 78  ? 27.122  10.149  -7.266  1.00 27.40  ? 403 ILE B CB  1 
ATOM   1456 C CG1 . ILE B 1 78  ? 26.163  10.284  -8.445  1.00 28.19  ? 403 ILE B CG1 1 
ATOM   1457 C CG2 . ILE B 1 78  ? 27.095  8.714   -6.772  1.00 35.68  ? 403 ILE B CG2 1 
ATOM   1458 C CD1 . ILE B 1 78  ? 26.480  9.372   -9.608  1.00 35.10  ? 403 ILE B CD1 1 
ATOM   1459 N N   . GLN B 1 79  ? 28.790  11.427  -4.915  1.00 43.00  ? 404 GLN B N   1 
ATOM   1460 C CA  . GLN B 1 79  ? 29.741  11.285  -3.814  1.00 45.20  ? 404 GLN B CA  1 
ATOM   1461 C C   . GLN B 1 79  ? 29.227  11.891  -2.497  1.00 43.94  ? 404 GLN B C   1 
ATOM   1462 O O   . GLN B 1 79  ? 29.410  11.307  -1.423  1.00 43.28  ? 404 GLN B O   1 
ATOM   1463 C CB  . GLN B 1 79  ? 31.079  11.930  -4.213  1.00 54.79  ? 404 GLN B CB  1 
ATOM   1464 C CG  . GLN B 1 79  ? 32.299  11.460  -3.412  1.00 59.55  ? 404 GLN B CG  1 
ATOM   1465 C CD  . GLN B 1 79  ? 32.791  10.080  -3.830  1.00 59.61  ? 404 GLN B CD  1 
ATOM   1466 O OE1 . GLN B 1 79  ? 32.389  9.553   -4.867  1.00 59.94  ? 404 GLN B OE1 1 
ATOM   1467 N NE2 . GLN B 1 79  ? 33.673  9.494   -3.024  1.00 55.00  ? 404 GLN B NE2 1 
ATOM   1468 N N   . ARG B 1 80  ? 28.577  13.052  -2.590  1.00 42.22  ? 405 ARG B N   1 
ATOM   1469 C CA  . ARG B 1 80  ? 28.025  13.757  -1.424  1.00 45.42  ? 405 ARG B CA  1 
ATOM   1470 C C   . ARG B 1 80  ? 26.883  12.972  -0.748  1.00 42.76  ? 405 ARG B C   1 
ATOM   1471 O O   . ARG B 1 80  ? 26.898  12.764  0.471   1.00 35.80  ? 405 ARG B O   1 
ATOM   1472 C CB  . ARG B 1 80  ? 27.509  15.131  -1.853  1.00 47.34  ? 405 ARG B CB  1 
ATOM   1473 C CG  . ARG B 1 80  ? 27.037  16.022  -0.716  1.00 50.62  ? 405 ARG B CG  1 
ATOM   1474 C CD  . ARG B 1 80  ? 26.144  17.138  -1.245  1.00 54.97  ? 405 ARG B CD  1 
ATOM   1475 N NE  . ARG B 1 80  ? 24.812  16.655  -1.614  1.00 61.95  ? 405 ARG B NE  1 
ATOM   1476 C CZ  . ARG B 1 80  ? 24.323  16.619  -2.854  1.00 63.85  ? 405 ARG B CZ  1 
ATOM   1477 N NH1 . ARG B 1 80  ? 25.047  17.033  -3.891  1.00 57.40  ? 405 ARG B NH1 1 
ATOM   1478 N NH2 . ARG B 1 80  ? 23.085  16.180  -3.055  1.00 61.08  ? 405 ARG B NH2 1 
ATOM   1479 N N   . VAL B 1 81  ? 25.907  12.558  -1.563  1.00 38.51  ? 406 VAL B N   1 
ATOM   1480 C CA  . VAL B 1 81  ? 24.745  11.787  -1.124  1.00 31.17  ? 406 VAL B CA  1 
ATOM   1481 C C   . VAL B 1 81  ? 25.190  10.548  -0.365  1.00 34.37  ? 406 VAL B C   1 
ATOM   1482 O O   . VAL B 1 81  ? 24.638  10.230  0.694   1.00 36.22  ? 406 VAL B O   1 
ATOM   1483 C CB  . VAL B 1 81  ? 23.891  11.340  -2.327  1.00 27.13  ? 406 VAL B CB  1 
ATOM   1484 C CG1 . VAL B 1 81  ? 22.788  10.390  -1.877  1.00 29.04  ? 406 VAL B CG1 1 
ATOM   1485 C CG2 . VAL B 1 81  ? 23.287  12.550  -3.022  1.00 24.91  ? 406 VAL B CG2 1 
ATOM   1486 N N   . ALA B 1 82  ? 26.204  9.872   -0.906  1.00 31.90  ? 407 ALA B N   1 
ATOM   1487 C CA  . ALA B 1 82  ? 26.766  8.664   -0.306  1.00 31.14  ? 407 ALA B CA  1 
ATOM   1488 C C   . ALA B 1 82  ? 27.433  8.956   1.025   1.00 36.95  ? 407 ALA B C   1 
ATOM   1489 O O   . ALA B 1 82  ? 27.332  8.161   1.959   1.00 40.18  ? 407 ALA B O   1 
ATOM   1490 C CB  . ALA B 1 82  ? 27.764  8.012   -1.258  1.00 32.36  ? 407 ALA B CB  1 
ATOM   1491 N N   . ARG B 1 83  ? 28.122  10.091  1.112   1.00 38.12  ? 408 ARG B N   1 
ATOM   1492 C CA  . ARG B 1 83  ? 28.797  10.479  2.348   1.00 40.44  ? 408 ARG B CA  1 
ATOM   1493 C C   . ARG B 1 83  ? 27.796  10.722  3.475   1.00 34.19  ? 408 ARG B C   1 
ATOM   1494 O O   . ARG B 1 83  ? 27.955  10.209  4.586   1.00 30.48  ? 408 ARG B O   1 
ATOM   1495 C CB  . ARG B 1 83  ? 29.600  11.763  2.142   1.00 47.40  ? 408 ARG B CB  1 
ATOM   1496 C CG  . ARG B 1 83  ? 30.961  11.599  1.504   1.00 59.35  ? 408 ARG B CG  1 
ATOM   1497 C CD  . ARG B 1 83  ? 31.716  12.934  1.524   1.00 68.54  ? 408 ARG B CD  1 
ATOM   1498 N NE  . ARG B 1 83  ? 31.093  13.953  0.675   1.00 77.69  ? 408 ARG B NE  1 
ATOM   1499 C CZ  . ARG B 1 83  ? 31.013  15.246  0.978   1.00 80.29  ? 408 ARG B CZ  1 
ATOM   1500 N NH1 . ARG B 1 83  ? 31.511  15.707  2.119   1.00 83.20  ? 408 ARG B NH1 1 
ATOM   1501 N NH2 . ARG B 1 83  ? 30.445  16.090  0.127   1.00 80.06  ? 408 ARG B NH2 1 
ATOM   1502 N N   . GLY B 1 84  ? 26.787  11.535  3.171   1.00 32.29  ? 409 GLY B N   1 
ATOM   1503 C CA  . GLY B 1 84  ? 25.762  11.892  4.136   1.00 34.81  ? 409 GLY B CA  1 
ATOM   1504 C C   . GLY B 1 84  ? 24.884  10.756  4.621   1.00 33.20  ? 409 GLY B C   1 
ATOM   1505 O O   . GLY B 1 84  ? 24.486  10.742  5.782   1.00 34.00  ? 409 GLY B O   1 
ATOM   1506 N N   . SER B 1 85  ? 24.605  9.791   3.750   1.00 31.80  ? 410 SER B N   1 
ATOM   1507 C CA  . SER B 1 85  ? 23.770  8.657   4.121   1.00 32.29  ? 410 SER B CA  1 
ATOM   1508 C C   . SER B 1 85  ? 24.498  7.415   4.637   1.00 32.03  ? 410 SER B C   1 
ATOM   1509 O O   . SER B 1 85  ? 23.861  6.397   4.889   1.00 38.76  ? 410 SER B O   1 
ATOM   1510 C CB  . SER B 1 85  ? 22.837  8.288   2.965   1.00 33.66  ? 410 SER B CB  1 
ATOM   1511 O OG  . SER B 1 85  ? 23.552  8.019   1.776   1.00 41.81  ? 410 SER B OG  1 
ATOM   1512 N N   . GLY B 1 86  ? 25.814  7.500   4.829   1.00 34.50  ? 411 GLY B N   1 
ATOM   1513 C CA  . GLY B 1 86  ? 26.579  6.360   5.320   1.00 33.75  ? 411 GLY B CA  1 
ATOM   1514 C C   . GLY B 1 86  ? 26.534  5.140   4.405   1.00 39.49  ? 411 GLY B C   1 
ATOM   1515 O O   . GLY B 1 86  ? 26.721  3.997   4.838   1.00 41.58  ? 411 GLY B O   1 
ATOM   1516 N N   . VAL B 1 87  ? 26.317  5.398   3.121   1.00 38.82  ? 412 VAL B N   1 
ATOM   1517 C CA  . VAL B 1 87  ? 26.223  4.365   2.101   1.00 39.90  ? 412 VAL B CA  1 
ATOM   1518 C C   . VAL B 1 87  ? 27.395  4.490   1.093   1.00 45.27  ? 412 VAL B C   1 
ATOM   1519 O O   . VAL B 1 87  ? 28.157  5.468   1.128   1.00 42.51  ? 412 VAL B O   1 
ATOM   1520 C CB  . VAL B 1 87  ? 24.838  4.495   1.403   1.00 39.57  ? 412 VAL B CB  1 
ATOM   1521 C CG1 . VAL B 1 87  ? 24.921  5.305   0.114   1.00 40.68  ? 412 VAL B CG1 1 
ATOM   1522 C CG2 . VAL B 1 87  ? 24.216  3.141   1.203   1.00 49.89  ? 412 VAL B CG2 1 
ATOM   1523 N N   . SER B 1 88  ? 27.569  3.494   0.226   1.00 44.66  ? 413 SER B N   1 
ATOM   1524 C CA  . SER B 1 88  ? 28.651  3.546   -0.757  1.00 43.48  ? 413 SER B CA  1 
ATOM   1525 C C   . SER B 1 88  ? 28.194  4.193   -2.058  1.00 43.56  ? 413 SER B C   1 
ATOM   1526 O O   . SER B 1 88  ? 26.996  4.321   -2.325  1.00 40.37  ? 413 SER B O   1 
ATOM   1527 C CB  . SER B 1 88  ? 29.195  2.149   -1.060  1.00 46.96  ? 413 SER B CB  1 
ATOM   1528 O OG  . SER B 1 88  ? 28.559  1.585   -2.200  1.00 50.11  ? 413 SER B OG  1 
ATOM   1529 N N   . THR B 1 89  ? 29.168  4.561   -2.883  1.00 41.35  ? 414 THR B N   1 
ATOM   1530 C CA  . THR B 1 89  ? 28.897  5.181   -4.170  1.00 38.19  ? 414 THR B CA  1 
ATOM   1531 C C   . THR B 1 89  ? 28.011  4.271   -5.016  1.00 33.63  ? 414 THR B C   1 
ATOM   1532 O O   . THR B 1 89  ? 27.072  4.737   -5.662  1.00 28.86  ? 414 THR B O   1 
ATOM   1533 C CB  . THR B 1 89  ? 30.212  5.463   -4.938  1.00 41.58  ? 414 THR B CB  1 
ATOM   1534 O OG1 . THR B 1 89  ? 31.068  6.293   -4.143  1.00 46.29  ? 414 THR B OG1 1 
ATOM   1535 C CG2 . THR B 1 89  ? 29.926  6.164   -6.248  1.00 39.48  ? 414 THR B CG2 1 
ATOM   1536 N N   . ARG B 1 90  ? 28.308  2.971   -5.009  1.00 36.19  ? 415 ARG B N   1 
ATOM   1537 C CA  . ARG B 1 90  ? 27.517  2.020   -5.793  1.00 47.58  ? 415 ARG B CA  1 
ATOM   1538 C C   . ARG B 1 90  ? 26.053  1.986   -5.343  1.00 43.76  ? 415 ARG B C   1 
ATOM   1539 O O   . ARG B 1 90  ? 25.148  1.947   -6.179  1.00 40.18  ? 415 ARG B O   1 
ATOM   1540 C CB  . ARG B 1 90  ? 28.127  0.608   -5.754  1.00 53.61  ? 415 ARG B CB  1 
ATOM   1541 C CG  . ARG B 1 90  ? 27.349  -0.433  -6.578  1.00 60.99  ? 415 ARG B CG  1 
ATOM   1542 C CD  . ARG B 1 90  ? 27.188  -0.024  -8.054  1.00 69.92  ? 415 ARG B CD  1 
ATOM   1543 N NE  . ARG B 1 90  ? 25.930  -0.507  -8.639  1.00 79.10  ? 415 ARG B NE  1 
ATOM   1544 C CZ  . ARG B 1 90  ? 25.403  -0.073  -9.788  1.00 84.67  ? 415 ARG B CZ  1 
ATOM   1545 N NH1 . ARG B 1 90  ? 26.024  0.859   -10.501 1.00 89.19  ? 415 ARG B NH1 1 
ATOM   1546 N NH2 . ARG B 1 90  ? 24.227  -0.535  -10.205 1.00 80.56  ? 415 ARG B NH2 1 
ATOM   1547 N N   . ASP B 1 91  ? 25.828  2.056   -4.030  1.00 40.43  ? 416 ASP B N   1 
ATOM   1548 C CA  . ASP B 1 91  ? 24.471  2.036   -3.479  1.00 40.43  ? 416 ASP B CA  1 
ATOM   1549 C C   . ASP B 1 91  ? 23.594  3.160   -4.015  1.00 35.35  ? 416 ASP B C   1 
ATOM   1550 O O   . ASP B 1 91  ? 22.409  2.959   -4.269  1.00 35.34  ? 416 ASP B O   1 
ATOM   1551 C CB  . ASP B 1 91  ? 24.509  2.074   -1.950  1.00 38.13  ? 416 ASP B CB  1 
ATOM   1552 C CG  . ASP B 1 91  ? 25.108  0.810   -1.347  1.00 40.23  ? 416 ASP B CG  1 
ATOM   1553 O OD1 . ASP B 1 91  ? 24.862  -0.291  -1.887  1.00 48.83  ? 416 ASP B OD1 1 
ATOM   1554 O OD2 . ASP B 1 91  ? 25.826  0.913   -0.328  1.00 40.60  ? 416 ASP B OD2 1 
ATOM   1555 N N   . VAL B 1 92  ? 24.192  4.330   -4.221  1.00 35.50  ? 417 VAL B N   1 
ATOM   1556 C CA  . VAL B 1 92  ? 23.465  5.484   -4.750  1.00 29.04  ? 417 VAL B CA  1 
ATOM   1557 C C   . VAL B 1 92  ? 23.159  5.308   -6.239  1.00 32.56  ? 417 VAL B C   1 
ATOM   1558 O O   . VAL B 1 92  ? 22.098  5.729   -6.710  1.00 36.56  ? 417 VAL B O   1 
ATOM   1559 C CB  . VAL B 1 92  ? 24.252  6.804   -4.526  1.00 25.39  ? 417 VAL B CB  1 
ATOM   1560 C CG1 . VAL B 1 92  ? 23.546  7.959   -5.208  1.00 19.33  ? 417 VAL B CG1 1 
ATOM   1561 C CG2 . VAL B 1 92  ? 24.426  7.074   -3.035  1.00 18.88  ? 417 VAL B CG2 1 
ATOM   1562 N N   . GLN B 1 93  ? 24.089  4.703   -6.979  1.00 32.25  ? 418 GLN B N   1 
ATOM   1563 C CA  . GLN B 1 93  ? 23.879  4.477   -8.409  1.00 31.06  ? 418 GLN B CA  1 
ATOM   1564 C C   . GLN B 1 93  ? 22.798  3.409   -8.571  1.00 27.81  ? 418 GLN B C   1 
ATOM   1565 O O   . GLN B 1 93  ? 22.010  3.456   -9.516  1.00 26.81  ? 418 GLN B O   1 
ATOM   1566 C CB  . GLN B 1 93  ? 25.184  4.048   -9.095  1.00 34.00  ? 418 GLN B CB  1 
ATOM   1567 C CG  . GLN B 1 93  ? 26.329  5.068   -8.949  1.00 44.09  ? 418 GLN B CG  1 
ATOM   1568 C CD  . GLN B 1 93  ? 27.523  4.795   -9.870  1.00 34.79  ? 418 GLN B CD  1 
ATOM   1569 O OE1 . GLN B 1 93  ? 28.460  4.087   -9.499  1.00 24.33  ? 418 GLN B OE1 1 
ATOM   1570 N NE2 . GLN B 1 93  ? 27.497  5.384   -11.065 1.00 31.72  ? 418 GLN B NE2 1 
ATOM   1571 N N   . GLU B 1 94  ? 22.757  2.470   -7.622  1.00 33.82  ? 419 GLU B N   1 
ATOM   1572 C CA  . GLU B 1 94  ? 21.756  1.390   -7.613  1.00 37.59  ? 419 GLU B CA  1 
ATOM   1573 C C   . GLU B 1 94  ? 20.376  1.998   -7.434  1.00 35.33  ? 419 GLU B C   1 
ATOM   1574 O O   . GLU B 1 94  ? 19.458  1.693   -8.192  1.00 40.09  ? 419 GLU B O   1 
ATOM   1575 C CB  . GLU B 1 94  ? 22.017  0.410   -6.476  1.00 40.52  ? 419 GLU B CB  1 
ATOM   1576 C CG  . GLU B 1 94  ? 23.020  -0.684  -6.801  1.00 63.95  ? 419 GLU B CG  1 
ATOM   1577 C CD  . GLU B 1 94  ? 23.503  -1.430  -5.559  1.00 77.98  ? 419 GLU B CD  1 
ATOM   1578 O OE1 . GLU B 1 94  ? 24.669  -1.882  -5.553  1.00 81.38  ? 419 GLU B OE1 1 
ATOM   1579 O OE2 . GLU B 1 94  ? 22.725  -1.560  -4.586  1.00 87.12  ? 419 GLU B OE2 1 
ATOM   1580 N N   . LEU B 1 95  ? 20.245  2.865   -6.430  1.00 31.51  ? 420 LEU B N   1 
ATOM   1581 C CA  . LEU B 1 95  ? 18.989  3.555   -6.167  1.00 28.53  ? 420 LEU B CA  1 
ATOM   1582 C C   . LEU B 1 95  ? 18.575  4.292   -7.432  1.00 30.45  ? 420 LEU B C   1 
ATOM   1583 O O   . LEU B 1 95  ? 17.418  4.243   -7.841  1.00 36.82  ? 420 LEU B O   1 
ATOM   1584 C CB  . LEU B 1 95  ? 19.167  4.559   -5.020  1.00 26.39  ? 420 LEU B CB  1 
ATOM   1585 C CG  . LEU B 1 95  ? 17.968  5.389   -4.521  1.00 24.81  ? 420 LEU B CG  1 
ATOM   1586 C CD1 . LEU B 1 95  ? 18.309  6.040   -3.199  1.00 27.22  ? 420 LEU B CD1 1 
ATOM   1587 C CD2 . LEU B 1 95  ? 17.532  6.446   -5.519  1.00 26.67  ? 420 LEU B CD2 1 
ATOM   1588 N N   . LEU B 1 96  ? 19.535  4.965   -8.058  1.00 35.47  ? 421 LEU B N   1 
ATOM   1589 C CA  . LEU B 1 96  ? 19.267  5.726   -9.274  1.00 33.67  ? 421 LEU B CA  1 
ATOM   1590 C C   . LEU B 1 96  ? 18.803  4.850   -10.422 1.00 29.32  ? 421 LEU B C   1 
ATOM   1591 O O   . LEU B 1 96  ? 17.932  5.252   -11.201 1.00 23.39  ? 421 LEU B O   1 
ATOM   1592 C CB  . LEU B 1 96  ? 20.499  6.541   -9.677  1.00 38.90  ? 421 LEU B CB  1 
ATOM   1593 C CG  . LEU B 1 96  ? 20.769  7.770   -8.804  1.00 36.33  ? 421 LEU B CG  1 
ATOM   1594 C CD1 . LEU B 1 96  ? 22.095  8.405   -9.205  1.00 39.86  ? 421 LEU B CD1 1 
ATOM   1595 C CD2 . LEU B 1 96  ? 19.621  8.773   -8.940  1.00 29.44  ? 421 LEU B CD2 1 
ATOM   1596 N N   . THR B 1 97  ? 19.384  3.656   -10.530 1.00 37.18  ? 422 THR B N   1 
ATOM   1597 C CA  . THR B 1 97  ? 18.997  2.731   -11.593 1.00 44.63  ? 422 THR B CA  1 
ATOM   1598 C C   . THR B 1 97  ? 17.584  2.225   -11.306 1.00 42.42  ? 422 THR B C   1 
ATOM   1599 O O   . THR B 1 97  ? 16.738  2.214   -12.201 1.00 40.73  ? 422 THR B O   1 
ATOM   1600 C CB  . THR B 1 97  ? 19.985  1.536   -11.747 1.00 46.82  ? 422 THR B CB  1 
ATOM   1601 O OG1 . THR B 1 97  ? 20.159  0.874   -10.488 1.00 50.83  ? 422 THR B OG1 1 
ATOM   1602 C CG2 . THR B 1 97  ? 21.338  2.017   -12.259 1.00 52.42  ? 422 THR B CG2 1 
ATOM   1603 N N   . GLN B 1 98  ? 17.324  1.872   -10.045 1.00 39.40  ? 423 GLN B N   1 
ATOM   1604 C CA  . GLN B 1 98  ? 16.006  1.385   -9.621  1.00 35.58  ? 423 GLN B CA  1 
ATOM   1605 C C   . GLN B 1 98  ? 14.957  2.461   -9.877  1.00 35.25  ? 423 GLN B C   1 
ATOM   1606 O O   . GLN B 1 98  ? 13.887  2.167   -10.410 1.00 41.08  ? 423 GLN B O   1 
ATOM   1607 C CB  . GLN B 1 98  ? 16.015  0.990   -8.136  1.00 29.39  ? 423 GLN B CB  1 
ATOM   1608 C CG  . GLN B 1 98  ? 16.725  -0.319  -7.858  1.00 21.50  ? 423 GLN B CG  1 
ATOM   1609 C CD  . GLN B 1 98  ? 17.104  -0.495  -6.391  1.00 36.62  ? 423 GLN B CD  1 
ATOM   1610 O OE1 . GLN B 1 98  ? 17.201  0.476   -5.632  1.00 34.77  ? 423 GLN B OE1 1 
ATOM   1611 N NE2 . GLN B 1 98  ? 17.349  -1.742  -5.994  1.00 34.48  ? 423 GLN B NE2 1 
ATOM   1612 N N   . TYR B 1 99  ? 15.287  3.709   -9.547  1.00 32.46  ? 424 TYR B N   1 
ATOM   1613 C CA  . TYR B 1 99  ? 14.372  4.822   -9.775  1.00 34.33  ? 424 TYR B CA  1 
ATOM   1614 C C   . TYR B 1 99  ? 14.051  4.935   -11.262 1.00 40.21  ? 424 TYR B C   1 
ATOM   1615 O O   . TYR B 1 99  ? 12.937  5.290   -11.644 1.00 40.50  ? 424 TYR B O   1 
ATOM   1616 C CB  . TYR B 1 99  ? 14.983  6.140   -9.290  1.00 33.58  ? 424 TYR B CB  1 
ATOM   1617 C CG  . TYR B 1 99  ? 14.406  7.358   -9.995  1.00 36.62  ? 424 TYR B CG  1 
ATOM   1618 C CD1 . TYR B 1 99  ? 13.121  7.817   -9.707  1.00 39.90  ? 424 TYR B CD1 1 
ATOM   1619 C CD2 . TYR B 1 99  ? 15.134  8.025   -10.980 1.00 38.19  ? 424 TYR B CD2 1 
ATOM   1620 C CE1 . TYR B 1 99  ? 12.573  8.908   -10.384 1.00 40.91  ? 424 TYR B CE1 1 
ATOM   1621 C CE2 . TYR B 1 99  ? 14.599  9.113   -11.662 1.00 36.81  ? 424 TYR B CE2 1 
ATOM   1622 C CZ  . TYR B 1 99  ? 13.322  9.551   -11.360 1.00 40.38  ? 424 TYR B CZ  1 
ATOM   1623 O OH  . TYR B 1 99  ? 12.804  10.632  -12.031 1.00 39.43  ? 424 TYR B OH  1 
ATOM   1624 N N   . THR B 1 100 ? 15.059  4.679   -12.093 1.00 47.04  ? 425 THR B N   1 
ATOM   1625 C CA  . THR B 1 100 ? 14.912  4.752   -13.539 1.00 48.11  ? 425 THR B CA  1 
ATOM   1626 C C   . THR B 1 100 ? 13.883  3.736   -14.024 1.00 46.08  ? 425 THR B C   1 
ATOM   1627 O O   . THR B 1 100 ? 12.969  4.083   -14.771 1.00 39.71  ? 425 THR B O   1 
ATOM   1628 C CB  . THR B 1 100 ? 16.263  4.501   -14.235 1.00 54.25  ? 425 THR B CB  1 
ATOM   1629 O OG1 . THR B 1 100 ? 17.220  5.457   -13.761 1.00 60.26  ? 425 THR B OG1 1 
ATOM   1630 C CG2 . THR B 1 100 ? 16.129  4.633   -15.744 1.00 55.87  ? 425 THR B CG2 1 
ATOM   1631 N N   . LYS B 1 101 ? 14.035  2.494   -13.567 1.00 49.38  ? 426 LYS B N   1 
ATOM   1632 C CA  . LYS B 1 101 ? 13.138  1.392   -13.923 1.00 55.00  ? 426 LYS B CA  1 
ATOM   1633 C C   . LYS B 1 101 ? 11.728  1.636   -13.380 1.00 53.10  ? 426 LYS B C   1 
ATOM   1634 O O   . LYS B 1 101 ? 10.738  1.279   -14.024 1.00 53.75  ? 426 LYS B O   1 
ATOM   1635 C CB  . LYS B 1 101 ? 13.672  0.068   -13.358 1.00 60.52  ? 426 LYS B CB  1 
ATOM   1636 C CG  . LYS B 1 101 ? 15.086  -0.294  -13.804 1.00 68.25  ? 426 LYS B CG  1 
ATOM   1637 C CD  . LYS B 1 101 ? 15.678  -1.401  -12.936 1.00 73.14  ? 426 LYS B CD  1 
ATOM   1638 C CE  . LYS B 1 101 ? 17.177  -1.576  -13.189 1.00 75.38  ? 426 LYS B CE  1 
ATOM   1639 N NZ  . LYS B 1 101 ? 17.812  -2.537  -12.235 1.00 75.05  ? 426 LYS B NZ  1 
ATOM   1640 N N   . PHE B 1 102 ? 11.653  2.249   -12.198 1.00 49.30  ? 427 PHE B N   1 
ATOM   1641 C CA  . PHE B 1 102 ? 10.382  2.560   -11.537 1.00 45.94  ? 427 PHE B CA  1 
ATOM   1642 C C   . PHE B 1 102 ? 9.618   3.598   -12.351 1.00 40.25  ? 427 PHE B C   1 
ATOM   1643 O O   . PHE B 1 102 ? 8.452   3.405   -12.681 1.00 41.84  ? 427 PHE B O   1 
ATOM   1644 C CB  . PHE B 1 102 ? 10.646  3.100   -10.122 1.00 49.78  ? 427 PHE B CB  1 
ATOM   1645 C CG  . PHE B 1 102 ? 9.516   2.868   -9.149  1.00 55.47  ? 427 PHE B CG  1 
ATOM   1646 C CD1 . PHE B 1 102 ? 9.783   2.410   -7.865  1.00 58.36  ? 427 PHE B CD1 1 
ATOM   1647 C CD2 . PHE B 1 102 ? 8.193   3.114   -9.506  1.00 60.18  ? 427 PHE B CD2 1 
ATOM   1648 C CE1 . PHE B 1 102 ? 8.748   2.198   -6.949  1.00 65.13  ? 427 PHE B CE1 1 
ATOM   1649 C CE2 . PHE B 1 102 ? 7.148   2.906   -8.593  1.00 62.84  ? 427 PHE B CE2 1 
ATOM   1650 C CZ  . PHE B 1 102 ? 7.427   2.448   -7.317  1.00 62.01  ? 427 PHE B CZ  1 
ATOM   1651 N N   . ALA B 1 103 ? 10.303  4.688   -12.688 1.00 41.31  ? 428 ALA B N   1 
ATOM   1652 C CA  . ALA B 1 103 ? 9.725   5.781   -13.460 1.00 42.60  ? 428 ALA B CA  1 
ATOM   1653 C C   . ALA B 1 103 ? 9.326   5.368   -14.878 1.00 44.18  ? 428 ALA B C   1 
ATOM   1654 O O   . ALA B 1 103 ? 8.378   5.919   -15.449 1.00 43.73  ? 428 ALA B O   1 
ATOM   1655 C CB  . ALA B 1 103 ? 10.695  6.954   -13.500 1.00 40.99  ? 428 ALA B CB  1 
ATOM   1656 N N   . GLN B 1 104 ? 10.060  4.418   -15.453 1.00 45.85  ? 429 GLN B N   1 
ATOM   1657 C CA  . GLN B 1 104 ? 9.755   3.943   -16.796 1.00 53.40  ? 429 GLN B CA  1 
ATOM   1658 C C   . GLN B 1 104 ? 8.363   3.344   -16.804 1.00 55.51  ? 429 GLN B C   1 
ATOM   1659 O O   . GLN B 1 104 ? 7.494   3.795   -17.551 1.00 53.65  ? 429 GLN B O   1 
ATOM   1660 C CB  . GLN B 1 104 ? 10.752  2.876   -17.240 1.00 62.71  ? 429 GLN B CB  1 
ATOM   1661 C CG  . GLN B 1 104 ? 12.067  3.417   -17.774 1.00 77.73  ? 429 GLN B CG  1 
ATOM   1662 C CD  . GLN B 1 104 ? 13.103  2.325   -18.004 1.00 83.92  ? 429 GLN B CD  1 
ATOM   1663 O OE1 . GLN B 1 104 ? 14.297  2.608   -18.124 1.00 85.31  ? 429 GLN B OE1 1 
ATOM   1664 N NE2 . GLN B 1 104 ? 12.652  1.070   -18.067 1.00 85.08  ? 429 GLN B NE2 1 
ATOM   1665 N N   . MET B 1 105 ? 8.157   2.355   -15.932 1.00 55.13  ? 430 MET B N   1 
ATOM   1666 C CA  . MET B 1 105 ? 6.876   1.664   -15.817 1.00 53.67  ? 430 MET B CA  1 
ATOM   1667 C C   . MET B 1 105 ? 5.707   2.537   -15.352 1.00 54.80  ? 430 MET B C   1 
ATOM   1668 O O   . MET B 1 105 ? 4.561   2.260   -15.703 1.00 54.80  ? 430 MET B O   1 
ATOM   1669 C CB  . MET B 1 105 ? 7.012   0.416   -14.946 1.00 48.39  ? 430 MET B CB  1 
ATOM   1670 C CG  . MET B 1 105 ? 7.802   -0.699  -15.616 1.00 48.28  ? 430 MET B CG  1 
ATOM   1671 S SD  . MET B 1 105 ? 7.811   -2.244  -14.679 0.44 58.01  ? 430 MET B SD  1 
ATOM   1672 C CE  . MET B 1 105 ? 8.988   -1.880  -13.393 1.00 43.78  ? 430 MET B CE  1 
ATOM   1673 N N   . VAL B 1 106 ? 5.988   3.587   -14.582 1.00 55.20  ? 431 VAL B N   1 
ATOM   1674 C CA  . VAL B 1 106 ? 4.939   4.501   -14.121 1.00 53.55  ? 431 VAL B CA  1 
ATOM   1675 C C   . VAL B 1 106 ? 4.325   5.264   -15.301 1.00 56.61  ? 431 VAL B C   1 
ATOM   1676 O O   . VAL B 1 106 ? 3.141   5.588   -15.282 1.00 56.23  ? 431 VAL B O   1 
ATOM   1677 C CB  . VAL B 1 106 ? 5.464   5.510   -13.070 1.00 51.13  ? 431 VAL B CB  1 
ATOM   1678 C CG1 . VAL B 1 106 ? 4.409   6.580   -12.770 1.00 36.93  ? 431 VAL B CG1 1 
ATOM   1679 C CG2 . VAL B 1 106 ? 5.837   4.778   -11.794 1.00 46.42  ? 431 VAL B CG2 1 
ATOM   1680 N N   . LYS B 1 107 ? 5.132   5.570   -16.315 1.00 63.69  ? 432 LYS B N   1 
ATOM   1681 C CA  . LYS B 1 107 ? 4.619   6.271   -17.490 1.00 70.23  ? 432 LYS B CA  1 
ATOM   1682 C C   . LYS B 1 107 ? 4.013   5.231   -18.439 1.00 71.13  ? 432 LYS B C   1 
ATOM   1683 O O   . LYS B 1 107 ? 3.212   5.558   -19.314 1.00 72.75  ? 432 LYS B O   1 
ATOM   1684 C CB  . LYS B 1 107 ? 5.716   7.097   -18.179 1.00 74.49  ? 432 LYS B CB  1 
ATOM   1685 C CG  . LYS B 1 107 ? 6.755   6.299   -18.944 1.00 77.98  ? 432 LYS B CG  1 
ATOM   1686 C CD  . LYS B 1 107 ? 7.790   7.219   -19.578 1.00 83.06  ? 432 LYS B CD  1 
ATOM   1687 C CE  . LYS B 1 107 ? 8.768   6.446   -20.454 1.00 86.64  ? 432 LYS B CE  1 
ATOM   1688 N NZ  . LYS B 1 107 ? 9.487   5.377   -19.698 1.00 89.99  ? 432 LYS B NZ  1 
ATOM   1689 N N   . LYS B 1 108 ? 4.403   3.974   -18.237 1.00 71.54  ? 433 LYS B N   1 
ATOM   1690 C CA  . LYS B 1 108 ? 3.901   2.845   -19.015 1.00 75.04  ? 433 LYS B CA  1 
ATOM   1691 C C   . LYS B 1 108 ? 2.603   2.359   -18.332 1.00 79.12  ? 433 LYS B C   1 
ATOM   1692 O O   . LYS B 1 108 ? 1.915   1.462   -18.825 1.00 79.83  ? 433 LYS B O   1 
ATOM   1693 C CB  . LYS B 1 108 ? 4.969   1.739   -19.038 1.00 75.13  ? 433 LYS B CB  1 
ATOM   1694 C CG  . LYS B 1 108 ? 4.572   0.438   -19.721 1.00 81.38  ? 433 LYS B CG  1 
ATOM   1695 C CD  . LYS B 1 108 ? 4.294   0.631   -21.199 1.00 82.57  ? 433 LYS B CD  1 
ATOM   1696 C CE  . LYS B 1 108 ? 3.771   -0.651  -21.818 1.00 84.43  ? 433 LYS B CE  1 
ATOM   1697 N NZ  . LYS B 1 108 ? 3.418   -0.459  -23.248 1.00 85.47  ? 433 LYS B NZ  1 
ATOM   1698 N N   . MET B 1 109 ? 2.276   2.994   -17.203 1.00 81.70  ? 434 MET B N   1 
ATOM   1699 C CA  . MET B 1 109 ? 1.091   2.699   -16.393 1.00 80.17  ? 434 MET B CA  1 
ATOM   1700 C C   . MET B 1 109 ? -0.100  3.546   -16.861 1.00 80.43  ? 434 MET B C   1 
ATOM   1701 O O   . MET B 1 109 ? -0.973  2.990   -17.560 1.00 81.80  ? 434 MET B O   1 
ATOM   1702 C CB  . MET B 1 109 ? 1.416   2.981   -14.915 1.00 79.99  ? 434 MET B CB  1 
ATOM   1703 C CG  . MET B 1 109 ? 0.288   2.802   -13.903 1.00 77.94  ? 434 MET B CG  1 
ATOM   1704 S SD  . MET B 1 109 ? 0.801   3.355   -12.239 0.62 77.02  ? 434 MET B SD  1 
ATOM   1705 C CE  . MET B 1 109 ? 0.230   5.067   -12.255 1.00 71.17  ? 434 MET B CE  1 
ATOM   1706 O OXT . MET B 1 109 ? -0.143  4.757   -16.547 1.00 77.80  ? 434 MET B OXT 1 
HETATM 1707 O O   . HOH C 2 .   ? 0.118   5.356   -2.778  1.00 39.49  ? 4   HOH A O   1 
HETATM 1708 O O   . HOH C 2 .   ? 10.042  13.385  5.160   1.00 41.01  ? 5   HOH A O   1 
HETATM 1709 O O   . HOH C 2 .   ? 5.728   -1.142  7.190   1.00 48.65  ? 6   HOH A O   1 
HETATM 1710 O O   . HOH C 2 .   ? -0.724  -8.700  -9.130  1.00 63.85  ? 7   HOH A O   1 
HETATM 1711 O O   . HOH C 2 .   ? 11.020  14.292  0.945   1.00 46.87  ? 9   HOH A O   1 
HETATM 1712 O O   . HOH C 2 .   ? -22.950 -12.511 -4.290  1.00 51.99  ? 10  HOH A O   1 
HETATM 1713 O O   . HOH C 2 .   ? -28.850 0.243   1.233   1.00 29.32  ? 11  HOH A O   1 
HETATM 1714 O O   . HOH C 2 .   ? -23.286 -0.367  -3.554  1.00 33.26  ? 12  HOH A O   1 
HETATM 1715 O O   . HOH C 2 .   ? -38.797 -12.127 6.841   1.00 52.74  ? 15  HOH A O   1 
HETATM 1716 O O   . HOH C 2 .   ? -8.786  -3.408  22.039  1.00 81.73  ? 17  HOH A O   1 
HETATM 1717 O O   . HOH C 2 .   ? -29.197 -10.026 -2.525  1.00 57.12  ? 18  HOH A O   1 
HETATM 1718 O O   . HOH C 2 .   ? -21.750 -12.698 -7.252  1.00 66.48  ? 19  HOH A O   1 
HETATM 1719 O O   . HOH C 2 .   ? -1.991  0.834   8.487   1.00 56.47  ? 20  HOH A O   1 
HETATM 1720 O O   . HOH C 2 .   ? -19.032 1.036   12.154  1.00 26.82  ? 23  HOH A O   1 
HETATM 1721 O O   . HOH C 2 .   ? -1.817  -2.235  15.466  1.00 69.03  ? 24  HOH A O   1 
HETATM 1722 O O   . HOH C 2 .   ? -27.549 6.869   3.357   1.00 51.28  ? 27  HOH A O   1 
HETATM 1723 O O   . HOH C 2 .   ? 2.829   8.770   -9.745  1.00 47.17  ? 28  HOH A O   1 
HETATM 1724 O O   . HOH C 2 .   ? 9.494   10.362  -16.834 1.00 69.77  ? 29  HOH A O   1 
HETATM 1725 O O   . HOH C 2 .   ? -19.313 4.629   0.956   1.00 48.54  ? 32  HOH A O   1 
HETATM 1726 O O   . HOH C 2 .   ? -14.067 -16.004 11.451  1.00 58.05  ? 35  HOH A O   1 
HETATM 1727 O O   . HOH C 2 .   ? -25.056 -15.192 6.968   1.00 49.19  ? 36  HOH A O   1 
HETATM 1728 O O   . HOH C 2 .   ? -17.609 -10.189 -0.225  1.00 55.96  ? 37  HOH A O   1 
HETATM 1729 O O   . HOH C 2 .   ? -14.920 -14.833 5.619   1.00 65.21  ? 38  HOH A O   1 
HETATM 1730 O O   . HOH C 2 .   ? -33.972 -10.476 -2.915  1.00 55.24  ? 40  HOH A O   1 
HETATM 1731 O O   . HOH C 2 .   ? -12.830 -5.908  -9.412  1.00 64.14  ? 41  HOH A O   1 
HETATM 1732 O O   . HOH C 2 .   ? -7.869  -5.846  -9.324  1.00 38.99  ? 43  HOH A O   1 
HETATM 1733 O O   . HOH C 2 .   ? -0.143  -20.354 -2.954  1.00 44.66  ? 44  HOH A O   1 
HETATM 1734 O O   . HOH C 2 .   ? -24.806 3.263   16.470  1.00 58.38  ? 45  HOH A O   1 
HETATM 1735 O O   . HOH C 2 .   ? -26.298 12.481  8.356   1.00 58.44  ? 46  HOH A O   1 
HETATM 1736 O O   . HOH C 2 .   ? -3.037  -1.336  13.231  1.00 42.06  ? 47  HOH A O   1 
HETATM 1737 O O   . HOH C 2 .   ? -3.077  -2.402  19.786  1.00 88.79  ? 50  HOH A O   1 
HETATM 1738 O O   . HOH C 2 .   ? 2.912   14.210  6.004   1.00 49.60  ? 52  HOH A O   1 
HETATM 1739 O O   . HOH C 2 .   ? -34.916 -5.791  10.931  1.00 43.39  ? 53  HOH A O   1 
HETATM 1740 O O   . HOH C 2 .   ? -21.989 4.339   2.070   1.00 41.49  ? 55  HOH A O   1 
HETATM 1741 O O   . HOH C 2 .   ? -0.264  7.742   -6.130  1.00 57.47  ? 56  HOH A O   1 
HETATM 1742 O O   . HOH C 2 .   ? 8.220   7.221   6.471   1.00 50.18  ? 57  HOH A O   1 
HETATM 1743 O O   . HOH C 2 .   ? -19.539 6.261   -3.421  1.00 55.40  ? 58  HOH A O   1 
HETATM 1744 O O   . HOH C 2 .   ? -2.081  -4.775  17.243  1.00 53.02  ? 59  HOH A O   1 
HETATM 1745 O O   . HOH C 2 .   ? -21.693 -10.311 12.098  1.00 33.67  ? 61  HOH A O   1 
HETATM 1746 O O   . HOH C 2 .   ? -14.499 -9.650  -1.716  1.00 49.59  ? 62  HOH A O   1 
HETATM 1747 O O   . HOH C 2 .   ? -19.543 -12.964 12.912  1.00 53.45  ? 63  HOH A O   1 
HETATM 1748 O O   . HOH C 2 .   ? -31.450 -14.027 1.805   1.00 33.11  ? 64  HOH A O   1 
HETATM 1749 O O   . HOH C 2 .   ? -28.484 -14.636 -7.386  1.00 45.61  ? 65  HOH A O   1 
HETATM 1750 O O   . HOH C 2 .   ? -13.124 -14.144 9.285   1.00 40.67  ? 66  HOH A O   1 
HETATM 1751 O O   . HOH C 2 .   ? -15.551 -16.286 1.051   1.00 77.71  ? 68  HOH A O   1 
HETATM 1752 O O   . HOH C 2 .   ? -5.599  -17.028 -7.124  1.00 55.88  ? 69  HOH A O   1 
HETATM 1753 O O   . HOH C 2 .   ? -19.338 -9.946  13.479  1.00 41.77  ? 70  HOH A O   1 
HETATM 1754 O O   . HOH C 2 .   ? 11.382  20.046  0.659   1.00 52.72  ? 71  HOH A O   1 
HETATM 1755 O O   . HOH C 2 .   ? -8.591  -17.386 3.382   1.00 57.25  ? 77  HOH A O   1 
HETATM 1756 O O   . HOH C 2 .   ? -27.627 1.471   -3.701  1.00 66.65  ? 82  HOH A O   1 
HETATM 1757 O O   . HOH C 2 .   ? -3.298  -16.847 6.212   1.00 61.69  ? 87  HOH A O   1 
HETATM 1758 O O   . HOH C 2 .   ? 5.143   6.956   6.085   1.00 100.00 ? 89  HOH A O   1 
HETATM 1759 O O   . HOH C 2 .   ? -6.435  -12.345 12.914  1.00 88.14  ? 91  HOH A O   1 
HETATM 1760 O O   . HOH D 2 .   ? 14.669  8.335   6.758   1.00 83.39  ? 1   HOH B O   1 
HETATM 1761 O O   . HOH D 2 .   ? 11.635  0.185   8.375   1.00 66.00  ? 2   HOH B O   1 
HETATM 1762 O O   . HOH D 2 .   ? 22.441  21.168  -0.967  1.00 96.60  ? 3   HOH B O   1 
HETATM 1763 O O   . HOH D 2 .   ? 18.208  -11.501 -0.570  1.00 55.59  ? 8   HOH B O   1 
HETATM 1764 O O   . HOH D 2 .   ? -16.541 6.684   11.094  1.00 41.75  ? 13  HOH B O   1 
HETATM 1765 O O   . HOH D 2 .   ? 21.712  -4.941  -6.699  1.00 48.18  ? 14  HOH B O   1 
HETATM 1766 O O   . HOH D 2 .   ? 16.887  -3.750  15.230  1.00 46.11  ? 16  HOH B O   1 
HETATM 1767 O O   . HOH D 2 .   ? 21.287  5.098   5.361   1.00 34.10  ? 21  HOH B O   1 
HETATM 1768 O O   . HOH D 2 .   ? 17.627  21.770  -1.203  1.00 57.90  ? 22  HOH B O   1 
HETATM 1769 O O   . HOH D 2 .   ? 14.077  13.465  -9.581  1.00 27.50  ? 25  HOH B O   1 
HETATM 1770 O O   . HOH D 2 .   ? 12.321  21.879  -10.672 1.00 77.64  ? 26  HOH B O   1 
HETATM 1771 O O   . HOH D 2 .   ? 20.076  21.683  0.555   1.00 58.98  ? 30  HOH B O   1 
HETATM 1772 O O   . HOH D 2 .   ? 18.184  22.243  -4.520  1.00 40.31  ? 31  HOH B O   1 
HETATM 1773 O O   . HOH D 2 .   ? 22.283  2.012   6.753   1.00 61.69  ? 33  HOH B O   1 
HETATM 1774 O O   . HOH D 2 .   ? 16.348  19.439  -13.587 1.00 51.64  ? 34  HOH B O   1 
HETATM 1775 O O   . HOH D 2 .   ? 15.346  7.619   -15.251 1.00 56.42  ? 39  HOH B O   1 
HETATM 1776 O O   . HOH D 2 .   ? 17.784  -0.876  0.794   1.00 46.76  ? 42  HOH B O   1 
HETATM 1777 O O   . HOH D 2 .   ? 34.881  11.986  1.968   1.00 59.58  ? 48  HOH B O   1 
HETATM 1778 O O   . HOH D 2 .   ? 25.992  18.243  -21.001 1.00 50.85  ? 49  HOH B O   1 
HETATM 1779 O O   . HOH D 2 .   ? -1.852  4.670   0.056   1.00 46.47  ? 51  HOH B O   1 
HETATM 1780 O O   . HOH D 2 .   ? 12.344  -4.811  14.139  1.00 68.24  ? 60  HOH B O   1 
HETATM 1781 O O   . HOH D 2 .   ? -1.619  -8.756  -11.943 1.00 49.92  ? 67  HOH B O   1 
HETATM 1782 O O   . HOH D 2 .   ? 15.924  -5.885  13.841  1.00 72.56  ? 72  HOH B O   1 
HETATM 1783 O O   . HOH D 2 .   ? 6.101   -10.677 6.708   1.00 60.88  ? 74  HOH B O   1 
HETATM 1784 O O   . HOH D 2 .   ? -3.192  4.329   -7.903  1.00 43.68  ? 75  HOH B O   1 
HETATM 1785 O O   . HOH D 2 .   ? 2.745   -4.090  -13.164 1.00 54.99  ? 78  HOH B O   1 
HETATM 1786 O O   . HOH D 2 .   ? 29.553  18.657  0.878   1.00 34.90  ? 79  HOH B O   1 
HETATM 1787 O O   . HOH D 2 .   ? -13.556 11.397  1.209   1.00 88.78  ? 83  HOH B O   1 
HETATM 1788 O O   . HOH D 2 .   ? 20.438  0.935   0.330   1.00 49.16  ? 86  HOH B O   1 
HETATM 1789 O O   . HOH D 2 .   ? 6.856   -8.645  -11.892 1.00 62.40  ? 88  HOH B O   1 
HETATM 1790 O O   . HOH D 2 .   ? 13.933  13.961  2.491   1.00 42.09  ? 90  HOH B O   1 
# 
